data_2CTF
#
_entry.id   2CTF
#
_cell.length_a   1.000
_cell.length_b   1.000
_cell.length_c   1.000
_cell.angle_alpha   90.00
_cell.angle_beta   90.00
_cell.angle_gamma   90.00
#
_symmetry.space_group_name_H-M   'P 1'
#
_entity_poly.entity_id   1
_entity_poly.type   'polypeptide(L)'
_entity_poly.pdbx_seq_one_letter_code
;GSSGSSGEPEKLGQALTEVYAKANSFTVSSVAAPSWLHRFIIGKKGQNLAKITQQMPKVHIEFTEGEDKITLEGPTEDVS
VAQEQIEGMVKDLINRSGPSSG
;
_entity_poly.pdbx_strand_id   A
#
# COMPACT_ATOMS: atom_id res chain seq x y z
N GLY A 1 -29.39 -24.96 -0.74
CA GLY A 1 -29.81 -26.28 -1.18
C GLY A 1 -28.99 -26.81 -2.34
N SER A 2 -29.26 -26.30 -3.54
CA SER A 2 -28.53 -26.74 -4.73
C SER A 2 -28.77 -25.78 -5.89
N SER A 3 -28.03 -25.96 -6.97
CA SER A 3 -28.15 -25.11 -8.15
C SER A 3 -28.27 -23.65 -7.74
N GLY A 4 -27.48 -23.24 -6.77
CA GLY A 4 -27.50 -21.86 -6.31
C GLY A 4 -26.64 -20.94 -7.16
N SER A 5 -26.83 -19.64 -6.98
CA SER A 5 -26.07 -18.65 -7.75
C SER A 5 -26.15 -17.28 -7.08
N SER A 6 -25.10 -16.48 -7.25
CA SER A 6 -25.05 -15.16 -6.67
C SER A 6 -24.07 -14.27 -7.43
N GLY A 7 -24.03 -12.98 -7.07
CA GLY A 7 -23.14 -12.05 -7.73
C GLY A 7 -23.26 -10.64 -7.18
N GLU A 8 -23.68 -9.72 -8.03
CA GLU A 8 -23.84 -8.32 -7.62
C GLU A 8 -22.77 -7.94 -6.61
N PRO A 9 -21.50 -8.15 -6.98
CA PRO A 9 -20.36 -7.82 -6.11
C PRO A 9 -20.16 -6.32 -5.96
N GLU A 10 -19.08 -5.94 -5.27
CA GLU A 10 -18.79 -4.53 -5.04
C GLU A 10 -17.80 -4.01 -6.09
N LYS A 11 -18.01 -2.77 -6.52
CA LYS A 11 -17.14 -2.15 -7.51
C LYS A 11 -17.06 -0.65 -7.30
N LEU A 12 -15.95 -0.05 -7.77
CA LEU A 12 -15.75 1.39 -7.64
C LEU A 12 -14.89 1.92 -8.76
N GLY A 13 -15.05 3.21 -9.07
CA GLY A 13 -14.28 3.82 -10.13
C GLY A 13 -15.08 4.82 -10.94
N GLN A 14 -15.22 6.03 -10.42
CA GLN A 14 -15.97 7.08 -11.11
C GLN A 14 -15.12 8.33 -11.27
N ALA A 15 -15.30 9.02 -12.40
CA ALA A 15 -14.56 10.24 -12.68
C ALA A 15 -13.08 10.07 -12.33
N LEU A 16 -12.52 8.92 -12.70
CA LEU A 16 -11.11 8.65 -12.42
C LEU A 16 -10.24 8.98 -13.63
N THR A 17 -9.14 9.68 -13.38
CA THR A 17 -8.23 10.07 -14.45
C THR A 17 -6.78 10.04 -13.96
N GLU A 18 -5.86 9.75 -14.88
CA GLU A 18 -4.44 9.70 -14.54
C GLU A 18 -3.87 11.10 -14.36
N VAL A 19 -3.92 11.61 -13.14
CA VAL A 19 -3.40 12.94 -12.84
C VAL A 19 -2.15 12.86 -11.98
N TYR A 20 -1.40 13.96 -11.92
CA TYR A 20 -0.19 14.01 -11.14
C TYR A 20 -0.11 15.32 -10.35
N ALA A 21 0.89 15.41 -9.47
CA ALA A 21 1.08 16.61 -8.66
C ALA A 21 2.56 16.87 -8.40
N LYS A 22 2.91 18.13 -8.16
CA LYS A 22 4.29 18.52 -7.91
C LYS A 22 4.38 19.44 -6.70
N ALA A 23 4.87 18.90 -5.58
CA ALA A 23 5.00 19.69 -4.36
C ALA A 23 5.74 18.90 -3.29
N ASN A 24 6.86 19.43 -2.82
CA ASN A 24 7.64 18.78 -1.79
C ASN A 24 6.92 18.79 -0.44
N SER A 25 6.12 17.77 -0.20
CA SER A 25 5.36 17.68 1.04
C SER A 25 5.26 16.22 1.51
N PHE A 26 5.11 16.04 2.81
CA PHE A 26 5.01 14.70 3.39
C PHE A 26 3.62 14.12 3.17
N THR A 27 3.57 12.95 2.53
CA THR A 27 2.31 12.28 2.25
C THR A 27 2.15 11.03 3.10
N VAL A 28 1.03 10.95 3.83
CA VAL A 28 0.75 9.80 4.68
C VAL A 28 -0.60 9.17 4.34
N SER A 29 -0.54 7.97 3.77
CA SER A 29 -1.76 7.26 3.39
C SER A 29 -1.86 5.92 4.12
N SER A 30 -3.08 5.40 4.23
CA SER A 30 -3.30 4.13 4.90
C SER A 30 -3.81 3.08 3.91
N VAL A 31 -3.57 1.81 4.24
CA VAL A 31 -3.99 0.71 3.39
C VAL A 31 -4.82 -0.31 4.18
N ALA A 32 -6.07 -0.49 3.75
CA ALA A 32 -6.97 -1.43 4.41
C ALA A 32 -6.39 -2.84 4.41
N ALA A 33 -5.93 -3.29 5.57
CA ALA A 33 -5.35 -4.62 5.70
C ALA A 33 -5.78 -5.29 7.01
N PRO A 34 -6.01 -6.60 6.95
CA PRO A 34 -6.43 -7.39 8.11
C PRO A 34 -5.33 -7.52 9.15
N SER A 35 -5.68 -8.05 10.32
CA SER A 35 -4.71 -8.24 11.39
C SER A 35 -4.54 -9.72 11.73
N TRP A 36 -5.52 -10.53 11.33
CA TRP A 36 -5.48 -11.96 11.59
C TRP A 36 -4.29 -12.61 10.88
N LEU A 37 -3.70 -11.88 9.94
CA LEU A 37 -2.55 -12.38 9.18
C LEU A 37 -1.32 -11.54 9.46
N HIS A 38 -1.27 -10.95 10.66
CA HIS A 38 -0.13 -10.13 11.06
C HIS A 38 1.16 -10.95 11.08
N ARG A 39 1.02 -12.26 11.25
CA ARG A 39 2.16 -13.15 11.28
C ARG A 39 2.62 -13.52 9.88
N PHE A 40 1.69 -13.47 8.93
CA PHE A 40 2.00 -13.80 7.54
C PHE A 40 2.50 -12.57 6.79
N ILE A 41 1.85 -11.43 7.05
CA ILE A 41 2.22 -10.18 6.40
C ILE A 41 3.64 -9.76 6.77
N ILE A 42 4.06 -10.14 7.98
CA ILE A 42 5.39 -9.80 8.45
C ILE A 42 6.42 -10.85 8.02
N GLY A 43 6.08 -12.12 8.24
CA GLY A 43 6.98 -13.20 7.88
C GLY A 43 7.57 -13.92 9.07
N LYS A 44 7.90 -15.19 8.90
CA LYS A 44 8.48 -15.98 9.98
C LYS A 44 9.73 -15.31 10.54
N LYS A 45 10.61 -14.89 9.65
CA LYS A 45 11.85 -14.22 10.04
C LYS A 45 11.91 -12.80 9.50
N GLY A 46 10.80 -12.08 9.61
CA GLY A 46 10.75 -10.72 9.13
C GLY A 46 11.50 -10.53 7.83
N GLN A 47 10.91 -11.01 6.74
CA GLN A 47 11.54 -10.90 5.42
C GLN A 47 10.74 -9.96 4.52
N ASN A 48 9.42 -10.12 4.51
CA ASN A 48 8.55 -9.29 3.70
C ASN A 48 8.78 -7.80 4.01
N LEU A 49 8.72 -7.45 5.28
CA LEU A 49 8.92 -6.07 5.70
C LEU A 49 10.35 -5.62 5.44
N ALA A 50 11.30 -6.39 5.95
CA ALA A 50 12.72 -6.07 5.76
C ALA A 50 13.02 -5.78 4.30
N LYS A 51 12.53 -6.63 3.41
CA LYS A 51 12.76 -6.47 1.98
C LYS A 51 12.23 -5.13 1.50
N ILE A 52 10.91 -4.94 1.65
CA ILE A 52 10.27 -3.70 1.23
C ILE A 52 11.00 -2.48 1.79
N THR A 53 11.11 -2.41 3.11
CA THR A 53 11.79 -1.30 3.77
C THR A 53 13.20 -1.13 3.23
N GLN A 54 13.87 -2.24 2.94
CA GLN A 54 15.23 -2.20 2.41
C GLN A 54 15.28 -1.42 1.10
N GLN A 55 14.30 -1.65 0.24
CA GLN A 55 14.23 -0.97 -1.05
C GLN A 55 13.63 0.42 -0.89
N MET A 56 12.74 0.57 0.07
CA MET A 56 12.09 1.86 0.32
C MET A 56 12.18 2.23 1.79
N PRO A 57 13.35 2.74 2.21
CA PRO A 57 13.59 3.15 3.59
C PRO A 57 12.82 4.40 3.97
N LYS A 58 12.67 5.32 3.01
CA LYS A 58 11.94 6.56 3.25
C LYS A 58 10.52 6.28 3.71
N VAL A 59 9.95 5.19 3.21
CA VAL A 59 8.59 4.80 3.56
C VAL A 59 8.55 4.07 4.90
N HIS A 60 7.62 4.46 5.76
CA HIS A 60 7.48 3.83 7.07
C HIS A 60 6.22 2.96 7.12
N ILE A 61 6.41 1.67 7.35
CA ILE A 61 5.29 0.74 7.44
C ILE A 61 4.85 0.55 8.88
N GLU A 62 3.60 0.93 9.16
CA GLU A 62 3.05 0.80 10.51
C GLU A 62 1.92 -0.23 10.54
N PHE A 63 1.79 -0.93 11.66
CA PHE A 63 0.76 -1.94 11.81
C PHE A 63 -0.08 -1.68 13.06
N THR A 64 -1.40 -1.79 12.91
CA THR A 64 -2.31 -1.56 14.03
C THR A 64 -3.08 -2.83 14.38
N GLU A 65 -3.37 -3.00 15.66
CA GLU A 65 -4.11 -4.18 16.13
C GLU A 65 -5.61 -3.94 16.07
N GLY A 66 -6.03 -2.74 16.47
CA GLY A 66 -7.45 -2.41 16.45
C GLY A 66 -7.88 -1.77 15.15
N GLU A 67 -7.22 -0.68 14.79
CA GLU A 67 -7.54 0.04 13.56
C GLU A 67 -7.57 -0.92 12.36
N ASP A 68 -6.92 -2.07 12.52
CA ASP A 68 -6.87 -3.06 11.45
C ASP A 68 -6.53 -2.41 10.12
N LYS A 69 -5.45 -1.65 10.10
CA LYS A 69 -5.00 -0.97 8.88
C LYS A 69 -3.50 -0.69 8.93
N ILE A 70 -2.95 -0.33 7.79
CA ILE A 70 -1.52 -0.02 7.69
C ILE A 70 -1.29 1.44 7.33
N THR A 71 -0.56 2.14 8.18
CA THR A 71 -0.26 3.56 7.96
C THR A 71 1.12 3.73 7.32
N LEU A 72 1.14 4.36 6.15
CA LEU A 72 2.40 4.59 5.43
C LEU A 72 2.80 6.07 5.50
N GLU A 73 4.10 6.32 5.64
CA GLU A 73 4.60 7.69 5.71
C GLU A 73 5.80 7.87 4.78
N GLY A 74 5.73 8.89 3.93
CA GLY A 74 6.82 9.16 3.00
C GLY A 74 6.36 9.94 1.79
N PRO A 75 7.24 10.04 0.78
CA PRO A 75 6.94 10.76 -0.46
C PRO A 75 5.89 10.05 -1.31
N THR A 76 4.85 10.78 -1.70
CA THR A 76 3.78 10.22 -2.52
C THR A 76 4.35 9.29 -3.59
N GLU A 77 5.58 9.55 -4.01
CA GLU A 77 6.22 8.73 -5.03
C GLU A 77 6.47 7.31 -4.52
N ASP A 78 7.22 7.21 -3.43
CA ASP A 78 7.52 5.91 -2.84
C ASP A 78 6.31 5.34 -2.12
N VAL A 79 5.65 6.16 -1.33
CA VAL A 79 4.46 5.74 -0.59
C VAL A 79 3.49 5.00 -1.50
N SER A 80 3.42 5.43 -2.76
CA SER A 80 2.52 4.82 -3.73
C SER A 80 3.00 3.42 -4.10
N VAL A 81 4.31 3.27 -4.29
CA VAL A 81 4.90 1.99 -4.65
C VAL A 81 4.83 1.01 -3.49
N ALA A 82 5.08 1.51 -2.28
CA ALA A 82 5.05 0.68 -1.08
C ALA A 82 3.63 0.24 -0.77
N GLN A 83 2.72 1.20 -0.60
CA GLN A 83 1.33 0.90 -0.30
C GLN A 83 0.74 -0.06 -1.33
N GLU A 84 1.23 0.04 -2.56
CA GLU A 84 0.75 -0.83 -3.64
C GLU A 84 1.27 -2.25 -3.47
N GLN A 85 2.57 -2.37 -3.19
CA GLN A 85 3.19 -3.67 -3.01
C GLN A 85 2.50 -4.46 -1.90
N ILE A 86 1.92 -3.75 -0.95
CA ILE A 86 1.22 -4.39 0.16
C ILE A 86 -0.19 -4.81 -0.25
N GLU A 87 -0.83 -4.00 -1.09
CA GLU A 87 -2.17 -4.29 -1.56
C GLU A 87 -2.20 -5.57 -2.40
N GLY A 88 -1.03 -5.94 -2.93
CA GLY A 88 -0.94 -7.13 -3.74
C GLY A 88 -0.74 -8.38 -2.91
N MET A 89 0.17 -8.31 -1.94
CA MET A 89 0.45 -9.46 -1.08
C MET A 89 -0.74 -9.76 -0.17
N VAL A 90 -1.40 -8.71 0.31
CA VAL A 90 -2.56 -8.87 1.18
C VAL A 90 -3.69 -9.59 0.46
N LYS A 91 -3.81 -9.36 -0.84
CA LYS A 91 -4.84 -9.99 -1.64
C LYS A 91 -4.53 -11.47 -1.87
N ASP A 92 -3.30 -11.76 -2.23
CA ASP A 92 -2.87 -13.13 -2.48
C ASP A 92 -3.08 -13.99 -1.24
N LEU A 93 -2.73 -13.45 -0.08
CA LEU A 93 -2.88 -14.17 1.18
C LEU A 93 -4.33 -14.57 1.40
N ILE A 94 -5.24 -13.63 1.21
CA ILE A 94 -6.67 -13.89 1.40
C ILE A 94 -7.17 -14.89 0.36
N ASN A 95 -6.84 -14.64 -0.91
CA ASN A 95 -7.26 -15.52 -1.99
C ASN A 95 -6.94 -16.97 -1.68
N ARG A 96 -5.75 -17.19 -1.12
CA ARG A 96 -5.31 -18.54 -0.77
C ARG A 96 -6.26 -19.17 0.25
N SER A 97 -6.50 -18.46 1.34
CA SER A 97 -7.38 -18.95 2.39
C SER A 97 -8.83 -19.01 1.91
N GLY A 98 -9.41 -20.20 1.92
CA GLY A 98 -10.78 -20.36 1.48
C GLY A 98 -10.92 -20.34 -0.04
N PRO A 99 -10.48 -21.44 -0.69
CA PRO A 99 -10.53 -21.56 -2.14
C PRO A 99 -11.97 -21.71 -2.65
N SER A 100 -12.41 -20.74 -3.47
CA SER A 100 -13.76 -20.76 -4.01
C SER A 100 -13.82 -21.67 -5.25
N SER A 101 -14.63 -22.72 -5.16
CA SER A 101 -14.78 -23.66 -6.26
C SER A 101 -15.56 -23.03 -7.41
N GLY A 102 -16.76 -22.55 -7.11
CA GLY A 102 -17.60 -21.93 -8.12
C GLY A 102 -18.29 -20.67 -7.62
N GLY A 1 50.83 -11.41 -56.82
CA GLY A 1 50.32 -10.43 -57.77
C GLY A 1 50.32 -9.02 -57.21
N SER A 2 49.25 -8.67 -56.50
CA SER A 2 49.12 -7.34 -55.91
C SER A 2 49.50 -7.36 -54.44
N SER A 3 48.76 -8.12 -53.64
CA SER A 3 49.02 -8.22 -52.22
C SER A 3 48.87 -6.86 -51.53
N GLY A 4 47.83 -6.12 -51.93
CA GLY A 4 47.60 -4.80 -51.35
C GLY A 4 46.19 -4.65 -50.82
N SER A 5 45.96 -3.59 -50.06
CA SER A 5 44.65 -3.34 -49.49
C SER A 5 44.49 -1.87 -49.10
N SER A 6 43.25 -1.40 -49.03
CA SER A 6 42.97 -0.01 -48.68
C SER A 6 41.75 0.08 -47.75
N GLY A 7 41.58 1.25 -47.15
CA GLY A 7 40.44 1.44 -46.25
C GLY A 7 40.71 2.52 -45.22
N GLU A 8 39.65 3.01 -44.58
CA GLU A 8 39.77 4.05 -43.57
C GLU A 8 39.00 3.68 -42.31
N PRO A 9 39.57 4.03 -41.15
CA PRO A 9 38.94 3.74 -39.85
C PRO A 9 37.69 4.58 -39.60
N GLU A 10 37.20 4.55 -38.37
CA GLU A 10 36.01 5.32 -38.01
C GLU A 10 36.06 5.75 -36.55
N LYS A 11 35.82 7.04 -36.31
CA LYS A 11 35.84 7.59 -34.96
C LYS A 11 34.48 8.14 -34.57
N LEU A 12 33.98 7.71 -33.41
CA LEU A 12 32.68 8.16 -32.93
C LEU A 12 32.65 8.17 -31.40
N GLY A 13 31.66 8.87 -30.85
CA GLY A 13 31.53 8.96 -29.41
C GLY A 13 30.77 10.18 -28.96
N GLN A 14 29.44 10.10 -29.00
CA GLN A 14 28.60 11.22 -28.60
C GLN A 14 27.64 10.81 -27.49
N ALA A 15 27.52 11.66 -26.48
CA ALA A 15 26.63 11.38 -25.35
C ALA A 15 26.34 12.65 -24.55
N LEU A 16 25.16 12.72 -23.95
CA LEU A 16 24.76 13.88 -23.16
C LEU A 16 23.90 13.45 -21.98
N THR A 17 24.04 14.18 -20.87
CA THR A 17 23.27 13.88 -19.67
C THR A 17 22.42 15.07 -19.24
N GLU A 18 21.53 14.85 -18.29
CA GLU A 18 20.65 15.90 -17.79
C GLU A 18 19.84 15.43 -16.60
N VAL A 19 20.07 16.05 -15.44
CA VAL A 19 19.36 15.69 -14.22
C VAL A 19 18.24 16.68 -13.93
N TYR A 20 17.37 16.31 -12.99
CA TYR A 20 16.25 17.16 -12.61
C TYR A 20 15.89 16.97 -11.14
N ALA A 21 15.02 17.84 -10.64
CA ALA A 21 14.58 17.77 -9.25
C ALA A 21 13.31 18.59 -9.03
N LYS A 22 12.40 18.05 -8.23
CA LYS A 22 11.15 18.73 -7.93
C LYS A 22 10.82 18.64 -6.44
N ALA A 23 10.54 19.78 -5.83
CA ALA A 23 10.20 19.83 -4.42
C ALA A 23 9.31 18.65 -4.02
N ASN A 24 9.63 18.02 -2.90
CA ASN A 24 8.87 16.88 -2.41
C ASN A 24 8.04 17.26 -1.19
N SER A 25 7.03 16.46 -0.90
CA SER A 25 6.16 16.72 0.25
C SER A 25 5.88 15.42 1.01
N PHE A 26 5.54 15.56 2.29
CA PHE A 26 5.25 14.40 3.13
C PHE A 26 3.83 13.88 2.86
N THR A 27 3.74 12.62 2.44
CA THR A 27 2.45 12.02 2.15
C THR A 27 2.21 10.80 3.04
N VAL A 28 1.12 10.83 3.79
CA VAL A 28 0.76 9.72 4.68
C VAL A 28 -0.55 9.08 4.26
N SER A 29 -0.47 7.84 3.77
CA SER A 29 -1.66 7.12 3.33
C SER A 29 -1.78 5.79 4.07
N SER A 30 -3.01 5.29 4.18
CA SER A 30 -3.26 4.03 4.88
C SER A 30 -3.75 2.97 3.90
N VAL A 31 -3.51 1.70 4.23
CA VAL A 31 -3.93 0.59 3.38
C VAL A 31 -4.79 -0.40 4.15
N ALA A 32 -6.01 -0.61 3.68
CA ALA A 32 -6.93 -1.53 4.33
C ALA A 32 -6.36 -2.94 4.38
N ALA A 33 -5.91 -3.36 5.56
CA ALA A 33 -5.34 -4.68 5.73
C ALA A 33 -5.76 -5.30 7.06
N PRO A 34 -6.00 -6.61 7.07
CA PRO A 34 -6.41 -7.34 8.26
C PRO A 34 -5.29 -7.44 9.30
N SER A 35 -5.61 -8.02 10.46
CA SER A 35 -4.63 -8.17 11.52
C SER A 35 -4.47 -9.64 11.90
N TRP A 36 -5.40 -10.47 11.44
CA TRP A 36 -5.35 -11.90 11.72
C TRP A 36 -4.21 -12.57 10.96
N LEU A 37 -3.67 -11.87 9.98
CA LEU A 37 -2.57 -12.41 9.17
C LEU A 37 -1.31 -11.57 9.35
N HIS A 38 -1.16 -10.98 10.53
CA HIS A 38 0.00 -10.16 10.84
C HIS A 38 1.27 -11.00 10.90
N ARG A 39 1.14 -12.23 11.42
CA ARG A 39 2.27 -13.14 11.54
C ARG A 39 2.76 -13.58 10.17
N PHE A 40 1.88 -13.49 9.17
CA PHE A 40 2.22 -13.88 7.81
C PHE A 40 2.69 -12.69 7.00
N ILE A 41 1.94 -11.59 7.09
CA ILE A 41 2.28 -10.37 6.36
C ILE A 41 3.70 -9.90 6.71
N ILE A 42 4.08 -10.10 7.96
CA ILE A 42 5.40 -9.69 8.43
C ILE A 42 6.46 -10.73 8.05
N GLY A 43 6.15 -11.99 8.30
CA GLY A 43 7.09 -13.06 7.97
C GLY A 43 7.98 -13.43 9.14
N LYS A 44 8.80 -14.45 8.96
CA LYS A 44 9.70 -14.91 10.00
C LYS A 44 10.92 -14.00 10.10
N LYS A 45 11.33 -13.69 11.32
CA LYS A 45 12.49 -12.83 11.55
C LYS A 45 12.44 -11.60 10.64
N GLY A 46 11.26 -11.01 10.52
CA GLY A 46 11.09 -9.84 9.68
C GLY A 46 11.76 -9.99 8.33
N GLN A 47 11.00 -10.51 7.36
CA GLN A 47 11.54 -10.71 6.01
C GLN A 47 10.77 -9.86 5.00
N ASN A 48 9.46 -10.06 4.94
CA ASN A 48 8.62 -9.31 4.00
C ASN A 48 8.74 -7.80 4.25
N LEU A 49 8.72 -7.41 5.52
CA LEU A 49 8.83 -6.02 5.89
C LEU A 49 10.24 -5.48 5.63
N ALA A 50 11.23 -6.16 6.20
CA ALA A 50 12.62 -5.76 6.02
C ALA A 50 12.94 -5.53 4.55
N LYS A 51 12.53 -6.46 3.70
CA LYS A 51 12.77 -6.35 2.27
C LYS A 51 12.22 -5.05 1.71
N ILE A 52 10.90 -4.89 1.81
CA ILE A 52 10.24 -3.67 1.32
C ILE A 52 10.93 -2.42 1.85
N THR A 53 11.00 -2.31 3.17
CA THR A 53 11.63 -1.16 3.81
C THR A 53 13.03 -0.93 3.27
N GLN A 54 13.73 -2.02 2.97
CA GLN A 54 15.09 -1.93 2.44
C GLN A 54 15.11 -1.17 1.11
N GLN A 55 14.20 -1.54 0.21
CA GLN A 55 14.11 -0.89 -1.09
C GLN A 55 13.50 0.50 -0.97
N MET A 56 12.66 0.68 0.05
CA MET A 56 12.01 1.97 0.28
C MET A 56 12.15 2.40 1.74
N PRO A 57 13.32 2.97 2.07
CA PRO A 57 13.60 3.43 3.44
C PRO A 57 12.79 4.66 3.81
N LYS A 58 12.54 5.53 2.84
CA LYS A 58 11.76 6.73 3.06
C LYS A 58 10.35 6.40 3.52
N VAL A 59 9.83 5.27 3.06
CA VAL A 59 8.49 4.84 3.41
C VAL A 59 8.49 4.13 4.76
N HIS A 60 7.59 4.55 5.65
CA HIS A 60 7.48 3.95 6.98
C HIS A 60 6.26 3.06 7.07
N ILE A 61 6.50 1.77 7.33
CA ILE A 61 5.41 0.80 7.44
C ILE A 61 5.04 0.55 8.91
N GLU A 62 3.75 0.64 9.21
CA GLU A 62 3.27 0.43 10.57
C GLU A 62 2.08 -0.52 10.58
N PHE A 63 1.97 -1.32 11.64
CA PHE A 63 0.88 -2.28 11.76
C PHE A 63 0.06 -1.99 13.02
N THR A 64 -1.24 -1.83 12.85
CA THR A 64 -2.14 -1.55 13.96
C THR A 64 -2.96 -2.77 14.32
N GLU A 65 -3.21 -2.95 15.62
CA GLU A 65 -3.99 -4.09 16.10
C GLU A 65 -5.47 -3.77 16.11
N GLY A 66 -5.81 -2.54 16.46
CA GLY A 66 -7.20 -2.12 16.50
C GLY A 66 -7.68 -1.59 15.16
N GLU A 67 -7.11 -0.47 14.73
CA GLU A 67 -7.48 0.15 13.46
C GLU A 67 -7.53 -0.89 12.35
N ASP A 68 -6.75 -1.97 12.50
CA ASP A 68 -6.69 -3.03 11.51
C ASP A 68 -6.36 -2.47 10.13
N LYS A 69 -5.30 -1.66 10.07
CA LYS A 69 -4.86 -1.06 8.81
C LYS A 69 -3.38 -0.77 8.85
N ILE A 70 -2.79 -0.55 7.67
CA ILE A 70 -1.38 -0.23 7.56
C ILE A 70 -1.15 1.24 7.26
N THR A 71 -0.37 1.90 8.11
CA THR A 71 -0.08 3.32 7.94
C THR A 71 1.24 3.52 7.20
N LEU A 72 1.20 4.25 6.09
CA LEU A 72 2.39 4.51 5.30
C LEU A 72 2.79 5.99 5.39
N GLU A 73 4.06 6.23 5.65
CA GLU A 73 4.57 7.60 5.77
C GLU A 73 5.74 7.82 4.80
N GLY A 74 5.66 8.90 4.02
CA GLY A 74 6.72 9.21 3.08
C GLY A 74 6.20 9.95 1.86
N PRO A 75 7.08 10.13 0.86
CA PRO A 75 6.73 10.83 -0.38
C PRO A 75 5.75 10.03 -1.24
N THR A 76 4.63 10.66 -1.59
CA THR A 76 3.62 10.01 -2.41
C THR A 76 4.26 9.18 -3.52
N GLU A 77 5.41 9.63 -4.00
CA GLU A 77 6.12 8.94 -5.07
C GLU A 77 6.44 7.51 -4.66
N ASP A 78 7.09 7.36 -3.51
CA ASP A 78 7.45 6.04 -3.00
C ASP A 78 6.26 5.39 -2.29
N VAL A 79 5.57 6.16 -1.46
CA VAL A 79 4.42 5.67 -0.72
C VAL A 79 3.48 4.89 -1.63
N SER A 80 3.23 5.43 -2.83
CA SER A 80 2.34 4.80 -3.79
C SER A 80 2.88 3.44 -4.21
N VAL A 81 4.20 3.29 -4.17
CA VAL A 81 4.85 2.03 -4.54
C VAL A 81 4.77 1.02 -3.41
N ALA A 82 5.20 1.43 -2.22
CA ALA A 82 5.17 0.56 -1.06
C ALA A 82 3.76 0.10 -0.73
N GLN A 83 2.84 1.06 -0.63
CA GLN A 83 1.45 0.77 -0.33
C GLN A 83 0.87 -0.23 -1.33
N GLU A 84 1.23 -0.06 -2.61
CA GLU A 84 0.75 -0.94 -3.66
C GLU A 84 1.37 -2.33 -3.53
N GLN A 85 2.65 -2.37 -3.15
CA GLN A 85 3.35 -3.64 -3.00
C GLN A 85 2.73 -4.48 -1.89
N ILE A 86 2.24 -3.82 -0.85
CA ILE A 86 1.61 -4.50 0.27
C ILE A 86 0.18 -4.89 -0.06
N GLU A 87 -0.51 -4.01 -0.80
CA GLU A 87 -1.89 -4.26 -1.18
C GLU A 87 -2.00 -5.50 -2.07
N GLY A 88 -0.90 -5.85 -2.72
CA GLY A 88 -0.88 -7.01 -3.60
C GLY A 88 -0.78 -8.31 -2.83
N MET A 89 0.12 -8.36 -1.85
CA MET A 89 0.31 -9.55 -1.05
C MET A 89 -0.93 -9.85 -0.22
N VAL A 90 -1.57 -8.81 0.29
CA VAL A 90 -2.77 -8.96 1.10
C VAL A 90 -3.87 -9.67 0.32
N LYS A 91 -4.31 -9.05 -0.77
CA LYS A 91 -5.36 -9.64 -1.61
C LYS A 91 -5.03 -11.08 -1.97
N ASP A 92 -3.77 -11.32 -2.31
CA ASP A 92 -3.33 -12.67 -2.68
C ASP A 92 -3.39 -13.61 -1.47
N LEU A 93 -2.98 -13.10 -0.31
CA LEU A 93 -2.99 -13.90 0.91
C LEU A 93 -4.42 -14.28 1.30
N ILE A 94 -5.34 -13.34 1.10
CA ILE A 94 -6.74 -13.57 1.43
C ILE A 94 -7.41 -14.48 0.40
N ASN A 95 -7.19 -14.18 -0.87
CA ASN A 95 -7.76 -14.96 -1.96
C ASN A 95 -7.53 -16.46 -1.74
N ARG A 96 -6.33 -16.80 -1.30
CA ARG A 96 -5.97 -18.19 -1.05
C ARG A 96 -6.68 -18.72 0.19
N SER A 97 -6.65 -17.92 1.26
CA SER A 97 -7.29 -18.32 2.52
C SER A 97 -8.43 -17.37 2.85
N GLY A 98 -9.66 -17.90 2.82
CA GLY A 98 -10.83 -17.08 3.12
C GLY A 98 -12.01 -17.43 2.24
N PRO A 99 -12.18 -16.67 1.15
CA PRO A 99 -13.29 -16.87 0.20
C PRO A 99 -13.13 -18.16 -0.59
N SER A 100 -11.95 -18.35 -1.18
CA SER A 100 -11.67 -19.54 -1.98
C SER A 100 -12.89 -19.92 -2.82
N SER A 101 -13.61 -18.91 -3.29
CA SER A 101 -14.80 -19.14 -4.12
C SER A 101 -14.43 -19.80 -5.43
N GLY A 102 -15.44 -20.22 -6.18
CA GLY A 102 -15.21 -20.89 -7.46
C GLY A 102 -15.01 -22.37 -7.31
N GLY A 1 -23.14 2.29 -2.60
CA GLY A 1 -22.62 1.56 -3.73
C GLY A 1 -21.76 0.39 -3.32
N SER A 2 -21.37 -0.44 -4.29
CA SER A 2 -20.54 -1.61 -4.02
C SER A 2 -19.25 -1.55 -4.82
N SER A 3 -19.37 -1.24 -6.11
CA SER A 3 -18.21 -1.17 -7.00
C SER A 3 -18.09 0.23 -7.60
N GLY A 4 -16.85 0.65 -7.86
CA GLY A 4 -16.62 1.96 -8.43
C GLY A 4 -16.48 1.91 -9.95
N SER A 5 -16.83 3.01 -10.60
CA SER A 5 -16.75 3.10 -12.05
C SER A 5 -15.30 3.21 -12.52
N SER A 6 -14.98 2.56 -13.63
CA SER A 6 -13.63 2.58 -14.17
C SER A 6 -13.63 3.11 -15.61
N GLY A 7 -12.51 3.70 -16.02
CA GLY A 7 -12.40 4.24 -17.35
C GLY A 7 -10.97 4.24 -17.87
N GLU A 8 -10.82 4.20 -19.18
CA GLU A 8 -9.49 4.19 -19.79
C GLU A 8 -8.99 5.61 -20.02
N PRO A 9 -7.67 5.81 -19.86
CA PRO A 9 -7.04 7.12 -20.04
C PRO A 9 -7.02 7.57 -21.49
N GLU A 10 -6.48 8.75 -21.74
CA GLU A 10 -6.39 9.29 -23.09
C GLU A 10 -5.41 10.44 -23.16
N LYS A 11 -4.74 10.58 -24.30
CA LYS A 11 -3.78 11.65 -24.50
C LYS A 11 -4.35 12.74 -25.39
N LEU A 12 -4.89 13.78 -24.78
CA LEU A 12 -5.47 14.89 -25.53
C LEU A 12 -4.41 15.60 -26.36
N GLY A 13 -3.16 15.53 -25.91
CA GLY A 13 -2.07 16.15 -26.64
C GLY A 13 -1.35 17.19 -25.80
N GLN A 14 -0.76 16.75 -24.70
CA GLN A 14 -0.02 17.64 -23.80
C GLN A 14 1.48 17.38 -23.88
N ALA A 15 2.26 18.33 -23.38
CA ALA A 15 3.72 18.21 -23.39
C ALA A 15 4.29 18.33 -21.98
N LEU A 16 5.34 17.55 -21.71
CA LEU A 16 5.98 17.56 -20.40
C LEU A 16 6.33 18.99 -19.98
N THR A 17 6.23 19.26 -18.68
CA THR A 17 6.54 20.58 -18.15
C THR A 17 7.83 20.56 -17.35
N GLU A 18 8.42 21.74 -17.15
CA GLU A 18 9.67 21.86 -16.41
C GLU A 18 9.44 22.61 -15.09
N VAL A 19 8.21 22.53 -14.58
CA VAL A 19 7.87 23.20 -13.33
C VAL A 19 8.91 22.92 -12.26
N TYR A 20 8.78 23.61 -11.13
CA TYR A 20 9.70 23.43 -10.01
C TYR A 20 8.97 22.92 -8.77
N ALA A 21 9.00 21.60 -8.59
CA ALA A 21 8.35 20.98 -7.45
C ALA A 21 9.37 20.28 -6.55
N LYS A 22 10.48 20.95 -6.28
CA LYS A 22 11.53 20.39 -5.44
C LYS A 22 10.98 20.02 -4.06
N ALA A 23 10.18 20.91 -3.49
CA ALA A 23 9.59 20.68 -2.18
C ALA A 23 8.96 19.28 -2.10
N ASN A 24 9.29 18.56 -1.05
CA ASN A 24 8.75 17.21 -0.85
C ASN A 24 7.61 17.21 0.15
N SER A 25 6.38 17.36 -0.35
CA SER A 25 5.20 17.38 0.50
C SER A 25 4.98 16.02 1.16
N PHE A 26 5.25 15.95 2.47
CA PHE A 26 5.07 14.71 3.22
C PHE A 26 3.69 14.12 2.98
N THR A 27 3.65 12.91 2.42
CA THR A 27 2.40 12.24 2.15
C THR A 27 2.19 11.04 3.07
N VAL A 28 1.04 11.01 3.74
CA VAL A 28 0.73 9.92 4.66
C VAL A 28 -0.60 9.26 4.30
N SER A 29 -0.53 8.02 3.83
CA SER A 29 -1.73 7.28 3.44
C SER A 29 -1.79 5.94 4.15
N SER A 30 -2.99 5.41 4.30
CA SER A 30 -3.20 4.13 4.97
C SER A 30 -3.80 3.11 4.02
N VAL A 31 -3.56 1.82 4.29
CA VAL A 31 -4.08 0.75 3.45
C VAL A 31 -4.97 -0.18 4.27
N ALA A 32 -6.17 -0.44 3.77
CA ALA A 32 -7.11 -1.32 4.44
C ALA A 32 -6.62 -2.77 4.41
N ALA A 33 -6.13 -3.24 5.55
CA ALA A 33 -5.63 -4.61 5.66
C ALA A 33 -6.00 -5.22 7.00
N PRO A 34 -6.31 -6.53 7.00
CA PRO A 34 -6.68 -7.26 8.21
C PRO A 34 -5.50 -7.44 9.16
N SER A 35 -5.79 -7.96 10.35
CA SER A 35 -4.75 -8.19 11.35
C SER A 35 -4.60 -9.68 11.65
N TRP A 36 -5.63 -10.45 11.35
CA TRP A 36 -5.62 -11.88 11.59
C TRP A 36 -4.51 -12.56 10.77
N LEU A 37 -4.08 -11.89 9.71
CA LEU A 37 -3.02 -12.42 8.85
C LEU A 37 -1.75 -11.59 8.97
N HIS A 38 -1.53 -11.02 10.15
CA HIS A 38 -0.35 -10.20 10.39
C HIS A 38 0.89 -11.07 10.52
N ARG A 39 0.70 -12.32 10.92
CA ARG A 39 1.80 -13.27 11.09
C ARG A 39 2.40 -13.65 9.74
N PHE A 40 1.57 -13.64 8.70
CA PHE A 40 2.00 -13.98 7.36
C PHE A 40 2.45 -12.74 6.60
N ILE A 41 1.75 -11.64 6.80
CA ILE A 41 2.08 -10.38 6.15
C ILE A 41 3.45 -9.88 6.57
N ILE A 42 3.79 -10.11 7.84
CA ILE A 42 5.08 -9.68 8.37
C ILE A 42 6.18 -10.68 8.03
N GLY A 43 5.92 -11.95 8.33
CA GLY A 43 6.90 -12.99 8.04
C GLY A 43 7.82 -13.24 9.21
N LYS A 44 8.63 -14.28 9.11
CA LYS A 44 9.57 -14.65 10.16
C LYS A 44 10.56 -13.52 10.41
N LYS A 45 10.88 -13.28 11.69
CA LYS A 45 11.81 -12.24 12.07
C LYS A 45 11.68 -11.02 11.15
N GLY A 46 10.45 -10.74 10.72
CA GLY A 46 10.21 -9.61 9.85
C GLY A 46 11.12 -9.61 8.64
N GLN A 47 10.93 -10.59 7.76
CA GLN A 47 11.74 -10.69 6.55
C GLN A 47 11.09 -9.97 5.38
N ASN A 48 9.86 -10.37 5.06
CA ASN A 48 9.12 -9.75 3.96
C ASN A 48 9.11 -8.23 4.08
N LEU A 49 8.98 -7.75 5.32
CA LEU A 49 8.96 -6.32 5.58
C LEU A 49 10.34 -5.71 5.39
N ALA A 50 11.36 -6.41 5.89
CA ALA A 50 12.74 -5.94 5.77
C ALA A 50 13.06 -5.55 4.34
N LYS A 51 12.65 -6.39 3.39
CA LYS A 51 12.90 -6.15 1.98
C LYS A 51 12.32 -4.80 1.55
N ILE A 52 11.00 -4.65 1.69
CA ILE A 52 10.33 -3.42 1.31
C ILE A 52 11.01 -2.21 1.96
N THR A 53 11.21 -2.29 3.28
CA THR A 53 11.84 -1.21 4.01
C THR A 53 13.27 -0.98 3.54
N GLN A 54 13.85 -1.98 2.88
CA GLN A 54 15.21 -1.89 2.37
C GLN A 54 15.23 -1.15 1.02
N GLN A 55 14.33 -1.54 0.14
CA GLN A 55 14.26 -0.93 -1.19
C GLN A 55 13.61 0.46 -1.10
N MET A 56 12.76 0.65 -0.12
CA MET A 56 12.09 1.93 0.08
C MET A 56 12.16 2.37 1.54
N PRO A 57 13.31 2.93 1.92
CA PRO A 57 13.53 3.41 3.29
C PRO A 57 12.70 4.65 3.62
N LYS A 58 12.46 5.49 2.60
CA LYS A 58 11.68 6.69 2.78
C LYS A 58 10.28 6.37 3.31
N VAL A 59 9.70 5.28 2.82
CA VAL A 59 8.38 4.86 3.24
C VAL A 59 8.42 4.20 4.61
N HIS A 60 7.47 4.56 5.47
CA HIS A 60 7.40 4.00 6.81
C HIS A 60 6.15 3.13 6.97
N ILE A 61 6.36 1.83 7.15
CA ILE A 61 5.24 0.90 7.31
C ILE A 61 4.94 0.68 8.79
N GLU A 62 3.65 0.75 9.14
CA GLU A 62 3.23 0.55 10.52
C GLU A 62 2.05 -0.42 10.59
N PHE A 63 2.00 -1.20 11.66
CA PHE A 63 0.92 -2.18 11.85
C PHE A 63 0.17 -1.91 13.14
N THR A 64 -1.14 -1.68 13.03
CA THR A 64 -1.97 -1.42 14.21
C THR A 64 -2.59 -2.71 14.74
N GLU A 65 -3.16 -2.62 15.94
CA GLU A 65 -3.80 -3.77 16.56
C GLU A 65 -5.29 -3.79 16.29
N GLY A 66 -6.01 -2.83 16.88
CA GLY A 66 -7.45 -2.75 16.69
C GLY A 66 -7.82 -2.09 15.38
N GLU A 67 -7.15 -0.98 15.06
CA GLU A 67 -7.43 -0.26 13.83
C GLU A 67 -7.40 -1.20 12.63
N ASP A 68 -6.65 -2.29 12.75
CA ASP A 68 -6.54 -3.27 11.68
C ASP A 68 -6.28 -2.58 10.34
N LYS A 69 -5.24 -1.74 10.30
CA LYS A 69 -4.90 -1.02 9.08
C LYS A 69 -3.39 -0.79 9.01
N ILE A 70 -2.89 -0.46 7.82
CA ILE A 70 -1.47 -0.21 7.62
C ILE A 70 -1.22 1.25 7.29
N THR A 71 -0.48 1.93 8.16
CA THR A 71 -0.17 3.34 7.96
C THR A 71 1.15 3.50 7.20
N LEU A 72 1.16 4.42 6.24
CA LEU A 72 2.35 4.68 5.44
C LEU A 72 2.75 6.15 5.51
N GLU A 73 4.05 6.40 5.54
CA GLU A 73 4.57 7.76 5.61
C GLU A 73 5.76 7.95 4.67
N GLY A 74 5.75 9.03 3.91
CA GLY A 74 6.82 9.30 2.98
C GLY A 74 6.36 10.03 1.74
N PRO A 75 7.23 10.10 0.72
CA PRO A 75 6.92 10.78 -0.54
C PRO A 75 5.87 10.03 -1.36
N THR A 76 4.81 10.73 -1.74
CA THR A 76 3.74 10.12 -2.52
C THR A 76 4.30 9.21 -3.62
N GLU A 77 5.51 9.53 -4.08
CA GLU A 77 6.15 8.74 -5.12
C GLU A 77 6.43 7.33 -4.64
N ASP A 78 7.09 7.22 -3.49
CA ASP A 78 7.43 5.91 -2.92
C ASP A 78 6.22 5.30 -2.24
N VAL A 79 5.49 6.10 -1.46
CA VAL A 79 4.31 5.63 -0.76
C VAL A 79 3.39 4.85 -1.69
N SER A 80 3.29 5.30 -2.93
CA SER A 80 2.45 4.65 -3.92
C SER A 80 2.98 3.25 -4.26
N VAL A 81 4.31 3.11 -4.21
CA VAL A 81 4.94 1.83 -4.51
C VAL A 81 4.93 0.92 -3.29
N ALA A 82 5.12 1.50 -2.12
CA ALA A 82 5.13 0.74 -0.87
C ALA A 82 3.73 0.26 -0.51
N GLN A 83 2.74 1.15 -0.68
CA GLN A 83 1.36 0.82 -0.36
C GLN A 83 0.80 -0.20 -1.34
N GLU A 84 1.21 -0.09 -2.60
CA GLU A 84 0.76 -1.01 -3.64
C GLU A 84 1.33 -2.40 -3.42
N GLN A 85 2.64 -2.46 -3.18
CA GLN A 85 3.33 -3.73 -2.96
C GLN A 85 2.63 -4.53 -1.87
N ILE A 86 2.19 -3.85 -0.82
CA ILE A 86 1.51 -4.50 0.29
C ILE A 86 0.14 -5.03 -0.14
N GLU A 87 -0.65 -4.16 -0.76
CA GLU A 87 -1.99 -4.54 -1.22
C GLU A 87 -1.94 -5.86 -1.99
N GLY A 88 -0.89 -6.04 -2.77
CA GLY A 88 -0.74 -7.27 -3.55
C GLY A 88 -0.67 -8.50 -2.68
N MET A 89 0.21 -8.47 -1.68
CA MET A 89 0.36 -9.60 -0.77
C MET A 89 -0.86 -9.75 0.13
N VAL A 90 -1.58 -8.66 0.34
CA VAL A 90 -2.78 -8.68 1.17
C VAL A 90 -3.90 -9.45 0.49
N LYS A 91 -4.25 -9.02 -0.72
CA LYS A 91 -5.32 -9.67 -1.48
C LYS A 91 -4.93 -11.10 -1.84
N ASP A 92 -3.66 -11.31 -2.16
CA ASP A 92 -3.17 -12.62 -2.53
C ASP A 92 -3.25 -13.59 -1.35
N LEU A 93 -2.82 -13.11 -0.18
CA LEU A 93 -2.85 -13.92 1.03
C LEU A 93 -4.26 -14.42 1.32
N ILE A 94 -5.22 -13.51 1.27
CA ILE A 94 -6.62 -13.86 1.52
C ILE A 94 -7.17 -14.77 0.43
N ASN A 95 -6.85 -14.45 -0.81
CA ASN A 95 -7.30 -15.25 -1.95
C ASN A 95 -6.75 -16.67 -1.88
N ARG A 96 -5.50 -16.78 -1.47
CA ARG A 96 -4.84 -18.08 -1.37
C ARG A 96 -5.20 -18.76 -0.05
N SER A 97 -6.45 -18.63 0.37
CA SER A 97 -6.93 -19.23 1.60
C SER A 97 -7.46 -20.64 1.37
N GLY A 98 -7.56 -21.41 2.44
CA GLY A 98 -8.07 -22.77 2.33
C GLY A 98 -7.83 -23.58 3.58
N PRO A 99 -8.73 -23.44 4.57
CA PRO A 99 -8.64 -24.16 5.84
C PRO A 99 -8.89 -25.65 5.68
N SER A 100 -9.75 -26.00 4.73
CA SER A 100 -10.08 -27.40 4.48
C SER A 100 -8.90 -28.15 3.88
N SER A 101 -8.34 -27.60 2.81
CA SER A 101 -7.20 -28.20 2.14
C SER A 101 -5.97 -27.29 2.20
N GLY A 102 -4.97 -27.72 2.95
CA GLY A 102 -3.75 -26.92 3.08
C GLY A 102 -2.83 -27.45 4.16
N GLY A 1 -24.51 -13.09 33.19
CA GLY A 1 -24.02 -13.85 32.06
C GLY A 1 -24.00 -13.03 30.77
N SER A 2 -23.44 -13.60 29.72
CA SER A 2 -23.35 -12.91 28.44
C SER A 2 -22.81 -13.84 27.36
N SER A 3 -22.91 -13.41 26.10
CA SER A 3 -22.45 -14.21 24.98
C SER A 3 -22.47 -13.39 23.68
N GLY A 4 -22.03 -14.01 22.60
CA GLY A 4 -22.00 -13.33 21.32
C GLY A 4 -21.25 -14.11 20.26
N SER A 5 -21.50 -13.78 18.99
CA SER A 5 -20.85 -14.46 17.89
C SER A 5 -21.09 -13.72 16.58
N SER A 6 -20.19 -13.91 15.61
CA SER A 6 -20.31 -13.25 14.31
C SER A 6 -19.22 -13.76 13.36
N GLY A 7 -19.48 -13.63 12.06
CA GLY A 7 -18.52 -14.07 11.07
C GLY A 7 -19.06 -13.96 9.66
N GLU A 8 -18.43 -13.11 8.85
CA GLU A 8 -18.84 -12.90 7.47
C GLU A 8 -17.81 -12.10 6.70
N PRO A 9 -17.63 -12.44 5.41
CA PRO A 9 -16.67 -11.77 4.53
C PRO A 9 -17.09 -10.35 4.20
N GLU A 10 -16.14 -9.55 3.71
CA GLU A 10 -16.42 -8.17 3.35
C GLU A 10 -15.51 -7.71 2.21
N LYS A 11 -16.07 -6.93 1.30
CA LYS A 11 -15.32 -6.42 0.16
C LYS A 11 -16.01 -5.21 -0.46
N LEU A 12 -15.22 -4.19 -0.81
CA LEU A 12 -15.75 -2.98 -1.41
C LEU A 12 -14.64 -2.04 -1.84
N GLY A 13 -14.73 -1.53 -3.07
CA GLY A 13 -13.71 -0.63 -3.57
C GLY A 13 -14.16 0.09 -4.83
N GLN A 14 -14.95 1.14 -4.67
CA GLN A 14 -15.43 1.92 -5.80
C GLN A 14 -15.96 3.28 -5.34
N ALA A 15 -15.55 4.33 -6.05
CA ALA A 15 -15.98 5.68 -5.72
C ALA A 15 -15.72 6.64 -6.88
N LEU A 16 -16.46 7.74 -6.91
CA LEU A 16 -16.30 8.74 -7.96
C LEU A 16 -15.85 10.07 -7.39
N THR A 17 -14.55 10.16 -7.07
CA THR A 17 -13.98 11.38 -6.52
C THR A 17 -12.76 11.83 -7.31
N GLU A 18 -12.49 13.13 -7.28
CA GLU A 18 -11.34 13.68 -8.00
C GLU A 18 -10.24 14.11 -7.03
N VAL A 19 -9.26 13.23 -6.83
CA VAL A 19 -8.16 13.51 -5.94
C VAL A 19 -7.19 14.52 -6.55
N TYR A 20 -6.49 15.26 -5.70
CA TYR A 20 -5.53 16.25 -6.15
C TYR A 20 -4.28 16.25 -5.28
N ALA A 21 -3.12 16.39 -5.92
CA ALA A 21 -1.85 16.41 -5.19
C ALA A 21 -0.82 17.26 -5.93
N LYS A 22 -0.20 18.19 -5.21
CA LYS A 22 0.80 19.06 -5.79
C LYS A 22 2.21 18.55 -5.49
N ALA A 23 2.36 17.23 -5.49
CA ALA A 23 3.66 16.61 -5.22
C ALA A 23 4.11 16.90 -3.79
N ASN A 24 3.17 16.87 -2.86
CA ASN A 24 3.47 17.13 -1.46
C ASN A 24 4.70 16.34 -1.01
N SER A 25 5.60 17.01 -0.29
CA SER A 25 6.82 16.37 0.20
C SER A 25 6.49 15.24 1.17
N PHE A 26 5.72 15.57 2.20
CA PHE A 26 5.33 14.58 3.21
C PHE A 26 3.91 14.08 2.97
N THR A 27 3.79 12.79 2.71
CA THR A 27 2.49 12.17 2.45
C THR A 27 2.27 10.95 3.33
N VAL A 28 1.14 10.91 4.01
CA VAL A 28 0.81 9.79 4.89
C VAL A 28 -0.52 9.17 4.50
N SER A 29 -0.47 7.96 3.94
CA SER A 29 -1.68 7.25 3.53
C SER A 29 -1.76 5.88 4.18
N SER A 30 -2.96 5.32 4.24
CA SER A 30 -3.17 4.01 4.83
C SER A 30 -3.80 3.05 3.83
N VAL A 31 -3.55 1.76 4.02
CA VAL A 31 -4.08 0.73 3.13
C VAL A 31 -4.98 -0.24 3.90
N ALA A 32 -6.26 -0.26 3.55
CA ALA A 32 -7.22 -1.15 4.20
C ALA A 32 -6.70 -2.58 4.23
N ALA A 33 -6.21 -3.01 5.39
CA ALA A 33 -5.69 -4.35 5.55
C ALA A 33 -6.10 -4.95 6.90
N PRO A 34 -6.40 -6.25 6.90
CA PRO A 34 -6.79 -6.96 8.13
C PRO A 34 -5.65 -7.11 9.12
N SER A 35 -5.94 -7.73 10.27
CA SER A 35 -4.93 -7.93 11.30
C SER A 35 -4.79 -9.41 11.64
N TRP A 36 -5.82 -10.18 11.31
CA TRP A 36 -5.81 -11.61 11.59
C TRP A 36 -4.69 -12.31 10.82
N LEU A 37 -4.11 -11.61 9.85
CA LEU A 37 -3.02 -12.16 9.05
C LEU A 37 -1.75 -11.36 9.26
N HIS A 38 -1.61 -10.77 10.45
CA HIS A 38 -0.42 -9.98 10.77
C HIS A 38 0.80 -10.88 10.92
N ARG A 39 0.60 -12.07 11.48
CA ARG A 39 1.69 -13.02 11.67
C ARG A 39 2.18 -13.57 10.34
N PHE A 40 1.33 -13.45 9.32
CA PHE A 40 1.68 -13.94 7.98
C PHE A 40 2.21 -12.81 7.11
N ILE A 41 1.60 -11.64 7.22
CA ILE A 41 2.00 -10.48 6.44
C ILE A 41 3.41 -10.02 6.83
N ILE A 42 3.79 -10.31 8.07
CA ILE A 42 5.11 -9.93 8.56
C ILE A 42 6.15 -10.99 8.21
N GLY A 43 5.83 -12.25 8.51
CA GLY A 43 6.75 -13.34 8.22
C GLY A 43 7.27 -14.01 9.47
N LYS A 44 7.59 -15.30 9.37
CA LYS A 44 8.10 -16.05 10.50
C LYS A 44 9.11 -15.23 11.30
N LYS A 45 9.98 -14.52 10.59
CA LYS A 45 10.99 -13.69 11.23
C LYS A 45 10.81 -12.23 10.85
N GLY A 46 10.69 -11.97 9.55
CA GLY A 46 10.52 -10.60 9.07
C GLY A 46 11.30 -10.33 7.81
N GLN A 47 11.13 -11.20 6.82
CA GLN A 47 11.83 -11.03 5.54
C GLN A 47 10.96 -10.28 4.54
N ASN A 48 9.66 -10.55 4.57
CA ASN A 48 8.72 -9.90 3.66
C ASN A 48 8.73 -8.39 3.86
N LEU A 49 8.78 -7.97 5.13
CA LEU A 49 8.79 -6.55 5.46
C LEU A 49 10.20 -5.97 5.33
N ALA A 50 11.16 -6.63 5.95
CA ALA A 50 12.55 -6.18 5.90
C ALA A 50 12.97 -5.85 4.46
N LYS A 51 12.61 -6.74 3.53
CA LYS A 51 12.95 -6.54 2.13
C LYS A 51 12.39 -5.22 1.61
N ILE A 52 11.08 -5.07 1.70
CA ILE A 52 10.41 -3.85 1.24
C ILE A 52 11.06 -2.62 1.85
N THR A 53 11.14 -2.60 3.18
CA THR A 53 11.74 -1.48 3.90
C THR A 53 13.16 -1.20 3.41
N GLN A 54 13.85 -2.26 2.98
CA GLN A 54 15.21 -2.13 2.48
C GLN A 54 15.27 -1.29 1.23
N GLN A 55 14.32 -1.54 0.31
CA GLN A 55 14.26 -0.80 -0.94
C GLN A 55 13.64 0.58 -0.73
N MET A 56 12.71 0.67 0.21
CA MET A 56 12.06 1.93 0.52
C MET A 56 12.39 2.40 1.93
N PRO A 57 13.58 2.97 2.10
CA PRO A 57 14.05 3.47 3.40
C PRO A 57 13.29 4.71 3.85
N LYS A 58 12.81 5.48 2.88
CA LYS A 58 12.06 6.70 3.18
C LYS A 58 10.65 6.36 3.65
N VAL A 59 10.11 5.26 3.17
CA VAL A 59 8.77 4.82 3.54
C VAL A 59 8.80 4.02 4.84
N HIS A 60 7.92 4.39 5.77
CA HIS A 60 7.84 3.69 7.06
C HIS A 60 6.56 2.87 7.15
N ILE A 61 6.72 1.55 7.21
CA ILE A 61 5.57 0.65 7.30
C ILE A 61 5.16 0.44 8.75
N GLU A 62 3.89 0.70 9.04
CA GLU A 62 3.36 0.54 10.38
C GLU A 62 2.17 -0.41 10.40
N PHE A 63 2.07 -1.23 11.44
CA PHE A 63 0.98 -2.18 11.57
C PHE A 63 0.19 -1.92 12.84
N THR A 64 -1.14 -1.86 12.70
CA THR A 64 -2.02 -1.61 13.83
C THR A 64 -3.10 -2.69 13.92
N GLU A 65 -3.02 -3.51 14.97
CA GLU A 65 -4.00 -4.57 15.17
C GLU A 65 -5.41 -4.00 15.31
N GLY A 66 -5.60 -3.18 16.33
CA GLY A 66 -6.90 -2.58 16.55
C GLY A 66 -7.45 -1.89 15.32
N GLU A 67 -6.83 -0.78 14.93
CA GLU A 67 -7.25 -0.03 13.76
C GLU A 67 -7.43 -0.95 12.56
N ASP A 68 -6.68 -2.04 12.54
CA ASP A 68 -6.76 -3.01 11.45
C ASP A 68 -6.45 -2.34 10.11
N LYS A 69 -5.33 -1.62 10.06
CA LYS A 69 -4.93 -0.93 8.84
C LYS A 69 -3.42 -0.68 8.83
N ILE A 70 -2.87 -0.44 7.65
CA ILE A 70 -1.44 -0.19 7.50
C ILE A 70 -1.18 1.26 7.11
N THR A 71 -0.48 1.99 7.97
CA THR A 71 -0.16 3.39 7.71
C THR A 71 1.23 3.52 7.10
N LEU A 72 1.35 4.37 6.09
CA LEU A 72 2.62 4.59 5.42
C LEU A 72 3.03 6.07 5.49
N GLU A 73 4.30 6.32 5.76
CA GLU A 73 4.81 7.68 5.84
C GLU A 73 5.90 7.93 4.81
N GLY A 74 5.76 9.00 4.05
CA GLY A 74 6.73 9.33 3.03
C GLY A 74 6.13 10.10 1.88
N PRO A 75 6.93 10.32 0.82
CA PRO A 75 6.49 11.06 -0.37
C PRO A 75 5.47 10.28 -1.18
N THR A 76 4.33 10.92 -1.46
CA THR A 76 3.27 10.29 -2.24
C THR A 76 3.83 9.46 -3.39
N GLU A 77 4.97 9.90 -3.92
CA GLU A 77 5.62 9.20 -5.02
C GLU A 77 5.96 7.77 -4.63
N ASP A 78 6.78 7.62 -3.59
CA ASP A 78 7.18 6.30 -3.12
C ASP A 78 6.03 5.61 -2.39
N VAL A 79 5.27 6.38 -1.61
CA VAL A 79 4.14 5.84 -0.88
C VAL A 79 3.22 5.03 -1.79
N SER A 80 2.98 5.55 -2.99
CA SER A 80 2.12 4.87 -3.95
C SER A 80 2.71 3.55 -4.38
N VAL A 81 4.05 3.47 -4.35
CA VAL A 81 4.75 2.25 -4.74
C VAL A 81 4.74 1.23 -3.61
N ALA A 82 5.12 1.67 -2.41
CA ALA A 82 5.16 0.79 -1.26
C ALA A 82 3.76 0.30 -0.90
N GLN A 83 2.84 1.23 -0.72
CA GLN A 83 1.46 0.89 -0.38
C GLN A 83 0.87 -0.08 -1.39
N GLU A 84 1.20 0.12 -2.66
CA GLU A 84 0.70 -0.74 -3.72
C GLU A 84 1.30 -2.15 -3.62
N GLN A 85 2.61 -2.20 -3.37
CA GLN A 85 3.30 -3.47 -3.25
C GLN A 85 2.68 -4.33 -2.15
N ILE A 86 2.09 -3.68 -1.16
CA ILE A 86 1.46 -4.38 -0.05
C ILE A 86 0.05 -4.82 -0.41
N GLU A 87 -0.61 -4.04 -1.25
CA GLU A 87 -1.98 -4.34 -1.67
C GLU A 87 -2.03 -5.70 -2.39
N GLY A 88 -0.93 -6.05 -3.05
CA GLY A 88 -0.87 -7.31 -3.76
C GLY A 88 -0.68 -8.49 -2.84
N MET A 89 0.36 -8.44 -2.00
CA MET A 89 0.65 -9.51 -1.06
C MET A 89 -0.50 -9.67 -0.05
N VAL A 90 -1.27 -8.62 0.13
CA VAL A 90 -2.39 -8.64 1.06
C VAL A 90 -3.55 -9.47 0.50
N LYS A 91 -3.95 -9.16 -0.72
CA LYS A 91 -5.04 -9.88 -1.37
C LYS A 91 -4.65 -11.33 -1.65
N ASP A 92 -3.41 -11.52 -2.10
CA ASP A 92 -2.91 -12.85 -2.42
C ASP A 92 -2.95 -13.75 -1.19
N LEU A 93 -2.58 -13.19 -0.04
CA LEU A 93 -2.57 -13.95 1.20
C LEU A 93 -3.98 -14.40 1.58
N ILE A 94 -4.96 -13.52 1.36
CA ILE A 94 -6.34 -13.84 1.67
C ILE A 94 -6.91 -14.85 0.68
N ASN A 95 -6.61 -14.66 -0.60
CA ASN A 95 -7.09 -15.56 -1.64
C ASN A 95 -6.68 -16.99 -1.35
N ARG A 96 -5.42 -17.17 -0.97
CA ARG A 96 -4.89 -18.51 -0.65
C ARG A 96 -5.89 -19.30 0.19
N SER A 97 -6.20 -18.77 1.37
CA SER A 97 -7.13 -19.42 2.28
C SER A 97 -8.54 -19.42 1.70
N GLY A 98 -9.26 -20.53 1.90
CA GLY A 98 -10.62 -20.63 1.39
C GLY A 98 -11.62 -20.99 2.48
N PRO A 99 -12.77 -21.52 2.07
CA PRO A 99 -13.84 -21.91 3.00
C PRO A 99 -13.47 -23.14 3.82
N SER A 100 -12.44 -23.85 3.37
CA SER A 100 -11.98 -25.05 4.07
C SER A 100 -11.97 -24.83 5.58
N SER A 101 -11.27 -23.79 6.01
CA SER A 101 -11.18 -23.47 7.44
C SER A 101 -12.55 -23.58 8.10
N GLY A 102 -12.58 -24.22 9.27
CA GLY A 102 -13.83 -24.39 9.99
C GLY A 102 -13.61 -24.48 11.49
N GLY A 1 -56.87 18.08 -10.92
CA GLY A 1 -55.67 17.89 -11.69
C GLY A 1 -54.73 19.08 -11.63
N SER A 2 -53.49 18.84 -11.24
CA SER A 2 -52.50 19.91 -11.13
C SER A 2 -52.20 20.51 -12.50
N SER A 3 -51.57 21.67 -12.50
CA SER A 3 -51.23 22.36 -13.74
C SER A 3 -50.44 21.44 -14.67
N GLY A 4 -49.37 20.86 -14.14
CA GLY A 4 -48.54 19.95 -14.94
C GLY A 4 -47.27 20.62 -15.42
N SER A 5 -47.23 20.95 -16.71
CA SER A 5 -46.06 21.59 -17.30
C SER A 5 -44.85 20.67 -17.21
N SER A 6 -45.05 19.40 -17.55
CA SER A 6 -43.97 18.42 -17.51
C SER A 6 -42.89 18.76 -18.52
N GLY A 7 -41.64 18.49 -18.16
CA GLY A 7 -40.53 18.77 -19.06
C GLY A 7 -39.29 19.20 -18.31
N GLU A 8 -38.15 19.21 -19.00
CA GLU A 8 -36.88 19.59 -18.39
C GLU A 8 -35.87 19.97 -19.47
N PRO A 9 -35.02 20.98 -19.16
CA PRO A 9 -33.99 21.45 -20.08
C PRO A 9 -32.86 20.44 -20.26
N GLU A 10 -31.92 20.76 -21.15
CA GLU A 10 -30.79 19.88 -21.41
C GLU A 10 -29.47 20.62 -21.23
N LYS A 11 -28.45 19.89 -20.81
CA LYS A 11 -27.13 20.48 -20.59
C LYS A 11 -26.04 19.63 -21.25
N LEU A 12 -25.27 20.25 -22.13
CA LEU A 12 -24.20 19.57 -22.84
C LEU A 12 -22.85 20.25 -22.60
N GLY A 13 -21.78 19.63 -23.08
CA GLY A 13 -20.46 20.19 -22.91
C GLY A 13 -19.64 19.46 -21.85
N GLN A 14 -18.64 18.71 -22.31
CA GLN A 14 -17.80 17.94 -21.40
C GLN A 14 -16.41 17.75 -21.99
N ALA A 15 -15.38 18.12 -21.23
CA ALA A 15 -14.01 17.98 -21.68
C ALA A 15 -13.08 17.64 -20.51
N LEU A 16 -12.44 16.48 -20.60
CA LEU A 16 -11.52 16.04 -19.55
C LEU A 16 -10.32 16.97 -19.44
N THR A 17 -10.38 17.90 -18.50
CA THR A 17 -9.29 18.85 -18.30
C THR A 17 -8.71 18.74 -16.88
N GLU A 18 -7.51 19.26 -16.70
CA GLU A 18 -6.85 19.22 -15.40
C GLU A 18 -5.56 20.04 -15.42
N VAL A 19 -5.36 20.83 -14.36
CA VAL A 19 -4.16 21.66 -14.25
C VAL A 19 -2.91 20.81 -14.20
N TYR A 20 -1.75 21.46 -14.37
CA TYR A 20 -0.47 20.77 -14.36
C TYR A 20 0.47 21.39 -13.33
N ALA A 21 0.33 20.98 -12.08
CA ALA A 21 1.17 21.49 -11.01
C ALA A 21 1.98 20.38 -10.36
N LYS A 22 2.81 20.75 -9.39
CA LYS A 22 3.65 19.78 -8.69
C LYS A 22 3.86 20.19 -7.23
N ALA A 23 3.35 19.37 -6.32
CA ALA A 23 3.47 19.64 -4.90
C ALA A 23 4.26 18.54 -4.20
N ASN A 24 5.50 18.86 -3.81
CA ASN A 24 6.36 17.89 -3.13
C ASN A 24 6.28 18.06 -1.62
N SER A 25 5.40 17.31 -0.98
CA SER A 25 5.23 17.38 0.46
C SER A 25 4.93 16.01 1.05
N PHE A 26 5.58 15.69 2.16
CA PHE A 26 5.40 14.40 2.82
C PHE A 26 3.94 13.95 2.72
N THR A 27 3.75 12.67 2.41
CA THR A 27 2.41 12.11 2.29
C THR A 27 2.22 10.92 3.22
N VAL A 28 1.11 10.93 3.95
CA VAL A 28 0.81 9.85 4.89
C VAL A 28 -0.56 9.24 4.60
N SER A 29 -0.57 7.99 4.19
CA SER A 29 -1.81 7.29 3.87
C SER A 29 -1.82 5.89 4.47
N SER A 30 -3.00 5.30 4.56
CA SER A 30 -3.15 3.95 5.13
C SER A 30 -3.74 2.99 4.09
N VAL A 31 -3.44 1.71 4.25
CA VAL A 31 -3.94 0.69 3.34
C VAL A 31 -4.83 -0.31 4.06
N ALA A 32 -6.11 -0.34 3.68
CA ALA A 32 -7.06 -1.25 4.28
C ALA A 32 -6.53 -2.69 4.30
N ALA A 33 -6.06 -3.12 5.46
CA ALA A 33 -5.53 -4.46 5.62
C ALA A 33 -5.98 -5.08 6.94
N PRO A 34 -6.28 -6.39 6.91
CA PRO A 34 -6.72 -7.13 8.09
C PRO A 34 -5.60 -7.31 9.12
N SER A 35 -5.96 -7.83 10.29
CA SER A 35 -4.98 -8.05 11.35
C SER A 35 -4.85 -9.53 11.67
N TRP A 36 -5.89 -10.30 11.34
CA TRP A 36 -5.89 -11.74 11.59
C TRP A 36 -4.76 -12.42 10.84
N LEU A 37 -4.20 -11.72 9.86
CA LEU A 37 -3.10 -12.27 9.05
C LEU A 37 -1.83 -11.46 9.26
N HIS A 38 -1.70 -10.85 10.44
CA HIS A 38 -0.53 -10.04 10.74
C HIS A 38 0.71 -10.92 10.90
N ARG A 39 0.55 -12.05 11.55
CA ARG A 39 1.66 -12.98 11.76
C ARG A 39 2.14 -13.58 10.43
N PHE A 40 1.33 -13.39 9.39
CA PHE A 40 1.67 -13.91 8.07
C PHE A 40 2.15 -12.79 7.15
N ILE A 41 1.51 -11.64 7.25
CA ILE A 41 1.89 -10.49 6.42
C ILE A 41 3.31 -10.04 6.73
N ILE A 42 3.66 -10.03 8.01
CA ILE A 42 4.99 -9.62 8.43
C ILE A 42 6.03 -10.68 8.09
N GLY A 43 5.78 -11.91 8.55
CA GLY A 43 6.70 -12.99 8.28
C GLY A 43 7.62 -13.28 9.45
N LYS A 44 8.45 -14.32 9.32
CA LYS A 44 9.37 -14.70 10.37
C LYS A 44 10.42 -13.61 10.61
N LYS A 45 10.57 -13.21 11.86
CA LYS A 45 11.54 -12.18 12.22
C LYS A 45 11.54 -11.06 11.18
N GLY A 46 10.38 -10.79 10.61
CA GLY A 46 10.27 -9.74 9.62
C GLY A 46 11.10 -10.02 8.38
N GLN A 47 10.47 -10.58 7.35
CA GLN A 47 11.17 -10.89 6.11
C GLN A 47 10.42 -10.33 4.90
N ASN A 48 9.10 -10.27 5.01
CA ASN A 48 8.26 -9.74 3.93
C ASN A 48 8.29 -8.22 3.91
N LEU A 49 8.20 -7.62 5.10
CA LEU A 49 8.21 -6.18 5.23
C LEU A 49 9.61 -5.61 5.03
N ALA A 50 10.59 -6.26 5.66
CA ALA A 50 11.98 -5.83 5.55
C ALA A 50 12.38 -5.59 4.10
N LYS A 51 11.73 -6.33 3.19
CA LYS A 51 12.01 -6.20 1.77
C LYS A 51 11.56 -4.85 1.24
N ILE A 52 10.26 -4.58 1.36
CA ILE A 52 9.70 -3.31 0.90
C ILE A 52 10.50 -2.13 1.43
N THR A 53 10.62 -2.04 2.75
CA THR A 53 11.36 -0.95 3.39
C THR A 53 12.77 -0.85 2.83
N GLN A 54 13.36 -2.01 2.51
CA GLN A 54 14.71 -2.04 1.97
C GLN A 54 14.85 -1.11 0.77
N GLN A 55 13.87 -1.17 -0.13
CA GLN A 55 13.88 -0.33 -1.32
C GLN A 55 13.31 1.05 -1.02
N MET A 56 12.32 1.09 -0.14
CA MET A 56 11.69 2.35 0.24
C MET A 56 12.11 2.77 1.65
N PRO A 57 13.30 3.38 1.77
CA PRO A 57 13.83 3.83 3.05
C PRO A 57 13.07 5.02 3.61
N LYS A 58 12.54 5.85 2.71
CA LYS A 58 11.79 7.04 3.12
C LYS A 58 10.39 6.65 3.58
N VAL A 59 9.94 5.46 3.17
CA VAL A 59 8.61 4.97 3.55
C VAL A 59 8.67 4.22 4.87
N HIS A 60 7.78 4.60 5.79
CA HIS A 60 7.72 3.96 7.10
C HIS A 60 6.45 3.13 7.25
N ILE A 61 6.60 1.81 7.24
CA ILE A 61 5.46 0.91 7.36
C ILE A 61 5.12 0.66 8.82
N GLU A 62 3.83 0.76 9.15
CA GLU A 62 3.38 0.55 10.52
C GLU A 62 2.16 -0.38 10.55
N PHE A 63 2.11 -1.26 11.54
CA PHE A 63 1.01 -2.20 11.68
C PHE A 63 0.30 -2.01 13.01
N THR A 64 -1.03 -1.99 12.98
CA THR A 64 -1.83 -1.81 14.18
C THR A 64 -2.90 -2.89 14.29
N GLU A 65 -3.04 -3.47 15.48
CA GLU A 65 -4.04 -4.51 15.72
C GLU A 65 -5.44 -3.91 15.78
N GLY A 66 -5.59 -2.83 16.54
CA GLY A 66 -6.87 -2.18 16.67
C GLY A 66 -7.34 -1.54 15.37
N GLU A 67 -6.64 -0.51 14.94
CA GLU A 67 -6.98 0.19 13.71
C GLU A 67 -7.24 -0.80 12.58
N ASP A 68 -6.53 -1.93 12.61
CA ASP A 68 -6.68 -2.95 11.58
C ASP A 68 -6.36 -2.40 10.21
N LYS A 69 -5.25 -1.68 10.12
CA LYS A 69 -4.82 -1.08 8.85
C LYS A 69 -3.32 -0.82 8.86
N ILE A 70 -2.76 -0.58 7.67
CA ILE A 70 -1.33 -0.32 7.54
C ILE A 70 -1.07 1.16 7.25
N THR A 71 -0.39 1.83 8.17
CA THR A 71 -0.08 3.24 8.01
C THR A 71 1.24 3.43 7.28
N LEU A 72 1.24 4.32 6.28
CA LEU A 72 2.44 4.58 5.50
C LEU A 72 2.83 6.05 5.60
N GLU A 73 4.14 6.32 5.73
CA GLU A 73 4.63 7.68 5.83
C GLU A 73 5.77 7.92 4.84
N GLY A 74 5.58 8.89 3.95
CA GLY A 74 6.60 9.19 2.95
C GLY A 74 6.05 9.96 1.78
N PRO A 75 6.90 10.19 0.76
CA PRO A 75 6.51 10.92 -0.45
C PRO A 75 5.54 10.13 -1.31
N THR A 76 4.46 10.78 -1.74
CA THR A 76 3.46 10.14 -2.57
C THR A 76 4.11 9.23 -3.62
N GLU A 77 5.34 9.57 -4.00
CA GLU A 77 6.06 8.79 -4.99
C GLU A 77 6.43 7.41 -4.43
N ASP A 78 7.12 7.40 -3.29
CA ASP A 78 7.53 6.15 -2.66
C ASP A 78 6.34 5.45 -2.02
N VAL A 79 5.50 6.22 -1.33
CA VAL A 79 4.32 5.67 -0.68
C VAL A 79 3.49 4.84 -1.65
N SER A 80 3.29 5.36 -2.85
CA SER A 80 2.51 4.67 -3.87
C SER A 80 3.14 3.32 -4.21
N VAL A 81 4.47 3.27 -4.21
CA VAL A 81 5.20 2.05 -4.52
C VAL A 81 5.09 1.05 -3.37
N ALA A 82 5.46 1.48 -2.17
CA ALA A 82 5.40 0.62 -1.00
C ALA A 82 3.99 0.11 -0.76
N GLN A 83 3.03 1.04 -0.72
CA GLN A 83 1.64 0.68 -0.49
C GLN A 83 1.17 -0.36 -1.51
N GLU A 84 1.54 -0.16 -2.77
CA GLU A 84 1.15 -1.09 -3.83
C GLU A 84 1.76 -2.47 -3.60
N GLN A 85 3.04 -2.48 -3.24
CA GLN A 85 3.75 -3.73 -2.98
C GLN A 85 3.06 -4.53 -1.89
N ILE A 86 2.57 -3.84 -0.87
CA ILE A 86 1.89 -4.48 0.24
C ILE A 86 0.51 -4.99 -0.18
N GLU A 87 -0.20 -4.18 -0.96
CA GLU A 87 -1.53 -4.54 -1.43
C GLU A 87 -1.49 -5.86 -2.19
N GLY A 88 -0.38 -6.11 -2.89
CA GLY A 88 -0.24 -7.33 -3.65
C GLY A 88 -0.16 -8.56 -2.76
N MET A 89 0.63 -8.48 -1.70
CA MET A 89 0.79 -9.59 -0.78
C MET A 89 -0.44 -9.75 0.11
N VAL A 90 -1.18 -8.65 0.28
CA VAL A 90 -2.38 -8.68 1.11
C VAL A 90 -3.50 -9.44 0.43
N LYS A 91 -3.75 -9.11 -0.84
CA LYS A 91 -4.79 -9.77 -1.60
C LYS A 91 -4.47 -11.25 -1.81
N ASP A 92 -3.22 -11.53 -2.18
CA ASP A 92 -2.78 -12.90 -2.40
C ASP A 92 -3.01 -13.76 -1.17
N LEU A 93 -2.77 -13.18 0.00
CA LEU A 93 -2.96 -13.90 1.27
C LEU A 93 -4.42 -14.27 1.47
N ILE A 94 -5.30 -13.27 1.37
CA ILE A 94 -6.72 -13.50 1.54
C ILE A 94 -7.26 -14.48 0.49
N ASN A 95 -6.90 -14.24 -0.76
CA ASN A 95 -7.34 -15.11 -1.85
C ASN A 95 -6.89 -16.54 -1.62
N ARG A 96 -5.63 -16.72 -1.25
CA ARG A 96 -5.07 -18.04 -0.99
C ARG A 96 -5.97 -18.83 -0.05
N SER A 97 -6.29 -18.24 1.10
CA SER A 97 -7.13 -18.90 2.09
C SER A 97 -8.61 -18.68 1.77
N GLY A 98 -9.15 -19.56 0.92
CA GLY A 98 -10.54 -19.46 0.55
C GLY A 98 -11.13 -20.79 0.10
N PRO A 99 -11.57 -21.60 1.08
CA PRO A 99 -12.15 -22.92 0.81
C PRO A 99 -13.52 -22.81 0.13
N SER A 100 -14.22 -21.71 0.38
CA SER A 100 -15.54 -21.50 -0.20
C SER A 100 -15.45 -21.34 -1.72
N SER A 101 -16.49 -21.79 -2.41
CA SER A 101 -16.52 -21.71 -3.87
C SER A 101 -16.96 -20.32 -4.32
N GLY A 102 -16.60 -19.95 -5.55
CA GLY A 102 -16.97 -18.66 -6.08
C GLY A 102 -16.06 -17.55 -5.59
N GLY A 1 -24.04 -24.98 20.73
CA GLY A 1 -25.03 -25.83 20.08
C GLY A 1 -25.68 -25.17 18.88
N SER A 2 -27.00 -25.29 18.79
CA SER A 2 -27.74 -24.70 17.69
C SER A 2 -28.41 -23.39 18.12
N SER A 3 -27.99 -22.30 17.48
CA SER A 3 -28.54 -20.98 17.81
C SER A 3 -28.13 -19.96 16.75
N GLY A 4 -29.06 -19.05 16.42
CA GLY A 4 -28.78 -18.05 15.42
C GLY A 4 -28.28 -16.74 16.04
N SER A 5 -27.14 -16.27 15.57
CA SER A 5 -26.54 -15.04 16.08
C SER A 5 -27.63 -13.98 16.32
N SER A 6 -27.72 -13.51 17.56
CA SER A 6 -28.71 -12.50 17.92
C SER A 6 -28.88 -11.48 16.80
N GLY A 7 -27.76 -10.90 16.37
CA GLY A 7 -27.80 -9.90 15.31
C GLY A 7 -26.77 -8.80 15.51
N GLU A 8 -25.57 -9.18 15.92
CA GLU A 8 -24.50 -8.22 16.16
C GLU A 8 -24.22 -7.41 14.89
N PRO A 9 -23.89 -6.12 15.07
CA PRO A 9 -23.59 -5.22 13.95
C PRO A 9 -22.27 -5.56 13.27
N GLU A 10 -21.95 -4.82 12.21
CA GLU A 10 -20.71 -5.05 11.47
C GLU A 10 -20.40 -3.87 10.56
N LYS A 11 -19.16 -3.41 10.60
CA LYS A 11 -18.72 -2.28 9.77
C LYS A 11 -18.17 -2.77 8.44
N LEU A 12 -18.79 -3.80 7.88
CA LEU A 12 -18.35 -4.35 6.61
C LEU A 12 -18.82 -3.49 5.44
N GLY A 13 -17.88 -2.95 4.69
CA GLY A 13 -18.21 -2.11 3.56
C GLY A 13 -17.65 -0.70 3.68
N GLN A 14 -16.36 -0.56 3.38
CA GLN A 14 -15.70 0.74 3.47
C GLN A 14 -15.06 1.12 2.13
N ALA A 15 -15.73 1.99 1.39
CA ALA A 15 -15.22 2.44 0.10
C ALA A 15 -13.75 2.81 0.18
N LEU A 16 -13.00 2.51 -0.88
CA LEU A 16 -11.58 2.81 -0.93
C LEU A 16 -11.26 3.78 -2.07
N THR A 17 -10.57 4.87 -1.74
CA THR A 17 -10.21 5.87 -2.73
C THR A 17 -8.82 6.44 -2.45
N GLU A 18 -7.92 6.28 -3.42
CA GLU A 18 -6.56 6.78 -3.28
C GLU A 18 -6.45 8.23 -3.76
N VAL A 19 -6.71 9.17 -2.85
CA VAL A 19 -6.65 10.59 -3.18
C VAL A 19 -5.56 11.30 -2.37
N TYR A 20 -5.07 12.42 -2.89
CA TYR A 20 -4.04 13.18 -2.22
C TYR A 20 -4.48 14.63 -2.01
N ALA A 21 -4.05 15.23 -0.91
CA ALA A 21 -4.39 16.60 -0.60
C ALA A 21 -3.19 17.52 -0.74
N LYS A 22 -2.40 17.30 -1.80
CA LYS A 22 -1.22 18.11 -2.07
C LYS A 22 -0.27 18.08 -0.86
N ALA A 23 -0.01 16.88 -0.35
CA ALA A 23 0.88 16.72 0.80
C ALA A 23 2.33 16.58 0.35
N ASN A 24 2.77 17.49 -0.53
CA ASN A 24 4.13 17.47 -1.04
C ASN A 24 5.13 17.29 0.10
N SER A 25 5.03 18.15 1.11
CA SER A 25 5.94 18.09 2.26
C SER A 25 6.01 16.67 2.81
N PHE A 26 4.86 16.05 2.99
CA PHE A 26 4.78 14.68 3.51
C PHE A 26 3.43 14.06 3.22
N THR A 27 3.45 12.86 2.65
CA THR A 27 2.22 12.14 2.32
C THR A 27 2.00 10.96 3.26
N VAL A 28 0.86 10.96 3.94
CA VAL A 28 0.53 9.89 4.87
C VAL A 28 -0.76 9.18 4.46
N SER A 29 -0.64 7.95 4.00
CA SER A 29 -1.80 7.16 3.56
C SER A 29 -1.79 5.79 4.21
N SER A 30 -2.98 5.20 4.35
CA SER A 30 -3.11 3.88 4.95
C SER A 30 -3.71 2.89 3.96
N VAL A 31 -3.42 1.61 4.17
CA VAL A 31 -3.94 0.56 3.30
C VAL A 31 -4.79 -0.44 4.07
N ALA A 32 -6.05 -0.57 3.67
CA ALA A 32 -6.97 -1.48 4.32
C ALA A 32 -6.42 -2.90 4.34
N ALA A 33 -5.92 -3.33 5.50
CA ALA A 33 -5.36 -4.67 5.64
C ALA A 33 -5.79 -5.30 6.97
N PRO A 34 -6.01 -6.61 6.95
CA PRO A 34 -6.43 -7.36 8.14
C PRO A 34 -5.30 -7.47 9.18
N SER A 35 -5.60 -8.14 10.29
CA SER A 35 -4.61 -8.31 11.36
C SER A 35 -4.42 -9.78 11.68
N TRP A 36 -5.36 -10.61 11.25
CA TRP A 36 -5.29 -12.05 11.49
C TRP A 36 -4.09 -12.66 10.77
N LEU A 37 -3.53 -11.92 9.82
CA LEU A 37 -2.38 -12.40 9.06
C LEU A 37 -1.16 -11.54 9.34
N HIS A 38 -1.10 -10.96 10.55
CA HIS A 38 0.02 -10.12 10.95
C HIS A 38 1.32 -10.91 10.91
N ARG A 39 1.38 -11.99 11.67
CA ARG A 39 2.58 -12.83 11.72
C ARG A 39 2.90 -13.40 10.35
N PHE A 40 1.95 -13.27 9.42
CA PHE A 40 2.13 -13.78 8.07
C PHE A 40 2.62 -12.67 7.13
N ILE A 41 2.11 -11.46 7.35
CA ILE A 41 2.50 -10.32 6.53
C ILE A 41 3.91 -9.85 6.86
N ILE A 42 4.37 -10.18 8.05
CA ILE A 42 5.71 -9.80 8.48
C ILE A 42 6.74 -10.86 8.09
N GLY A 43 6.43 -12.11 8.38
CA GLY A 43 7.34 -13.20 8.05
C GLY A 43 7.94 -13.85 9.28
N LYS A 44 8.93 -14.72 9.06
CA LYS A 44 9.59 -15.42 10.16
C LYS A 44 10.73 -14.57 10.73
N LYS A 45 11.59 -14.08 9.86
CA LYS A 45 12.72 -13.25 10.27
C LYS A 45 12.70 -11.91 9.56
N GLY A 46 11.50 -11.43 9.23
CA GLY A 46 11.37 -10.16 8.54
C GLY A 46 11.84 -10.22 7.11
N GLN A 47 11.03 -10.83 6.24
CA GLN A 47 11.37 -10.96 4.84
C GLN A 47 10.48 -10.06 3.98
N ASN A 48 9.19 -10.06 4.28
CA ASN A 48 8.24 -9.24 3.53
C ASN A 48 8.46 -7.76 3.80
N LEU A 49 8.61 -7.41 5.08
CA LEU A 49 8.83 -6.02 5.47
C LEU A 49 10.27 -5.60 5.20
N ALA A 50 11.21 -6.36 5.75
CA ALA A 50 12.63 -6.07 5.57
C ALA A 50 12.95 -5.76 4.11
N LYS A 51 12.31 -6.48 3.21
CA LYS A 51 12.51 -6.28 1.77
C LYS A 51 11.99 -4.92 1.33
N ILE A 52 10.70 -4.68 1.57
CA ILE A 52 10.08 -3.41 1.20
C ILE A 52 10.84 -2.24 1.79
N THR A 53 10.99 -2.25 3.12
CA THR A 53 11.70 -1.18 3.81
C THR A 53 13.13 -1.04 3.30
N GLN A 54 13.73 -2.17 2.94
CA GLN A 54 15.10 -2.18 2.45
C GLN A 54 15.22 -1.34 1.18
N GLN A 55 14.29 -1.55 0.25
CA GLN A 55 14.29 -0.81 -1.00
C GLN A 55 13.73 0.59 -0.82
N MET A 56 12.76 0.71 0.09
CA MET A 56 12.13 2.01 0.36
C MET A 56 12.19 2.33 1.85
N PRO A 57 13.37 2.78 2.31
CA PRO A 57 13.58 3.13 3.72
C PRO A 57 12.83 4.40 4.11
N LYS A 58 12.55 5.25 3.14
CA LYS A 58 11.83 6.49 3.38
C LYS A 58 10.39 6.22 3.79
N VAL A 59 9.82 5.13 3.27
CA VAL A 59 8.45 4.76 3.58
C VAL A 59 8.38 4.03 4.92
N HIS A 60 7.63 4.59 5.85
CA HIS A 60 7.46 3.99 7.18
C HIS A 60 6.18 3.16 7.24
N ILE A 61 6.33 1.87 7.53
CA ILE A 61 5.19 0.97 7.62
C ILE A 61 4.85 0.66 9.08
N GLU A 62 3.63 0.97 9.48
CA GLU A 62 3.18 0.72 10.84
C GLU A 62 2.01 -0.27 10.85
N PHE A 63 2.08 -1.22 11.78
CA PHE A 63 1.03 -2.23 11.91
C PHE A 63 0.24 -2.04 13.20
N THR A 64 -1.06 -1.81 13.08
CA THR A 64 -1.92 -1.61 14.24
C THR A 64 -2.99 -2.68 14.31
N GLU A 65 -3.19 -3.23 15.51
CA GLU A 65 -4.20 -4.27 15.72
C GLU A 65 -5.60 -3.73 15.51
N GLY A 66 -6.08 -2.95 16.47
CA GLY A 66 -7.42 -2.38 16.37
C GLY A 66 -7.69 -1.76 15.02
N GLU A 67 -7.03 -0.65 14.75
CA GLU A 67 -7.19 0.05 13.47
C GLU A 67 -7.28 -0.94 12.32
N ASP A 68 -6.68 -2.11 12.50
CA ASP A 68 -6.70 -3.15 11.47
C ASP A 68 -6.36 -2.56 10.11
N LYS A 69 -5.28 -1.79 10.05
CA LYS A 69 -4.85 -1.17 8.80
C LYS A 69 -3.35 -0.85 8.85
N ILE A 70 -2.77 -0.64 7.68
CA ILE A 70 -1.35 -0.32 7.58
C ILE A 70 -1.13 1.16 7.27
N THR A 71 -0.44 1.85 8.17
CA THR A 71 -0.16 3.27 7.99
C THR A 71 1.16 3.48 7.26
N LEU A 72 1.13 4.30 6.22
CA LEU A 72 2.33 4.60 5.44
C LEU A 72 2.70 6.07 5.53
N GLU A 73 3.99 6.35 5.66
CA GLU A 73 4.47 7.73 5.75
C GLU A 73 5.67 7.94 4.85
N GLY A 74 5.56 8.93 3.97
CA GLY A 74 6.65 9.23 3.05
C GLY A 74 6.18 9.97 1.81
N PRO A 75 7.08 10.12 0.83
CA PRO A 75 6.76 10.82 -0.42
C PRO A 75 5.79 10.04 -1.29
N THR A 76 4.71 10.70 -1.70
CA THR A 76 3.70 10.07 -2.55
C THR A 76 4.34 9.19 -3.62
N GLU A 77 5.54 9.57 -4.04
CA GLU A 77 6.27 8.81 -5.06
C GLU A 77 6.56 7.40 -4.59
N ASP A 78 7.17 7.29 -3.40
CA ASP A 78 7.51 5.99 -2.83
C ASP A 78 6.28 5.35 -2.19
N VAL A 79 5.55 6.13 -1.42
CA VAL A 79 4.34 5.63 -0.76
C VAL A 79 3.47 4.83 -1.71
N SER A 80 3.33 5.33 -2.94
CA SER A 80 2.52 4.67 -3.95
C SER A 80 3.07 3.29 -4.27
N VAL A 81 4.40 3.18 -4.32
CA VAL A 81 5.05 1.91 -4.62
C VAL A 81 4.91 0.94 -3.45
N ALA A 82 5.40 1.35 -2.28
CA ALA A 82 5.33 0.51 -1.09
C ALA A 82 3.89 0.07 -0.81
N GLN A 83 2.98 1.05 -0.77
CA GLN A 83 1.57 0.76 -0.52
C GLN A 83 1.02 -0.23 -1.54
N GLU A 84 1.46 -0.09 -2.79
CA GLU A 84 1.02 -0.97 -3.85
C GLU A 84 1.51 -2.40 -3.64
N GLN A 85 2.76 -2.52 -3.17
CA GLN A 85 3.35 -3.83 -2.93
C GLN A 85 2.56 -4.59 -1.87
N ILE A 86 2.08 -3.87 -0.86
CA ILE A 86 1.30 -4.48 0.21
C ILE A 86 -0.06 -4.95 -0.29
N GLU A 87 -0.70 -4.10 -1.09
CA GLU A 87 -2.01 -4.43 -1.64
C GLU A 87 -2.00 -5.78 -2.34
N GLY A 88 -0.86 -6.11 -2.95
CA GLY A 88 -0.74 -7.38 -3.65
C GLY A 88 -0.64 -8.55 -2.70
N MET A 89 0.31 -8.48 -1.76
CA MET A 89 0.51 -9.55 -0.79
C MET A 89 -0.74 -9.74 0.06
N VAL A 90 -1.44 -8.65 0.33
CA VAL A 90 -2.65 -8.70 1.14
C VAL A 90 -3.80 -9.37 0.38
N LYS A 91 -3.93 -9.04 -0.90
CA LYS A 91 -4.97 -9.61 -1.73
C LYS A 91 -4.68 -11.08 -2.05
N ASP A 92 -3.39 -11.43 -2.07
CA ASP A 92 -2.97 -12.80 -2.35
C ASP A 92 -3.26 -13.71 -1.16
N LEU A 93 -2.95 -13.23 0.03
CA LEU A 93 -3.18 -14.00 1.25
C LEU A 93 -4.66 -14.34 1.42
N ILE A 94 -5.50 -13.33 1.23
CA ILE A 94 -6.95 -13.53 1.36
C ILE A 94 -7.49 -14.38 0.22
N ASN A 95 -6.89 -14.23 -0.96
CA ASN A 95 -7.31 -14.99 -2.13
C ASN A 95 -6.96 -16.46 -1.98
N ARG A 96 -5.87 -16.74 -1.30
CA ARG A 96 -5.42 -18.11 -1.08
C ARG A 96 -6.00 -18.67 0.22
N SER A 97 -6.29 -17.78 1.15
CA SER A 97 -6.85 -18.18 2.45
C SER A 97 -8.36 -18.34 2.37
N GLY A 98 -8.82 -19.56 2.17
CA GLY A 98 -10.25 -19.82 2.07
C GLY A 98 -10.58 -21.29 2.25
N PRO A 99 -10.68 -21.73 3.51
CA PRO A 99 -10.99 -23.12 3.84
C PRO A 99 -12.44 -23.48 3.51
N SER A 100 -13.36 -22.58 3.83
CA SER A 100 -14.78 -22.81 3.57
C SER A 100 -15.49 -21.49 3.26
N SER A 101 -16.75 -21.60 2.86
CA SER A 101 -17.54 -20.41 2.54
C SER A 101 -18.49 -20.06 3.68
N GLY A 102 -18.61 -18.78 3.97
CA GLY A 102 -19.48 -18.33 5.04
C GLY A 102 -18.97 -17.08 5.74
N GLY A 1 -38.67 31.15 -64.59
CA GLY A 1 -38.20 30.66 -63.31
C GLY A 1 -36.71 30.87 -63.13
N SER A 2 -36.27 30.94 -61.87
CA SER A 2 -34.86 31.15 -61.56
C SER A 2 -34.58 30.88 -60.09
N SER A 3 -33.31 30.68 -59.76
CA SER A 3 -32.92 30.42 -58.37
C SER A 3 -31.40 30.48 -58.23
N GLY A 4 -30.93 30.44 -56.98
CA GLY A 4 -29.51 30.49 -56.72
C GLY A 4 -29.15 30.09 -55.31
N SER A 5 -27.86 29.99 -55.03
CA SER A 5 -27.40 29.60 -53.70
C SER A 5 -25.88 29.75 -53.59
N SER A 6 -25.38 29.82 -52.36
CA SER A 6 -23.96 29.96 -52.11
C SER A 6 -23.62 29.70 -50.65
N GLY A 7 -22.41 29.21 -50.41
CA GLY A 7 -21.99 28.92 -49.05
C GLY A 7 -20.49 28.71 -48.93
N GLU A 8 -19.98 28.77 -47.71
CA GLU A 8 -18.55 28.59 -47.47
C GLU A 8 -18.31 27.59 -46.34
N PRO A 9 -17.29 26.74 -46.50
CA PRO A 9 -16.94 25.72 -45.51
C PRO A 9 -16.34 26.34 -44.25
N GLU A 10 -15.85 25.48 -43.35
CA GLU A 10 -15.25 25.94 -42.10
C GLU A 10 -13.95 25.20 -41.81
N LYS A 11 -12.90 25.96 -41.50
CA LYS A 11 -11.60 25.38 -41.20
C LYS A 11 -11.24 25.58 -39.74
N LEU A 12 -10.60 24.57 -39.16
CA LEU A 12 -10.19 24.63 -37.75
C LEU A 12 -8.98 23.75 -37.50
N GLY A 13 -8.14 24.16 -36.54
CA GLY A 13 -6.95 23.41 -36.22
C GLY A 13 -6.21 23.98 -35.03
N GLN A 14 -6.30 23.30 -33.89
CA GLN A 14 -5.64 23.75 -32.67
C GLN A 14 -5.12 22.56 -31.86
N ALA A 15 -4.13 22.82 -31.02
CA ALA A 15 -3.55 21.78 -30.18
C ALA A 15 -3.13 22.32 -28.82
N LEU A 16 -3.46 21.59 -27.77
CA LEU A 16 -3.12 22.00 -26.41
C LEU A 16 -2.25 20.96 -25.72
N THR A 17 -1.61 21.36 -24.63
CA THR A 17 -0.75 20.45 -23.87
C THR A 17 -0.93 20.64 -22.37
N GLU A 18 -1.29 19.56 -21.68
CA GLU A 18 -1.49 19.61 -20.23
C GLU A 18 -0.22 19.21 -19.50
N VAL A 19 0.69 20.18 -19.35
CA VAL A 19 1.96 19.93 -18.66
C VAL A 19 1.73 19.72 -17.16
N TYR A 20 2.61 18.93 -16.55
CA TYR A 20 2.50 18.64 -15.12
C TYR A 20 3.74 19.14 -14.37
N ALA A 21 3.64 19.21 -13.06
CA ALA A 21 4.75 19.65 -12.22
C ALA A 21 5.02 18.67 -11.09
N LYS A 22 6.23 18.72 -10.55
CA LYS A 22 6.61 17.84 -9.45
C LYS A 22 7.00 18.65 -8.22
N ALA A 23 6.26 18.44 -7.13
CA ALA A 23 6.52 19.14 -5.88
C ALA A 23 6.99 18.17 -4.79
N ASN A 24 7.44 18.73 -3.67
CA ASN A 24 7.92 17.92 -2.57
C ASN A 24 7.07 18.15 -1.31
N SER A 25 6.42 17.10 -0.84
CA SER A 25 5.58 17.19 0.35
C SER A 25 5.45 15.83 1.02
N PHE A 26 5.12 15.85 2.31
CA PHE A 26 4.96 14.62 3.09
C PHE A 26 3.58 14.02 2.87
N THR A 27 3.54 12.81 2.30
CA THR A 27 2.28 12.13 2.04
C THR A 27 2.11 10.94 2.97
N VAL A 28 1.07 10.99 3.81
CA VAL A 28 0.79 9.91 4.75
C VAL A 28 -0.57 9.27 4.47
N SER A 29 -0.54 8.04 3.95
CA SER A 29 -1.77 7.32 3.63
C SER A 29 -1.77 5.94 4.28
N SER A 30 -2.96 5.37 4.44
CA SER A 30 -3.10 4.06 5.05
C SER A 30 -3.73 3.06 4.07
N VAL A 31 -3.41 1.78 4.25
CA VAL A 31 -3.94 0.73 3.38
C VAL A 31 -4.79 -0.25 4.17
N ALA A 32 -5.98 -0.54 3.65
CA ALA A 32 -6.88 -1.48 4.31
C ALA A 32 -6.32 -2.88 4.31
N ALA A 33 -5.92 -3.36 5.48
CA ALA A 33 -5.35 -4.69 5.63
C ALA A 33 -5.75 -5.32 6.95
N PRO A 34 -6.02 -6.63 6.94
CA PRO A 34 -6.41 -7.38 8.13
C PRO A 34 -5.27 -7.53 9.13
N SER A 35 -5.60 -7.95 10.34
CA SER A 35 -4.59 -8.13 11.39
C SER A 35 -4.46 -9.61 11.75
N TRP A 36 -5.49 -10.38 11.47
CA TRP A 36 -5.48 -11.81 11.77
C TRP A 36 -4.35 -12.51 11.03
N LEU A 37 -3.80 -11.84 10.02
CA LEU A 37 -2.71 -12.40 9.24
C LEU A 37 -1.44 -11.57 9.40
N HIS A 38 -1.29 -10.95 10.56
CA HIS A 38 -0.12 -10.12 10.84
C HIS A 38 1.14 -10.98 10.94
N ARG A 39 0.97 -12.21 11.41
CA ARG A 39 2.09 -13.13 11.55
C ARG A 39 2.60 -13.59 10.18
N PHE A 40 1.74 -13.50 9.18
CA PHE A 40 2.10 -13.91 7.82
C PHE A 40 2.57 -12.72 7.00
N ILE A 41 1.85 -11.60 7.13
CA ILE A 41 2.20 -10.38 6.40
C ILE A 41 3.59 -9.89 6.77
N ILE A 42 4.00 -10.17 8.01
CA ILE A 42 5.31 -9.76 8.49
C ILE A 42 6.37 -10.78 8.14
N GLY A 43 6.05 -12.05 8.37
CA GLY A 43 7.00 -13.12 8.08
C GLY A 43 7.61 -13.72 9.33
N LYS A 44 7.95 -15.00 9.26
CA LYS A 44 8.55 -15.69 10.40
C LYS A 44 9.63 -14.83 11.06
N LYS A 45 10.65 -14.47 10.28
CA LYS A 45 11.74 -13.66 10.79
C LYS A 45 11.77 -12.30 10.08
N GLY A 46 10.60 -11.68 9.95
CA GLY A 46 10.52 -10.38 9.30
C GLY A 46 11.25 -10.36 7.97
N GLN A 47 10.69 -11.04 6.97
CA GLN A 47 11.31 -11.10 5.65
C GLN A 47 10.54 -10.22 4.66
N ASN A 48 9.21 -10.29 4.72
CA ASN A 48 8.37 -9.50 3.83
C ASN A 48 8.56 -8.01 4.08
N LEU A 49 8.59 -7.63 5.35
CA LEU A 49 8.77 -6.23 5.74
C LEU A 49 10.18 -5.76 5.42
N ALA A 50 11.17 -6.45 5.97
CA ALA A 50 12.57 -6.11 5.76
C ALA A 50 12.84 -5.82 4.28
N LYS A 51 12.28 -6.65 3.41
CA LYS A 51 12.46 -6.49 1.97
C LYS A 51 11.93 -5.13 1.51
N ILE A 52 10.64 -4.91 1.70
CA ILE A 52 10.01 -3.65 1.31
C ILE A 52 10.76 -2.46 1.89
N THR A 53 10.87 -2.43 3.22
CA THR A 53 11.56 -1.35 3.91
C THR A 53 12.92 -1.07 3.27
N GLN A 54 13.49 -2.10 2.66
CA GLN A 54 14.79 -1.96 2.00
C GLN A 54 14.69 -1.11 0.75
N GLN A 55 13.63 -1.32 -0.02
CA GLN A 55 13.42 -0.57 -1.25
C GLN A 55 13.01 0.86 -0.95
N MET A 56 12.25 1.04 0.13
CA MET A 56 11.79 2.37 0.52
C MET A 56 12.32 2.73 1.91
N PRO A 57 13.59 3.17 1.96
CA PRO A 57 14.23 3.56 3.22
C PRO A 57 13.65 4.84 3.80
N LYS A 58 12.71 5.44 3.08
CA LYS A 58 12.06 6.67 3.52
C LYS A 58 10.62 6.42 3.94
N VAL A 59 10.07 5.29 3.51
CA VAL A 59 8.70 4.93 3.84
C VAL A 59 8.62 4.19 5.17
N HIS A 60 7.84 4.72 6.09
CA HIS A 60 7.68 4.10 7.41
C HIS A 60 6.42 3.23 7.46
N ILE A 61 6.63 1.92 7.59
CA ILE A 61 5.51 0.99 7.65
C ILE A 61 5.11 0.70 9.09
N GLU A 62 3.84 0.97 9.41
CA GLU A 62 3.33 0.75 10.76
C GLU A 62 2.10 -0.16 10.72
N PHE A 63 1.95 -0.99 11.75
CA PHE A 63 0.83 -1.90 11.83
C PHE A 63 -0.06 -1.57 13.02
N THR A 64 -1.37 -1.65 12.83
CA THR A 64 -2.33 -1.35 13.90
C THR A 64 -3.09 -2.60 14.31
N GLU A 65 -3.36 -2.73 15.61
CA GLU A 65 -4.10 -3.88 16.13
C GLU A 65 -5.59 -3.62 16.11
N GLY A 66 -6.00 -2.41 16.49
CA GLY A 66 -7.40 -2.05 16.50
C GLY A 66 -7.86 -1.47 15.19
N GLU A 67 -7.08 -0.54 14.65
CA GLU A 67 -7.42 0.10 13.39
C GLU A 67 -7.42 -0.90 12.24
N ASP A 68 -6.76 -2.04 12.46
CA ASP A 68 -6.68 -3.09 11.46
C ASP A 68 -6.32 -2.50 10.09
N LYS A 69 -5.24 -1.75 10.05
CA LYS A 69 -4.78 -1.12 8.81
C LYS A 69 -3.28 -0.81 8.87
N ILE A 70 -2.70 -0.50 7.72
CA ILE A 70 -1.28 -0.18 7.65
C ILE A 70 -1.08 1.29 7.30
N THR A 71 -0.29 1.98 8.12
CA THR A 71 -0.01 3.39 7.90
C THR A 71 1.31 3.58 7.16
N LEU A 72 1.30 4.43 6.14
CA LEU A 72 2.50 4.70 5.35
C LEU A 72 2.87 6.18 5.41
N GLU A 73 4.14 6.46 5.67
CA GLU A 73 4.62 7.83 5.75
C GLU A 73 5.76 8.07 4.76
N GLY A 74 5.62 9.10 3.93
CA GLY A 74 6.65 9.42 2.96
C GLY A 74 6.08 10.13 1.74
N PRO A 75 6.95 10.33 0.73
CA PRO A 75 6.55 11.00 -0.51
C PRO A 75 5.61 10.15 -1.36
N THR A 76 4.53 10.76 -1.84
CA THR A 76 3.56 10.07 -2.66
C THR A 76 4.24 9.16 -3.69
N GLU A 77 5.44 9.55 -4.09
CA GLU A 77 6.21 8.79 -5.07
C GLU A 77 6.54 7.41 -4.54
N ASP A 78 7.02 7.36 -3.29
CA ASP A 78 7.38 6.09 -2.66
C ASP A 78 6.15 5.43 -2.04
N VAL A 79 5.35 6.22 -1.34
CA VAL A 79 4.15 5.71 -0.69
C VAL A 79 3.28 4.94 -1.68
N SER A 80 3.33 5.35 -2.94
CA SER A 80 2.54 4.70 -3.98
C SER A 80 3.11 3.32 -4.32
N VAL A 81 4.41 3.16 -4.11
CA VAL A 81 5.07 1.89 -4.38
C VAL A 81 4.92 0.92 -3.21
N ALA A 82 5.36 1.35 -2.04
CA ALA A 82 5.27 0.52 -0.84
C ALA A 82 3.83 0.07 -0.60
N GLN A 83 2.89 1.00 -0.69
CA GLN A 83 1.49 0.69 -0.48
C GLN A 83 1.00 -0.32 -1.51
N GLU A 84 1.44 -0.16 -2.75
CA GLU A 84 1.04 -1.07 -3.83
C GLU A 84 1.62 -2.46 -3.61
N GLN A 85 2.82 -2.53 -3.04
CA GLN A 85 3.48 -3.80 -2.78
C GLN A 85 2.69 -4.61 -1.74
N ILE A 86 2.40 -3.98 -0.61
CA ILE A 86 1.67 -4.64 0.47
C ILE A 86 0.30 -5.12 -0.03
N GLU A 87 -0.37 -4.27 -0.80
CA GLU A 87 -1.69 -4.61 -1.34
C GLU A 87 -1.63 -5.91 -2.15
N GLY A 88 -0.59 -6.04 -2.98
CA GLY A 88 -0.43 -7.22 -3.79
C GLY A 88 -0.42 -8.50 -2.96
N MET A 89 0.27 -8.46 -1.83
CA MET A 89 0.36 -9.62 -0.95
C MET A 89 -0.89 -9.75 -0.10
N VAL A 90 -1.58 -8.63 0.12
CA VAL A 90 -2.80 -8.63 0.92
C VAL A 90 -3.91 -9.41 0.24
N LYS A 91 -4.21 -9.04 -1.01
CA LYS A 91 -5.25 -9.70 -1.78
C LYS A 91 -4.90 -11.16 -2.03
N ASP A 92 -3.68 -11.39 -2.49
CA ASP A 92 -3.21 -12.75 -2.77
C ASP A 92 -3.30 -13.62 -1.53
N LEU A 93 -2.92 -13.05 -0.38
CA LEU A 93 -2.95 -13.78 0.88
C LEU A 93 -4.36 -14.30 1.17
N ILE A 94 -5.33 -13.40 1.17
CA ILE A 94 -6.72 -13.78 1.43
C ILE A 94 -7.25 -14.72 0.36
N ASN A 95 -6.93 -14.41 -0.89
CA ASN A 95 -7.37 -15.22 -2.03
C ASN A 95 -6.88 -16.67 -1.87
N ARG A 96 -5.63 -16.82 -1.47
CA ARG A 96 -5.04 -18.14 -1.28
C ARG A 96 -5.95 -19.02 -0.43
N SER A 97 -6.43 -18.47 0.68
CA SER A 97 -7.31 -19.21 1.59
C SER A 97 -8.63 -19.54 0.91
N GLY A 98 -9.34 -18.50 0.48
CA GLY A 98 -10.62 -18.70 -0.18
C GLY A 98 -11.32 -17.38 -0.48
N PRO A 99 -12.02 -17.34 -1.63
CA PRO A 99 -12.75 -16.14 -2.07
C PRO A 99 -13.98 -15.86 -1.20
N SER A 100 -14.51 -16.91 -0.58
CA SER A 100 -15.69 -16.78 0.26
C SER A 100 -15.62 -15.49 1.08
N SER A 101 -14.57 -15.35 1.87
CA SER A 101 -14.40 -14.15 2.70
C SER A 101 -13.08 -13.44 2.37
N GLY A 102 -13.19 -12.17 2.01
CA GLY A 102 -12.01 -11.40 1.67
C GLY A 102 -12.33 -10.20 0.80
N GLY A 1 -42.24 0.11 -13.74
CA GLY A 1 -41.73 1.06 -12.77
C GLY A 1 -40.59 0.51 -11.96
N SER A 2 -39.36 0.84 -12.35
CA SER A 2 -38.17 0.36 -11.65
C SER A 2 -37.05 1.39 -11.72
N SER A 3 -36.24 1.44 -10.67
CA SER A 3 -35.13 2.39 -10.61
C SER A 3 -33.88 1.79 -11.26
N GLY A 4 -32.99 2.67 -11.73
CA GLY A 4 -31.77 2.22 -12.37
C GLY A 4 -31.89 2.14 -13.87
N SER A 5 -31.13 2.98 -14.57
CA SER A 5 -31.16 3.02 -16.03
C SER A 5 -30.08 3.95 -16.57
N SER A 6 -29.14 3.38 -17.32
CA SER A 6 -28.05 4.16 -17.90
C SER A 6 -27.53 3.50 -19.17
N GLY A 7 -26.64 4.20 -19.88
CA GLY A 7 -26.08 3.66 -21.09
C GLY A 7 -25.29 4.70 -21.87
N GLU A 8 -24.33 5.34 -21.20
CA GLU A 8 -23.51 6.36 -21.83
C GLU A 8 -22.10 5.83 -22.09
N PRO A 9 -21.90 5.18 -23.25
CA PRO A 9 -20.61 4.61 -23.64
C PRO A 9 -19.59 5.69 -23.97
N GLU A 10 -18.39 5.26 -24.33
CA GLU A 10 -17.32 6.20 -24.68
C GLU A 10 -16.34 5.56 -25.67
N LYS A 11 -15.77 6.39 -26.53
CA LYS A 11 -14.81 5.91 -27.53
C LYS A 11 -13.38 6.07 -27.03
N LEU A 12 -13.15 5.71 -25.77
CA LEU A 12 -11.83 5.81 -25.18
C LEU A 12 -11.10 7.07 -25.66
N GLY A 13 -11.78 8.21 -25.56
CA GLY A 13 -11.18 9.47 -25.99
C GLY A 13 -11.50 10.61 -25.05
N GLN A 14 -11.39 10.34 -23.75
CA GLN A 14 -11.68 11.37 -22.75
C GLN A 14 -11.26 10.89 -21.36
N ALA A 15 -10.35 11.62 -20.73
CA ALA A 15 -9.86 11.27 -19.40
C ALA A 15 -9.21 12.47 -18.72
N LEU A 16 -9.88 12.99 -17.69
CA LEU A 16 -9.36 14.14 -16.95
C LEU A 16 -8.33 13.70 -15.92
N THR A 17 -7.27 13.05 -16.38
CA THR A 17 -6.21 12.58 -15.51
C THR A 17 -4.92 13.36 -15.74
N GLU A 18 -4.42 14.00 -14.69
CA GLU A 18 -3.19 14.78 -14.78
C GLU A 18 -2.78 15.30 -13.42
N VAL A 19 -1.68 14.76 -12.88
CA VAL A 19 -1.17 15.16 -11.59
C VAL A 19 0.25 15.68 -11.69
N TYR A 20 0.48 16.88 -11.15
CA TYR A 20 1.80 17.50 -11.19
C TYR A 20 1.96 18.51 -10.05
N ALA A 21 3.15 18.54 -9.46
CA ALA A 21 3.43 19.47 -8.37
C ALA A 21 4.92 19.73 -8.26
N LYS A 22 5.28 20.96 -7.87
CA LYS A 22 6.67 21.34 -7.71
C LYS A 22 7.00 21.64 -6.25
N ALA A 23 6.50 20.81 -5.36
CA ALA A 23 6.74 20.99 -3.92
C ALA A 23 6.70 19.66 -3.19
N ASN A 24 7.57 19.50 -2.19
CA ASN A 24 7.64 18.27 -1.42
C ASN A 24 6.83 18.40 -0.13
N SER A 25 5.81 17.56 0.00
CA SER A 25 4.96 17.57 1.19
C SER A 25 4.77 16.16 1.74
N PHE A 26 5.18 15.97 2.99
CA PHE A 26 5.05 14.67 3.64
C PHE A 26 3.68 14.06 3.39
N THR A 27 3.65 12.95 2.66
CA THR A 27 2.40 12.27 2.35
C THR A 27 2.21 11.03 3.24
N VAL A 28 1.07 10.97 3.92
CA VAL A 28 0.77 9.84 4.79
C VAL A 28 -0.57 9.21 4.42
N SER A 29 -0.51 7.99 3.90
CA SER A 29 -1.72 7.28 3.51
C SER A 29 -1.77 5.89 4.14
N SER A 30 -2.98 5.40 4.39
CA SER A 30 -3.16 4.09 5.01
C SER A 30 -3.77 3.11 4.01
N VAL A 31 -3.48 1.83 4.20
CA VAL A 31 -4.00 0.79 3.33
C VAL A 31 -4.92 -0.16 4.08
N ALA A 32 -5.96 -0.64 3.41
CA ALA A 32 -6.92 -1.56 4.02
C ALA A 32 -6.33 -2.96 4.13
N ALA A 33 -5.96 -3.34 5.35
CA ALA A 33 -5.39 -4.65 5.60
C ALA A 33 -5.80 -5.18 6.97
N PRO A 34 -6.08 -6.49 7.04
CA PRO A 34 -6.49 -7.15 8.28
C PRO A 34 -5.34 -7.24 9.29
N SER A 35 -5.58 -7.96 10.39
CA SER A 35 -4.57 -8.12 11.42
C SER A 35 -4.47 -9.58 11.87
N TRP A 36 -5.28 -10.43 11.25
CA TRP A 36 -5.29 -11.85 11.58
C TRP A 36 -4.16 -12.58 10.86
N LEU A 37 -3.61 -11.94 9.83
CA LEU A 37 -2.52 -12.53 9.07
C LEU A 37 -1.22 -11.76 9.29
N HIS A 38 -1.19 -10.97 10.36
CA HIS A 38 -0.01 -10.18 10.68
C HIS A 38 1.25 -11.06 10.71
N ARG A 39 1.15 -12.20 11.39
CA ARG A 39 2.28 -13.12 11.50
C ARG A 39 2.78 -13.52 10.11
N PHE A 40 1.94 -13.30 9.09
CA PHE A 40 2.30 -13.63 7.72
C PHE A 40 2.79 -12.40 6.97
N ILE A 41 2.00 -11.33 7.05
CA ILE A 41 2.34 -10.08 6.38
C ILE A 41 3.73 -9.60 6.78
N ILE A 42 4.14 -9.95 7.99
CA ILE A 42 5.45 -9.55 8.50
C ILE A 42 6.51 -10.60 8.16
N GLY A 43 6.23 -11.85 8.52
CA GLY A 43 7.17 -12.93 8.25
C GLY A 43 8.08 -13.22 9.42
N LYS A 44 9.00 -14.16 9.25
CA LYS A 44 9.93 -14.53 10.30
C LYS A 44 10.98 -13.46 10.50
N LYS A 45 11.08 -12.95 11.73
CA LYS A 45 12.05 -11.91 12.07
C LYS A 45 11.94 -10.74 11.09
N GLY A 46 10.71 -10.38 10.72
CA GLY A 46 10.50 -9.29 9.81
C GLY A 46 11.21 -9.50 8.48
N GLN A 47 10.98 -10.65 7.86
CA GLN A 47 11.61 -10.97 6.58
C GLN A 47 10.91 -10.25 5.44
N ASN A 48 9.58 -10.34 5.41
CA ASN A 48 8.79 -9.71 4.37
C ASN A 48 8.85 -8.19 4.50
N LEU A 49 8.90 -7.70 5.73
CA LEU A 49 8.97 -6.27 5.99
C LEU A 49 10.29 -5.69 5.53
N ALA A 50 11.38 -6.37 5.86
CA ALA A 50 12.71 -5.93 5.48
C ALA A 50 12.79 -5.66 3.97
N LYS A 51 12.10 -6.49 3.19
CA LYS A 51 12.09 -6.34 1.75
C LYS A 51 11.51 -4.99 1.34
N ILE A 52 10.27 -4.73 1.75
CA ILE A 52 9.61 -3.47 1.42
C ILE A 52 10.44 -2.28 1.90
N THR A 53 10.89 -2.34 3.14
CA THR A 53 11.69 -1.27 3.72
C THR A 53 13.04 -1.17 3.04
N GLN A 54 13.49 -2.28 2.46
CA GLN A 54 14.78 -2.31 1.77
C GLN A 54 14.72 -1.49 0.48
N GLN A 55 13.55 -1.43 -0.13
CA GLN A 55 13.37 -0.68 -1.37
C GLN A 55 12.86 0.73 -1.08
N MET A 56 12.03 0.86 -0.05
CA MET A 56 11.47 2.16 0.32
C MET A 56 11.88 2.53 1.74
N PRO A 57 13.15 2.95 1.90
CA PRO A 57 13.69 3.35 3.20
C PRO A 57 13.08 4.66 3.71
N LYS A 58 12.52 5.44 2.80
CA LYS A 58 11.91 6.71 3.16
C LYS A 58 10.47 6.51 3.59
N VAL A 59 9.91 5.35 3.27
CA VAL A 59 8.53 5.03 3.62
C VAL A 59 8.47 4.25 4.92
N HIS A 60 7.75 4.79 5.90
CA HIS A 60 7.61 4.14 7.20
C HIS A 60 6.36 3.26 7.22
N ILE A 61 6.55 1.99 7.60
CA ILE A 61 5.44 1.04 7.66
C ILE A 61 5.01 0.81 9.11
N GLU A 62 3.72 1.02 9.37
CA GLU A 62 3.18 0.84 10.71
C GLU A 62 2.02 -0.14 10.70
N PHE A 63 1.82 -0.85 11.81
CA PHE A 63 0.75 -1.82 11.92
C PHE A 63 -0.12 -1.52 13.14
N THR A 64 -1.42 -1.33 12.90
CA THR A 64 -2.36 -1.04 13.97
C THR A 64 -2.94 -2.32 14.56
N GLU A 65 -3.50 -2.22 15.76
CA GLU A 65 -4.09 -3.37 16.43
C GLU A 65 -5.61 -3.38 16.27
N GLY A 66 -6.22 -2.21 16.45
CA GLY A 66 -7.66 -2.09 16.32
C GLY A 66 -8.08 -1.48 15.01
N GLU A 67 -7.36 -0.46 14.57
CA GLU A 67 -7.66 0.23 13.32
C GLU A 67 -7.69 -0.76 12.15
N ASP A 68 -7.07 -1.92 12.36
CA ASP A 68 -7.02 -2.95 11.33
C ASP A 68 -6.63 -2.35 9.98
N LYS A 69 -5.54 -1.59 9.96
CA LYS A 69 -5.07 -0.95 8.74
C LYS A 69 -3.58 -0.63 8.84
N ILE A 70 -2.94 -0.47 7.68
CA ILE A 70 -1.52 -0.16 7.64
C ILE A 70 -1.29 1.32 7.32
N THR A 71 -0.62 2.02 8.23
CA THR A 71 -0.34 3.44 8.05
C THR A 71 1.03 3.64 7.41
N LEU A 72 1.04 4.34 6.27
CA LEU A 72 2.29 4.61 5.56
C LEU A 72 2.66 6.09 5.66
N GLU A 73 3.95 6.37 5.73
CA GLU A 73 4.44 7.73 5.82
C GLU A 73 5.65 7.95 4.92
N GLY A 74 5.58 9.00 4.10
CA GLY A 74 6.68 9.30 3.19
C GLY A 74 6.22 10.01 1.94
N PRO A 75 7.10 10.11 0.94
CA PRO A 75 6.80 10.78 -0.33
C PRO A 75 5.80 10.00 -1.16
N THR A 76 4.76 10.69 -1.63
CA THR A 76 3.71 10.06 -2.43
C THR A 76 4.33 9.15 -3.49
N GLU A 77 5.52 9.51 -3.96
CA GLU A 77 6.21 8.72 -4.97
C GLU A 77 6.49 7.31 -4.47
N ASP A 78 7.18 7.22 -3.34
CA ASP A 78 7.52 5.93 -2.75
C ASP A 78 6.28 5.26 -2.14
N VAL A 79 5.50 6.05 -1.41
CA VAL A 79 4.28 5.53 -0.78
C VAL A 79 3.46 4.71 -1.77
N SER A 80 3.41 5.16 -3.02
CA SER A 80 2.66 4.46 -4.05
C SER A 80 3.27 3.09 -4.33
N VAL A 81 4.59 3.01 -4.28
CA VAL A 81 5.30 1.75 -4.53
C VAL A 81 5.20 0.82 -3.32
N ALA A 82 5.43 1.38 -2.13
CA ALA A 82 5.37 0.59 -0.90
C ALA A 82 3.94 0.13 -0.63
N GLN A 83 3.01 1.08 -0.56
CA GLN A 83 1.61 0.77 -0.30
C GLN A 83 1.08 -0.26 -1.30
N GLU A 84 1.46 -0.09 -2.57
CA GLU A 84 1.02 -0.99 -3.61
C GLU A 84 1.57 -2.40 -3.38
N GLN A 85 2.86 -2.49 -3.06
CA GLN A 85 3.50 -3.76 -2.82
C GLN A 85 2.73 -4.58 -1.77
N ILE A 86 2.27 -3.89 -0.73
CA ILE A 86 1.52 -4.54 0.34
C ILE A 86 0.13 -4.94 -0.15
N GLU A 87 -0.47 -4.11 -0.99
CA GLU A 87 -1.80 -4.38 -1.52
C GLU A 87 -1.81 -5.66 -2.34
N GLY A 88 -0.62 -6.10 -2.76
CA GLY A 88 -0.52 -7.32 -3.55
C GLY A 88 -0.50 -8.56 -2.68
N MET A 89 0.42 -8.60 -1.72
CA MET A 89 0.54 -9.74 -0.82
C MET A 89 -0.74 -9.95 -0.03
N VAL A 90 -1.36 -8.86 0.40
CA VAL A 90 -2.60 -8.92 1.16
C VAL A 90 -3.73 -9.53 0.34
N LYS A 91 -3.81 -9.12 -0.92
CA LYS A 91 -4.84 -9.62 -1.82
C LYS A 91 -4.61 -11.09 -2.15
N ASP A 92 -3.35 -11.48 -2.24
CA ASP A 92 -2.98 -12.86 -2.54
C ASP A 92 -3.17 -13.75 -1.31
N LEU A 93 -2.83 -13.22 -0.14
CA LEU A 93 -2.95 -13.97 1.10
C LEU A 93 -4.40 -14.38 1.35
N ILE A 94 -5.32 -13.44 1.16
CA ILE A 94 -6.74 -13.71 1.36
C ILE A 94 -7.30 -14.54 0.22
N ASN A 95 -6.99 -14.15 -1.01
CA ASN A 95 -7.47 -14.87 -2.19
C ASN A 95 -7.11 -16.34 -2.11
N ARG A 96 -5.88 -16.62 -1.70
CA ARG A 96 -5.41 -18.00 -1.57
C ARG A 96 -6.23 -18.77 -0.54
N SER A 97 -6.25 -18.25 0.69
CA SER A 97 -6.99 -18.88 1.78
C SER A 97 -8.41 -18.33 1.86
N GLY A 98 -9.03 -18.14 0.70
CA GLY A 98 -10.38 -17.61 0.67
C GLY A 98 -11.43 -18.71 0.69
N PRO A 99 -12.57 -18.42 1.33
CA PRO A 99 -13.68 -19.39 1.44
C PRO A 99 -14.37 -19.62 0.09
N SER A 100 -14.69 -20.89 -0.18
CA SER A 100 -15.35 -21.24 -1.43
C SER A 100 -16.85 -20.95 -1.36
N SER A 101 -17.38 -20.39 -2.44
CA SER A 101 -18.80 -20.06 -2.50
C SER A 101 -19.66 -21.32 -2.46
N GLY A 102 -20.87 -21.18 -1.92
CA GLY A 102 -21.77 -22.32 -1.82
C GLY A 102 -23.00 -22.14 -2.68
N GLY A 1 19.39 4.57 -25.10
CA GLY A 1 19.85 4.02 -23.83
C GLY A 1 21.10 4.71 -23.32
N SER A 2 21.02 5.26 -22.11
CA SER A 2 22.15 5.96 -21.52
C SER A 2 22.05 5.94 -19.99
N SER A 3 23.20 5.79 -19.33
CA SER A 3 23.24 5.76 -17.88
C SER A 3 23.61 7.12 -17.32
N GLY A 4 22.62 7.82 -16.78
CA GLY A 4 22.85 9.14 -16.22
C GLY A 4 22.98 9.11 -14.70
N SER A 5 23.60 10.14 -14.14
CA SER A 5 23.79 10.22 -12.70
C SER A 5 22.64 10.97 -12.04
N SER A 6 22.37 10.63 -10.78
CA SER A 6 21.29 11.27 -10.04
C SER A 6 21.75 12.58 -9.41
N GLY A 7 22.88 12.52 -8.71
CA GLY A 7 23.42 13.71 -8.07
C GLY A 7 23.48 13.58 -6.56
N GLU A 8 24.47 14.21 -5.96
CA GLU A 8 24.63 14.17 -4.51
C GLU A 8 24.34 15.53 -3.88
N PRO A 9 23.04 15.79 -3.63
CA PRO A 9 22.60 17.05 -3.02
C PRO A 9 23.02 17.18 -1.56
N GLU A 10 22.72 18.32 -0.97
CA GLU A 10 23.07 18.57 0.43
C GLU A 10 22.25 19.73 1.00
N LYS A 11 22.30 19.89 2.32
CA LYS A 11 21.56 20.95 2.99
C LYS A 11 21.89 20.98 4.49
N LEU A 12 21.95 22.19 5.03
CA LEU A 12 22.26 22.36 6.45
C LEU A 12 21.63 23.64 6.99
N GLY A 13 21.14 23.58 8.24
CA GLY A 13 20.52 24.73 8.85
C GLY A 13 19.39 25.29 8.02
N GLN A 14 19.22 26.61 8.06
CA GLN A 14 18.16 27.27 7.30
C GLN A 14 18.68 28.50 6.59
N ALA A 15 18.79 28.43 5.27
CA ALA A 15 19.27 29.54 4.47
C ALA A 15 18.60 29.58 3.10
N LEU A 16 18.76 30.69 2.39
CA LEU A 16 18.17 30.85 1.08
C LEU A 16 18.17 29.53 0.31
N THR A 17 17.02 28.87 0.28
CA THR A 17 16.89 27.59 -0.41
C THR A 17 16.57 27.80 -1.89
N GLU A 18 16.91 26.81 -2.71
CA GLU A 18 16.67 26.88 -4.14
C GLU A 18 15.17 26.92 -4.43
N VAL A 19 14.82 26.91 -5.72
CA VAL A 19 13.42 26.95 -6.14
C VAL A 19 12.67 25.73 -5.61
N TYR A 20 11.34 25.75 -5.75
CA TYR A 20 10.51 24.66 -5.29
C TYR A 20 10.19 23.70 -6.43
N ALA A 21 10.85 23.89 -7.56
CA ALA A 21 10.64 23.05 -8.73
C ALA A 21 11.02 21.60 -8.44
N LYS A 22 10.15 20.90 -7.72
CA LYS A 22 10.39 19.51 -7.37
C LYS A 22 9.07 18.74 -7.25
N ALA A 23 9.18 17.42 -7.10
CA ALA A 23 8.00 16.57 -6.97
C ALA A 23 8.08 15.70 -5.72
N ASN A 24 8.51 16.30 -4.62
CA ASN A 24 8.63 15.57 -3.36
C ASN A 24 7.84 16.27 -2.24
N SER A 25 6.61 15.81 -2.04
CA SER A 25 5.75 16.39 -1.01
C SER A 25 5.32 15.33 -0.01
N PHE A 26 5.47 15.65 1.27
CA PHE A 26 5.09 14.72 2.34
C PHE A 26 3.70 14.14 2.10
N THR A 27 3.61 12.83 2.01
CA THR A 27 2.34 12.15 1.78
C THR A 27 2.16 10.98 2.74
N VAL A 28 1.01 10.96 3.42
CA VAL A 28 0.71 9.90 4.37
C VAL A 28 -0.61 9.22 4.04
N SER A 29 -0.53 7.95 3.64
CA SER A 29 -1.73 7.19 3.29
C SER A 29 -1.78 5.89 4.07
N SER A 30 -2.97 5.28 4.12
CA SER A 30 -3.17 4.03 4.84
C SER A 30 -3.71 2.95 3.90
N VAL A 31 -3.47 1.69 4.26
CA VAL A 31 -3.94 0.57 3.46
C VAL A 31 -4.72 -0.42 4.32
N ALA A 32 -5.98 -0.65 3.94
CA ALA A 32 -6.84 -1.58 4.67
C ALA A 32 -6.24 -2.99 4.68
N ALA A 33 -5.91 -3.46 5.88
CA ALA A 33 -5.33 -4.80 6.02
C ALA A 33 -5.69 -5.40 7.37
N PRO A 34 -5.96 -6.71 7.37
CA PRO A 34 -6.33 -7.44 8.60
C PRO A 34 -5.17 -7.58 9.56
N SER A 35 -5.39 -8.29 10.66
CA SER A 35 -4.36 -8.49 11.68
C SER A 35 -4.23 -9.96 12.04
N TRP A 36 -5.08 -10.79 11.44
CA TRP A 36 -5.07 -12.23 11.71
C TRP A 36 -3.97 -12.92 10.90
N LEU A 37 -3.46 -12.21 9.89
CA LEU A 37 -2.40 -12.75 9.05
C LEU A 37 -1.10 -11.99 9.24
N HIS A 38 -1.01 -11.24 10.33
CA HIS A 38 0.18 -10.45 10.64
C HIS A 38 1.42 -11.34 10.68
N ARG A 39 1.25 -12.57 11.20
CA ARG A 39 2.35 -13.51 11.30
C ARG A 39 2.92 -13.83 9.92
N PHE A 40 2.09 -13.66 8.89
CA PHE A 40 2.51 -13.95 7.52
C PHE A 40 2.94 -12.66 6.81
N ILE A 41 2.16 -11.60 7.02
CA ILE A 41 2.46 -10.32 6.39
C ILE A 41 3.82 -9.79 6.84
N ILE A 42 4.16 -10.05 8.10
CA ILE A 42 5.44 -9.60 8.65
C ILE A 42 6.57 -10.55 8.28
N GLY A 43 6.37 -11.83 8.58
CA GLY A 43 7.39 -12.82 8.26
C GLY A 43 8.17 -13.26 9.49
N LYS A 44 9.07 -14.23 9.29
CA LYS A 44 9.89 -14.74 10.38
C LYS A 44 10.76 -13.64 10.97
N LYS A 45 10.30 -13.05 12.07
CA LYS A 45 11.05 -11.98 12.72
C LYS A 45 11.36 -10.85 11.75
N GLY A 46 10.37 -10.48 10.93
CA GLY A 46 10.56 -9.42 9.97
C GLY A 46 11.37 -9.86 8.77
N GLN A 47 10.71 -10.54 7.83
CA GLN A 47 11.38 -11.01 6.62
C GLN A 47 10.82 -10.34 5.38
N ASN A 48 9.49 -10.30 5.29
CA ASN A 48 8.82 -9.68 4.15
C ASN A 48 8.87 -8.15 4.25
N LEU A 49 8.79 -7.65 5.47
CA LEU A 49 8.83 -6.21 5.70
C LEU A 49 10.23 -5.65 5.49
N ALA A 50 11.21 -6.31 6.10
CA ALA A 50 12.60 -5.89 5.97
C ALA A 50 12.95 -5.56 4.52
N LYS A 51 12.48 -6.40 3.61
CA LYS A 51 12.74 -6.19 2.18
C LYS A 51 12.17 -4.85 1.71
N ILE A 52 10.87 -4.69 1.82
CA ILE A 52 10.21 -3.46 1.42
C ILE A 52 10.89 -2.24 2.02
N THR A 53 10.95 -2.20 3.34
CA THR A 53 11.59 -1.08 4.05
C THR A 53 13.01 -0.86 3.55
N GLN A 54 13.70 -1.94 3.23
CA GLN A 54 15.08 -1.85 2.74
C GLN A 54 15.11 -1.17 1.37
N GLN A 55 14.15 -1.52 0.52
CA GLN A 55 14.08 -0.94 -0.82
C GLN A 55 13.50 0.48 -0.78
N MET A 56 12.67 0.73 0.22
CA MET A 56 12.03 2.04 0.39
C MET A 56 12.13 2.51 1.83
N PRO A 57 13.30 3.07 2.19
CA PRO A 57 13.53 3.58 3.55
C PRO A 57 12.73 4.84 3.85
N LYS A 58 12.46 5.62 2.82
CA LYS A 58 11.69 6.85 2.98
C LYS A 58 10.26 6.55 3.45
N VAL A 59 9.78 5.36 3.11
CA VAL A 59 8.43 4.95 3.51
C VAL A 59 8.45 4.25 4.86
N HIS A 60 7.51 4.63 5.72
CA HIS A 60 7.40 4.04 7.06
C HIS A 60 6.21 3.11 7.15
N ILE A 61 6.48 1.83 7.40
CA ILE A 61 5.42 0.84 7.51
C ILE A 61 4.92 0.72 8.94
N GLU A 62 3.61 0.81 9.11
CA GLU A 62 3.01 0.72 10.44
C GLU A 62 2.00 -0.43 10.50
N PHE A 63 1.82 -0.99 11.68
CA PHE A 63 0.89 -2.09 11.87
C PHE A 63 0.11 -1.93 13.18
N THR A 64 -1.21 -1.93 13.08
CA THR A 64 -2.07 -1.78 14.25
C THR A 64 -3.06 -2.93 14.36
N GLU A 65 -3.28 -3.40 15.59
CA GLU A 65 -4.20 -4.50 15.83
C GLU A 65 -5.65 -4.04 15.70
N GLY A 66 -6.07 -3.18 16.63
CA GLY A 66 -7.43 -2.67 16.60
C GLY A 66 -7.79 -2.01 15.28
N GLU A 67 -7.12 -0.90 14.98
CA GLU A 67 -7.37 -0.18 13.75
C GLU A 67 -7.39 -1.12 12.55
N ASP A 68 -6.73 -2.27 12.71
CA ASP A 68 -6.67 -3.26 11.64
C ASP A 68 -6.37 -2.61 10.30
N LYS A 69 -5.31 -1.81 10.27
CA LYS A 69 -4.91 -1.12 9.05
C LYS A 69 -3.43 -0.78 9.06
N ILE A 70 -2.88 -0.50 7.89
CA ILE A 70 -1.47 -0.16 7.77
C ILE A 70 -1.27 1.30 7.43
N THR A 71 -0.49 2.00 8.25
CA THR A 71 -0.22 3.41 8.04
C THR A 71 1.13 3.63 7.38
N LEU A 72 1.12 4.25 6.20
CA LEU A 72 2.36 4.52 5.47
C LEU A 72 2.70 6.00 5.50
N GLU A 73 3.99 6.30 5.66
CA GLU A 73 4.44 7.68 5.70
C GLU A 73 5.66 7.88 4.80
N GLY A 74 5.59 8.88 3.93
CA GLY A 74 6.69 9.16 3.03
C GLY A 74 6.24 9.88 1.77
N PRO A 75 7.16 10.00 0.79
CA PRO A 75 6.87 10.67 -0.48
C PRO A 75 5.90 9.88 -1.34
N THR A 76 4.84 10.55 -1.79
CA THR A 76 3.83 9.91 -2.63
C THR A 76 4.47 9.00 -3.67
N GLU A 77 5.67 9.36 -4.09
CA GLU A 77 6.40 8.58 -5.09
C GLU A 77 6.65 7.15 -4.59
N ASP A 78 7.26 7.06 -3.41
CA ASP A 78 7.55 5.75 -2.81
C ASP A 78 6.32 5.17 -2.14
N VAL A 79 5.61 6.00 -1.38
CA VAL A 79 4.41 5.56 -0.68
C VAL A 79 3.47 4.83 -1.62
N SER A 80 3.31 5.36 -2.83
CA SER A 80 2.44 4.76 -3.83
C SER A 80 2.93 3.36 -4.21
N VAL A 81 4.24 3.20 -4.27
CA VAL A 81 4.84 1.92 -4.61
C VAL A 81 4.72 0.92 -3.46
N ALA A 82 5.19 1.33 -2.28
CA ALA A 82 5.13 0.48 -1.10
C ALA A 82 3.71 0.04 -0.81
N GLN A 83 2.81 1.00 -0.68
CA GLN A 83 1.40 0.72 -0.40
C GLN A 83 0.83 -0.23 -1.44
N GLU A 84 1.13 0.03 -2.70
CA GLU A 84 0.64 -0.79 -3.80
C GLU A 84 1.17 -2.23 -3.67
N GLN A 85 2.47 -2.35 -3.42
CA GLN A 85 3.09 -3.66 -3.28
C GLN A 85 2.40 -4.49 -2.19
N ILE A 86 2.04 -3.82 -1.10
CA ILE A 86 1.37 -4.50 0.01
C ILE A 86 -0.05 -4.87 -0.35
N GLU A 87 -0.72 -3.98 -1.09
CA GLU A 87 -2.10 -4.22 -1.49
C GLU A 87 -2.21 -5.48 -2.35
N GLY A 88 -1.08 -5.87 -2.95
CA GLY A 88 -1.07 -7.06 -3.79
C GLY A 88 -0.85 -8.32 -2.99
N MET A 89 0.16 -8.31 -2.13
CA MET A 89 0.48 -9.48 -1.30
C MET A 89 -0.64 -9.74 -0.30
N VAL A 90 -1.36 -8.69 0.09
CA VAL A 90 -2.44 -8.82 1.05
C VAL A 90 -3.66 -9.49 0.41
N LYS A 91 -4.15 -8.90 -0.68
CA LYS A 91 -5.31 -9.44 -1.38
C LYS A 91 -5.07 -10.90 -1.75
N ASP A 92 -3.91 -11.20 -2.31
CA ASP A 92 -3.56 -12.56 -2.71
C ASP A 92 -3.55 -13.49 -1.49
N LEU A 93 -2.99 -13.01 -0.40
CA LEU A 93 -2.91 -13.80 0.83
C LEU A 93 -4.30 -14.20 1.30
N ILE A 94 -5.23 -13.26 1.26
CA ILE A 94 -6.60 -13.51 1.68
C ILE A 94 -7.34 -14.38 0.67
N ASN A 95 -7.10 -14.11 -0.62
CA ASN A 95 -7.74 -14.86 -1.68
C ASN A 95 -7.38 -16.34 -1.60
N ARG A 96 -6.26 -16.64 -0.97
CA ARG A 96 -5.80 -18.01 -0.83
C ARG A 96 -6.21 -18.58 0.53
N SER A 97 -7.48 -18.39 0.88
CA SER A 97 -8.00 -18.89 2.15
C SER A 97 -8.53 -20.31 2.01
N GLY A 98 -9.35 -20.53 0.99
CA GLY A 98 -9.91 -21.84 0.76
C GLY A 98 -10.50 -21.99 -0.63
N PRO A 99 -11.20 -23.10 -0.87
CA PRO A 99 -11.84 -23.38 -2.16
C PRO A 99 -13.03 -22.47 -2.44
N SER A 100 -13.83 -22.23 -1.40
CA SER A 100 -15.00 -21.37 -1.53
C SER A 100 -14.72 -20.21 -2.47
N SER A 101 -15.19 -20.33 -3.71
CA SER A 101 -14.98 -19.29 -4.71
C SER A 101 -16.27 -19.00 -5.48
N GLY A 102 -16.50 -17.73 -5.80
CA GLY A 102 -17.69 -17.35 -6.53
C GLY A 102 -18.73 -16.69 -5.63
N GLY A 1 -17.74 -26.11 4.20
CA GLY A 1 -16.49 -26.30 4.92
C GLY A 1 -16.58 -25.87 6.37
N SER A 2 -15.43 -25.64 7.00
CA SER A 2 -15.38 -25.23 8.39
C SER A 2 -14.87 -23.80 8.52
N SER A 3 -13.75 -23.52 7.88
CA SER A 3 -13.16 -22.19 7.93
C SER A 3 -12.36 -21.91 6.65
N GLY A 4 -12.68 -20.80 5.99
CA GLY A 4 -11.99 -20.43 4.77
C GLY A 4 -12.93 -20.31 3.59
N SER A 5 -12.88 -19.17 2.91
CA SER A 5 -13.73 -18.93 1.76
C SER A 5 -12.95 -19.09 0.45
N SER A 6 -13.42 -20.00 -0.40
CA SER A 6 -12.76 -20.25 -1.68
C SER A 6 -13.48 -19.53 -2.81
N GLY A 7 -12.78 -19.36 -3.93
CA GLY A 7 -13.37 -18.69 -5.08
C GLY A 7 -12.36 -18.41 -6.17
N GLU A 8 -12.69 -18.82 -7.40
CA GLU A 8 -11.80 -18.61 -8.53
C GLU A 8 -12.31 -17.49 -9.43
N PRO A 9 -11.86 -16.26 -9.15
CA PRO A 9 -12.26 -15.08 -9.92
C PRO A 9 -11.67 -15.08 -11.33
N GLU A 10 -11.82 -13.96 -12.03
CA GLU A 10 -11.30 -13.83 -13.39
C GLU A 10 -10.75 -12.43 -13.63
N LYS A 11 -9.73 -12.34 -14.47
CA LYS A 11 -9.12 -11.05 -14.80
C LYS A 11 -8.36 -11.13 -16.12
N LEU A 12 -8.30 -10.00 -16.82
CA LEU A 12 -7.59 -9.94 -18.10
C LEU A 12 -7.37 -8.49 -18.53
N GLY A 13 -6.40 -8.30 -19.43
CA GLY A 13 -6.09 -6.96 -19.90
C GLY A 13 -4.77 -6.44 -19.38
N GLN A 14 -4.49 -5.17 -19.64
CA GLN A 14 -3.23 -4.57 -19.19
C GLN A 14 -3.29 -3.05 -19.34
N ALA A 15 -2.58 -2.34 -18.45
CA ALA A 15 -2.54 -0.89 -18.49
C ALA A 15 -1.26 -0.36 -17.86
N LEU A 16 -0.77 0.76 -18.37
CA LEU A 16 0.45 1.38 -17.85
C LEU A 16 0.26 2.88 -17.65
N THR A 17 -0.24 3.25 -16.48
CA THR A 17 -0.46 4.66 -16.16
C THR A 17 -0.17 4.95 -14.70
N GLU A 18 0.66 5.95 -14.46
CA GLU A 18 1.02 6.33 -13.09
C GLU A 18 1.24 7.84 -12.98
N VAL A 19 0.44 8.49 -12.14
CA VAL A 19 0.56 9.93 -11.95
C VAL A 19 2.00 10.35 -11.71
N TYR A 20 2.33 11.58 -12.09
CA TYR A 20 3.68 12.10 -11.92
C TYR A 20 3.65 13.55 -11.46
N ALA A 21 4.40 13.86 -10.42
CA ALA A 21 4.47 15.22 -9.89
C ALA A 21 5.82 15.49 -9.24
N LYS A 22 5.95 16.67 -8.64
CA LYS A 22 7.19 17.05 -7.98
C LYS A 22 6.92 17.59 -6.58
N ALA A 23 5.72 17.31 -6.06
CA ALA A 23 5.34 17.77 -4.74
C ALA A 23 6.34 17.31 -3.68
N ASN A 24 6.90 18.27 -2.95
CA ASN A 24 7.87 17.95 -1.90
C ASN A 24 7.25 18.08 -0.52
N SER A 25 6.03 17.58 -0.38
CA SER A 25 5.31 17.64 0.90
C SER A 25 5.00 16.24 1.41
N PHE A 26 5.56 15.90 2.57
CA PHE A 26 5.35 14.59 3.17
C PHE A 26 3.92 14.10 2.91
N THR A 27 3.78 12.79 2.72
CA THR A 27 2.49 12.20 2.46
C THR A 27 2.26 10.96 3.32
N VAL A 28 1.08 10.87 3.93
CA VAL A 28 0.74 9.74 4.79
C VAL A 28 -0.57 9.09 4.34
N SER A 29 -0.46 7.85 3.86
CA SER A 29 -1.63 7.11 3.40
C SER A 29 -1.71 5.75 4.07
N SER A 30 -2.94 5.25 4.26
CA SER A 30 -3.15 3.96 4.89
C SER A 30 -3.72 2.96 3.89
N VAL A 31 -3.49 1.67 4.15
CA VAL A 31 -3.97 0.62 3.28
C VAL A 31 -4.88 -0.35 4.04
N ALA A 32 -6.09 -0.56 3.52
CA ALA A 32 -7.04 -1.46 4.15
C ALA A 32 -6.53 -2.90 4.15
N ALA A 33 -5.95 -3.32 5.27
CA ALA A 33 -5.43 -4.67 5.39
C ALA A 33 -5.81 -5.29 6.73
N PRO A 34 -6.10 -6.60 6.72
CA PRO A 34 -6.48 -7.34 7.92
C PRO A 34 -5.32 -7.50 8.90
N SER A 35 -5.61 -8.05 10.07
CA SER A 35 -4.59 -8.27 11.10
C SER A 35 -4.45 -9.74 11.44
N TRP A 36 -5.49 -10.52 11.12
CA TRP A 36 -5.47 -11.95 11.39
C TRP A 36 -4.35 -12.64 10.63
N LEU A 37 -3.82 -11.96 9.61
CA LEU A 37 -2.74 -12.51 8.81
C LEU A 37 -1.44 -11.74 9.05
N HIS A 38 -1.36 -11.06 10.19
CA HIS A 38 -0.17 -10.29 10.53
C HIS A 38 1.05 -11.19 10.64
N ARG A 39 0.89 -12.35 11.26
CA ARG A 39 1.97 -13.30 11.43
C ARG A 39 2.52 -13.74 10.07
N PHE A 40 1.74 -13.50 9.01
CA PHE A 40 2.15 -13.88 7.67
C PHE A 40 2.62 -12.65 6.88
N ILE A 41 1.97 -11.52 7.12
CA ILE A 41 2.32 -10.29 6.43
C ILE A 41 3.67 -9.76 6.90
N ILE A 42 3.95 -9.94 8.19
CA ILE A 42 5.22 -9.48 8.76
C ILE A 42 6.35 -10.44 8.41
N GLY A 43 6.15 -11.73 8.70
CA GLY A 43 7.16 -12.72 8.40
C GLY A 43 7.73 -13.34 9.65
N LYS A 44 8.09 -14.62 9.57
CA LYS A 44 8.66 -15.33 10.71
C LYS A 44 9.85 -14.58 11.28
N LYS A 45 10.84 -14.31 10.44
CA LYS A 45 12.04 -13.60 10.86
C LYS A 45 12.13 -12.23 10.17
N GLY A 46 11.00 -11.53 10.13
CA GLY A 46 10.98 -10.22 9.49
C GLY A 46 11.66 -10.22 8.14
N GLN A 47 10.99 -10.79 7.14
CA GLN A 47 11.54 -10.85 5.79
C GLN A 47 10.69 -10.05 4.82
N ASN A 48 9.39 -10.33 4.79
CA ASN A 48 8.47 -9.63 3.91
C ASN A 48 8.58 -8.12 4.09
N LEU A 49 8.67 -7.69 5.34
CA LEU A 49 8.78 -6.27 5.66
C LEU A 49 10.21 -5.78 5.49
N ALA A 50 11.16 -6.52 6.07
CA ALA A 50 12.57 -6.17 5.98
C ALA A 50 12.97 -5.89 4.53
N LYS A 51 12.25 -6.49 3.59
CA LYS A 51 12.53 -6.30 2.17
C LYS A 51 12.00 -4.96 1.68
N ILE A 52 10.69 -4.77 1.82
CA ILE A 52 10.05 -3.53 1.38
C ILE A 52 10.79 -2.32 1.94
N THR A 53 10.90 -2.25 3.26
CA THR A 53 11.58 -1.14 3.92
C THR A 53 12.95 -0.90 3.32
N GLN A 54 13.64 -1.99 2.98
CA GLN A 54 14.97 -1.90 2.39
C GLN A 54 14.92 -1.20 1.03
N GLN A 55 14.02 -1.67 0.16
CA GLN A 55 13.87 -1.08 -1.16
C GLN A 55 13.36 0.36 -1.08
N MET A 56 12.54 0.63 -0.07
CA MET A 56 11.98 1.96 0.13
C MET A 56 12.13 2.40 1.58
N PRO A 57 13.32 2.90 1.94
CA PRO A 57 13.62 3.37 3.29
C PRO A 57 12.86 4.64 3.64
N LYS A 58 12.66 5.50 2.64
CA LYS A 58 11.95 6.76 2.84
C LYS A 58 10.53 6.51 3.35
N VAL A 59 9.95 5.39 2.93
CA VAL A 59 8.59 5.04 3.34
C VAL A 59 8.61 4.24 4.65
N HIS A 60 7.78 4.67 5.59
CA HIS A 60 7.70 3.99 6.89
C HIS A 60 6.44 3.14 6.97
N ILE A 61 6.62 1.87 7.32
CA ILE A 61 5.50 0.94 7.43
C ILE A 61 5.03 0.81 8.89
N GLU A 62 3.72 0.87 9.09
CA GLU A 62 3.16 0.76 10.43
C GLU A 62 2.01 -0.25 10.46
N PHE A 63 1.90 -0.99 11.56
CA PHE A 63 0.85 -1.98 11.71
C PHE A 63 0.10 -1.80 13.02
N THR A 64 -1.19 -1.54 12.93
CA THR A 64 -2.03 -1.33 14.12
C THR A 64 -2.45 -2.68 14.72
N GLU A 65 -2.69 -2.68 16.03
CA GLU A 65 -3.11 -3.88 16.73
C GLU A 65 -4.59 -3.82 17.10
N GLY A 66 -5.34 -3.02 16.35
CA GLY A 66 -6.76 -2.89 16.63
C GLY A 66 -7.51 -2.22 15.49
N GLU A 67 -6.83 -1.31 14.79
CA GLU A 67 -7.44 -0.59 13.67
C GLU A 67 -7.47 -1.47 12.42
N ASP A 68 -6.75 -2.59 12.47
CA ASP A 68 -6.69 -3.51 11.34
C ASP A 68 -6.40 -2.75 10.05
N LYS A 69 -5.32 -1.97 10.05
CA LYS A 69 -4.94 -1.20 8.88
C LYS A 69 -3.44 -0.91 8.89
N ILE A 70 -2.90 -0.58 7.72
CA ILE A 70 -1.47 -0.28 7.59
C ILE A 70 -1.25 1.19 7.25
N THR A 71 -0.58 1.91 8.14
CA THR A 71 -0.30 3.33 7.94
C THR A 71 1.08 3.51 7.31
N LEU A 72 1.13 4.30 6.25
CA LEU A 72 2.38 4.57 5.55
C LEU A 72 2.77 6.04 5.68
N GLU A 73 4.08 6.31 5.67
CA GLU A 73 4.59 7.67 5.79
C GLU A 73 5.77 7.89 4.86
N GLY A 74 5.72 8.98 4.09
CA GLY A 74 6.81 9.29 3.17
C GLY A 74 6.32 10.03 1.95
N PRO A 75 7.21 10.16 0.95
CA PRO A 75 6.88 10.86 -0.31
C PRO A 75 5.89 10.08 -1.16
N THR A 76 4.82 10.76 -1.56
CA THR A 76 3.79 10.13 -2.39
C THR A 76 4.40 9.22 -3.43
N GLU A 77 5.53 9.64 -3.99
CA GLU A 77 6.23 8.86 -5.01
C GLU A 77 6.48 7.44 -4.53
N ASP A 78 7.19 7.31 -3.41
CA ASP A 78 7.50 6.00 -2.85
C ASP A 78 6.26 5.38 -2.20
N VAL A 79 5.57 6.17 -1.37
CA VAL A 79 4.37 5.70 -0.69
C VAL A 79 3.42 5.00 -1.66
N SER A 80 3.37 5.51 -2.89
CA SER A 80 2.50 4.94 -3.91
C SER A 80 2.98 3.55 -4.31
N VAL A 81 4.30 3.36 -4.32
CA VAL A 81 4.89 2.08 -4.69
C VAL A 81 4.78 1.09 -3.54
N ALA A 82 5.28 1.47 -2.38
CA ALA A 82 5.24 0.61 -1.21
C ALA A 82 3.81 0.18 -0.88
N GLN A 83 2.90 1.14 -0.84
CA GLN A 83 1.51 0.87 -0.54
C GLN A 83 0.92 -0.11 -1.55
N GLU A 84 1.27 0.08 -2.81
CA GLU A 84 0.78 -0.79 -3.88
C GLU A 84 1.34 -2.21 -3.74
N GLN A 85 2.63 -2.29 -3.44
CA GLN A 85 3.29 -3.57 -3.27
C GLN A 85 2.59 -4.41 -2.21
N ILE A 86 2.18 -3.77 -1.13
CA ILE A 86 1.49 -4.46 -0.04
C ILE A 86 0.08 -4.85 -0.44
N GLU A 87 -0.55 -4.00 -1.24
CA GLU A 87 -1.92 -4.26 -1.70
C GLU A 87 -2.01 -5.60 -2.42
N GLY A 88 -0.90 -5.99 -3.05
CA GLY A 88 -0.88 -7.25 -3.78
C GLY A 88 -0.76 -8.45 -2.86
N MET A 89 0.27 -8.44 -2.02
CA MET A 89 0.50 -9.54 -1.08
C MET A 89 -0.69 -9.70 -0.14
N VAL A 90 -1.38 -8.60 0.13
CA VAL A 90 -2.55 -8.61 1.01
C VAL A 90 -3.67 -9.44 0.41
N LYS A 91 -4.04 -9.13 -0.82
CA LYS A 91 -5.10 -9.85 -1.52
C LYS A 91 -4.73 -11.32 -1.72
N ASP A 92 -3.49 -11.55 -2.13
CA ASP A 92 -3.02 -12.90 -2.36
C ASP A 92 -3.09 -13.73 -1.08
N LEU A 93 -2.69 -13.14 0.03
CA LEU A 93 -2.71 -13.82 1.31
C LEU A 93 -4.14 -14.21 1.70
N ILE A 94 -5.08 -13.32 1.45
CA ILE A 94 -6.48 -13.57 1.76
C ILE A 94 -7.06 -14.67 0.88
N ASN A 95 -6.82 -14.55 -0.42
CA ASN A 95 -7.31 -15.55 -1.37
C ASN A 95 -6.87 -16.95 -0.98
N ARG A 96 -5.70 -17.04 -0.36
CA ARG A 96 -5.15 -18.32 0.08
C ARG A 96 -5.46 -18.57 1.54
N SER A 97 -6.70 -18.30 1.95
CA SER A 97 -7.12 -18.49 3.33
C SER A 97 -8.16 -19.61 3.43
N GLY A 98 -7.97 -20.67 2.65
CA GLY A 98 -8.90 -21.78 2.67
C GLY A 98 -8.20 -23.12 2.68
N PRO A 99 -8.98 -24.20 2.74
CA PRO A 99 -8.45 -25.57 2.76
C PRO A 99 -7.84 -25.98 1.42
N SER A 100 -8.01 -25.11 0.42
CA SER A 100 -7.48 -25.39 -0.91
C SER A 100 -6.11 -24.74 -1.09
N SER A 101 -5.06 -25.51 -0.80
CA SER A 101 -3.69 -25.02 -0.92
C SER A 101 -3.32 -24.84 -2.39
N GLY A 102 -3.63 -25.84 -3.20
CA GLY A 102 -3.32 -25.77 -4.62
C GLY A 102 -4.56 -25.71 -5.49
N GLY A 1 -0.59 31.18 -12.82
CA GLY A 1 -1.00 30.64 -11.53
C GLY A 1 -1.41 31.72 -10.55
N SER A 2 -2.37 31.40 -9.69
CA SER A 2 -2.85 32.35 -8.70
C SER A 2 -2.06 32.23 -7.40
N SER A 3 -1.82 33.38 -6.75
CA SER A 3 -1.07 33.40 -5.50
C SER A 3 -2.00 33.74 -4.33
N GLY A 4 -2.40 32.70 -3.59
CA GLY A 4 -3.28 32.91 -2.45
C GLY A 4 -4.74 32.90 -2.84
N SER A 5 -5.30 31.70 -3.02
CA SER A 5 -6.70 31.56 -3.39
C SER A 5 -7.25 30.20 -2.96
N SER A 6 -8.40 30.22 -2.30
CA SER A 6 -9.03 29.00 -1.82
C SER A 6 -10.15 28.56 -2.77
N GLY A 7 -9.88 27.52 -3.55
CA GLY A 7 -10.88 27.02 -4.48
C GLY A 7 -10.32 25.96 -5.40
N GLU A 8 -10.13 24.76 -4.86
CA GLU A 8 -9.59 23.64 -5.64
C GLU A 8 -10.60 22.50 -5.71
N PRO A 9 -11.58 22.62 -6.62
CA PRO A 9 -12.63 21.61 -6.80
C PRO A 9 -12.09 20.33 -7.43
N GLU A 10 -12.96 19.34 -7.60
CA GLU A 10 -12.56 18.07 -8.18
C GLU A 10 -13.74 17.43 -8.91
N LYS A 11 -13.66 17.39 -10.24
CA LYS A 11 -14.71 16.80 -11.06
C LYS A 11 -14.12 15.91 -12.15
N LEU A 12 -14.49 14.63 -12.12
CA LEU A 12 -14.00 13.68 -13.11
C LEU A 12 -14.46 14.05 -14.51
N GLY A 13 -13.85 13.43 -15.51
CA GLY A 13 -14.21 13.72 -16.89
C GLY A 13 -13.07 14.35 -17.66
N GLN A 14 -12.97 15.67 -17.57
CA GLN A 14 -11.92 16.41 -18.27
C GLN A 14 -11.43 17.59 -17.44
N ALA A 15 -10.13 17.64 -17.19
CA ALA A 15 -9.53 18.71 -16.41
C ALA A 15 -9.09 19.87 -17.32
N LEU A 16 -9.68 21.03 -17.10
CA LEU A 16 -9.34 22.22 -17.89
C LEU A 16 -8.19 22.99 -17.26
N THR A 17 -7.19 22.25 -16.76
CA THR A 17 -6.04 22.87 -16.13
C THR A 17 -4.73 22.34 -16.72
N GLU A 18 -3.66 23.09 -16.54
CA GLU A 18 -2.35 22.68 -17.06
C GLU A 18 -1.34 22.54 -15.93
N VAL A 19 -1.76 21.93 -14.82
CA VAL A 19 -0.89 21.74 -13.68
C VAL A 19 -0.67 20.26 -13.39
N TYR A 20 0.47 19.94 -12.78
CA TYR A 20 0.81 18.56 -12.46
C TYR A 20 0.38 18.22 -11.03
N ALA A 21 -0.02 19.23 -10.28
CA ALA A 21 -0.45 19.04 -8.90
C ALA A 21 0.33 17.92 -8.23
N LYS A 22 1.61 17.80 -8.59
CA LYS A 22 2.47 16.77 -8.02
C LYS A 22 3.50 17.38 -7.08
N ALA A 23 3.76 16.69 -5.97
CA ALA A 23 4.72 17.17 -4.99
C ALA A 23 5.25 16.02 -4.13
N ASN A 24 6.43 16.20 -3.57
CA ASN A 24 7.05 15.18 -2.73
C ASN A 24 7.48 15.75 -1.39
N SER A 25 6.61 16.57 -0.80
CA SER A 25 6.90 17.18 0.50
C SER A 25 6.70 16.19 1.63
N PHE A 26 5.46 15.71 1.78
CA PHE A 26 5.13 14.76 2.83
C PHE A 26 3.70 14.23 2.67
N THR A 27 3.58 12.92 2.49
CA THR A 27 2.27 12.30 2.31
C THR A 27 2.12 11.09 3.23
N VAL A 28 1.00 11.03 3.94
CA VAL A 28 0.74 9.91 4.85
C VAL A 28 -0.62 9.28 4.55
N SER A 29 -0.58 8.02 4.08
CA SER A 29 -1.79 7.29 3.74
C SER A 29 -1.80 5.92 4.41
N SER A 30 -2.99 5.33 4.52
CA SER A 30 -3.14 4.03 5.13
C SER A 30 -3.65 3.00 4.12
N VAL A 31 -3.36 1.73 4.37
CA VAL A 31 -3.80 0.65 3.48
C VAL A 31 -4.70 -0.33 4.22
N ALA A 32 -5.93 -0.48 3.74
CA ALA A 32 -6.89 -1.39 4.34
C ALA A 32 -6.35 -2.82 4.35
N ALA A 33 -5.90 -3.26 5.52
CA ALA A 33 -5.37 -4.61 5.67
C ALA A 33 -5.82 -5.24 6.99
N PRO A 34 -6.08 -6.55 6.96
CA PRO A 34 -6.53 -7.30 8.14
C PRO A 34 -5.41 -7.45 9.18
N SER A 35 -5.75 -8.06 10.31
CA SER A 35 -4.79 -8.25 11.39
C SER A 35 -4.63 -9.74 11.69
N TRP A 36 -5.64 -10.52 11.34
CA TRP A 36 -5.60 -11.97 11.57
C TRP A 36 -4.44 -12.62 10.83
N LEU A 37 -3.94 -11.93 9.82
CA LEU A 37 -2.83 -12.44 9.01
C LEU A 37 -1.57 -11.61 9.25
N HIS A 38 -1.55 -10.86 10.34
CA HIS A 38 -0.40 -10.03 10.67
C HIS A 38 0.84 -10.89 10.93
N ARG A 39 0.62 -12.16 11.22
CA ARG A 39 1.72 -13.09 11.49
C ARG A 39 2.40 -13.51 10.19
N PHE A 40 1.60 -13.67 9.13
CA PHE A 40 2.13 -14.08 7.84
C PHE A 40 2.63 -12.87 7.05
N ILE A 41 1.94 -11.74 7.21
CA ILE A 41 2.32 -10.51 6.52
C ILE A 41 3.71 -10.04 6.95
N ILE A 42 4.00 -10.20 8.23
CA ILE A 42 5.31 -9.79 8.77
C ILE A 42 6.37 -10.83 8.47
N GLY A 43 6.05 -12.09 8.75
CA GLY A 43 6.99 -13.17 8.51
C GLY A 43 7.82 -13.49 9.73
N LYS A 44 8.71 -14.47 9.60
CA LYS A 44 9.57 -14.88 10.71
C LYS A 44 10.66 -13.84 10.95
N LYS A 45 10.77 -13.39 12.20
CA LYS A 45 11.77 -12.40 12.57
C LYS A 45 11.78 -11.24 11.58
N GLY A 46 10.59 -10.81 11.17
CA GLY A 46 10.48 -9.70 10.23
C GLY A 46 11.34 -9.91 9.00
N GLN A 47 10.78 -10.60 8.01
CA GLN A 47 11.50 -10.86 6.77
C GLN A 47 10.87 -10.13 5.59
N ASN A 48 9.57 -10.37 5.39
CA ASN A 48 8.85 -9.72 4.30
C ASN A 48 8.94 -8.21 4.41
N LEU A 49 8.77 -7.70 5.62
CA LEU A 49 8.84 -6.26 5.85
C LEU A 49 10.24 -5.73 5.59
N ALA A 50 11.24 -6.37 6.18
CA ALA A 50 12.63 -5.97 6.02
C ALA A 50 12.94 -5.69 4.55
N LYS A 51 12.52 -6.60 3.68
CA LYS A 51 12.76 -6.45 2.25
C LYS A 51 12.16 -5.15 1.73
N ILE A 52 10.85 -5.01 1.84
CA ILE A 52 10.16 -3.81 1.38
C ILE A 52 10.83 -2.55 1.94
N THR A 53 10.90 -2.46 3.26
CA THR A 53 11.52 -1.31 3.91
C THR A 53 12.93 -1.07 3.39
N GLN A 54 13.66 -2.16 3.16
CA GLN A 54 15.02 -2.07 2.66
C GLN A 54 15.06 -1.42 1.28
N GLN A 55 14.11 -1.79 0.43
CA GLN A 55 14.03 -1.25 -0.92
C GLN A 55 13.44 0.16 -0.90
N MET A 56 12.59 0.43 0.08
CA MET A 56 11.96 1.74 0.21
C MET A 56 12.09 2.27 1.63
N PRO A 57 13.26 2.84 1.94
CA PRO A 57 13.55 3.39 3.27
C PRO A 57 12.75 4.67 3.54
N LYS A 58 12.46 5.42 2.49
CA LYS A 58 11.70 6.66 2.62
C LYS A 58 10.31 6.39 3.21
N VAL A 59 9.69 5.30 2.76
CA VAL A 59 8.36 4.94 3.25
C VAL A 59 8.44 4.28 4.63
N HIS A 60 7.45 4.56 5.46
CA HIS A 60 7.40 4.00 6.80
C HIS A 60 6.18 3.11 6.99
N ILE A 61 6.41 1.81 7.07
CA ILE A 61 5.32 0.85 7.25
C ILE A 61 5.05 0.59 8.72
N GLU A 62 3.79 0.73 9.12
CA GLU A 62 3.39 0.51 10.50
C GLU A 62 2.27 -0.53 10.59
N PHE A 63 2.22 -1.22 11.72
CA PHE A 63 1.20 -2.25 11.94
C PHE A 63 0.44 -2.00 13.24
N THR A 64 -0.83 -1.61 13.12
CA THR A 64 -1.66 -1.34 14.28
C THR A 64 -2.19 -2.63 14.90
N GLU A 65 -3.03 -2.50 15.92
CA GLU A 65 -3.61 -3.65 16.59
C GLU A 65 -5.09 -3.78 16.27
N GLY A 66 -5.87 -2.78 16.68
CA GLY A 66 -7.29 -2.79 16.43
C GLY A 66 -7.67 -2.12 15.12
N GLU A 67 -7.05 -0.98 14.85
CA GLU A 67 -7.32 -0.23 13.62
C GLU A 67 -7.32 -1.16 12.41
N ASP A 68 -6.69 -2.32 12.56
CA ASP A 68 -6.61 -3.30 11.47
C ASP A 68 -6.28 -2.61 10.15
N LYS A 69 -5.18 -1.86 10.13
CA LYS A 69 -4.76 -1.16 8.93
C LYS A 69 -3.25 -0.88 8.97
N ILE A 70 -2.70 -0.47 7.84
CA ILE A 70 -1.29 -0.16 7.74
C ILE A 70 -1.06 1.31 7.44
N THR A 71 -0.37 2.01 8.35
CA THR A 71 -0.09 3.43 8.18
C THR A 71 1.24 3.63 7.46
N LEU A 72 1.20 4.39 6.36
CA LEU A 72 2.39 4.66 5.58
C LEU A 72 2.82 6.12 5.74
N GLU A 73 4.12 6.39 5.53
CA GLU A 73 4.65 7.74 5.65
C GLU A 73 5.80 7.96 4.68
N GLY A 74 5.65 8.95 3.81
CA GLY A 74 6.68 9.24 2.84
C GLY A 74 6.15 9.99 1.63
N PRO A 75 7.00 10.15 0.60
CA PRO A 75 6.63 10.84 -0.64
C PRO A 75 5.62 10.06 -1.46
N THR A 76 4.55 10.74 -1.89
CA THR A 76 3.52 10.11 -2.69
C THR A 76 4.13 9.17 -3.73
N GLU A 77 5.24 9.59 -4.32
CA GLU A 77 5.92 8.78 -5.34
C GLU A 77 6.22 7.39 -4.82
N ASP A 78 6.92 7.33 -3.69
CA ASP A 78 7.27 6.05 -3.08
C ASP A 78 6.05 5.39 -2.44
N VAL A 79 5.33 6.17 -1.64
CA VAL A 79 4.14 5.66 -0.96
C VAL A 79 3.24 4.89 -1.93
N SER A 80 3.09 5.43 -3.14
CA SER A 80 2.25 4.79 -4.15
C SER A 80 2.77 3.41 -4.48
N VAL A 81 4.09 3.25 -4.49
CA VAL A 81 4.70 1.96 -4.80
C VAL A 81 4.65 1.03 -3.59
N ALA A 82 5.16 1.49 -2.46
CA ALA A 82 5.16 0.70 -1.24
C ALA A 82 3.75 0.26 -0.87
N GLN A 83 2.82 1.20 -0.87
CA GLN A 83 1.42 0.92 -0.53
C GLN A 83 0.84 -0.09 -1.51
N GLU A 84 1.18 0.04 -2.79
CA GLU A 84 0.68 -0.85 -3.82
C GLU A 84 1.25 -2.26 -3.64
N GLN A 85 2.54 -2.34 -3.31
CA GLN A 85 3.19 -3.63 -3.10
C GLN A 85 2.51 -4.42 -2.00
N ILE A 86 2.06 -3.72 -0.96
CA ILE A 86 1.39 -4.37 0.16
C ILE A 86 -0.03 -4.76 -0.21
N GLU A 87 -0.63 -4.01 -1.13
CA GLU A 87 -1.99 -4.28 -1.57
C GLU A 87 -2.05 -5.56 -2.41
N GLY A 88 -0.92 -5.93 -2.98
CA GLY A 88 -0.86 -7.13 -3.79
C GLY A 88 -0.62 -8.38 -2.97
N MET A 89 0.36 -8.32 -2.08
CA MET A 89 0.69 -9.46 -1.22
C MET A 89 -0.46 -9.79 -0.28
N VAL A 90 -1.15 -8.74 0.18
CA VAL A 90 -2.29 -8.93 1.08
C VAL A 90 -3.46 -9.58 0.37
N LYS A 91 -3.76 -9.11 -0.83
CA LYS A 91 -4.87 -9.65 -1.61
C LYS A 91 -4.58 -11.09 -2.02
N ASP A 92 -3.34 -11.36 -2.43
CA ASP A 92 -2.95 -12.70 -2.84
C ASP A 92 -3.00 -13.67 -1.66
N LEU A 93 -2.74 -13.15 -0.46
CA LEU A 93 -2.76 -13.96 0.75
C LEU A 93 -4.19 -14.27 1.18
N ILE A 94 -5.02 -13.24 1.21
CA ILE A 94 -6.42 -13.40 1.61
C ILE A 94 -7.15 -14.34 0.65
N ASN A 95 -6.79 -14.28 -0.63
CA ASN A 95 -7.40 -15.13 -1.64
C ASN A 95 -6.92 -16.56 -1.53
N ARG A 96 -5.72 -16.74 -0.98
CA ARG A 96 -5.13 -18.07 -0.81
C ARG A 96 -5.20 -18.51 0.64
N SER A 97 -6.41 -18.87 1.09
CA SER A 97 -6.61 -19.31 2.45
C SER A 97 -7.02 -20.78 2.50
N GLY A 98 -6.97 -21.37 3.69
CA GLY A 98 -7.35 -22.77 3.84
C GLY A 98 -8.24 -23.00 5.04
N PRO A 99 -9.13 -24.00 4.94
CA PRO A 99 -10.06 -24.34 6.02
C PRO A 99 -9.36 -24.96 7.22
N SER A 100 -9.51 -24.34 8.38
CA SER A 100 -8.89 -24.83 9.60
C SER A 100 -9.01 -26.34 9.71
N SER A 101 -8.15 -26.95 10.52
CA SER A 101 -8.16 -28.39 10.71
C SER A 101 -7.56 -28.77 12.06
N GLY A 102 -8.09 -29.84 12.65
CA GLY A 102 -7.59 -30.29 13.95
C GLY A 102 -6.08 -30.24 14.04
N GLY A 1 14.80 17.00 9.83
CA GLY A 1 13.44 17.46 10.02
C GLY A 1 12.62 16.51 10.87
N SER A 2 12.48 16.84 12.15
CA SER A 2 11.72 16.01 13.07
C SER A 2 10.71 16.85 13.86
N SER A 3 11.16 17.98 14.37
CA SER A 3 10.29 18.87 15.13
C SER A 3 9.22 19.48 14.25
N GLY A 4 8.30 20.22 14.86
CA GLY A 4 7.23 20.85 14.12
C GLY A 4 5.87 20.29 14.47
N SER A 5 4.83 20.78 13.80
CA SER A 5 3.47 20.32 14.05
C SER A 5 2.89 19.63 12.82
N SER A 6 1.71 19.03 12.98
CA SER A 6 1.06 18.32 11.88
C SER A 6 -0.37 18.84 11.70
N GLY A 7 -0.85 18.80 10.47
CA GLY A 7 -2.20 19.27 10.17
C GLY A 7 -2.39 19.62 8.72
N GLU A 8 -2.92 18.67 7.95
CA GLU A 8 -3.16 18.88 6.53
C GLU A 8 -4.65 18.94 6.22
N PRO A 9 -5.04 19.92 5.38
CA PRO A 9 -6.44 20.12 4.99
C PRO A 9 -6.96 19.00 4.10
N GLU A 10 -8.24 19.06 3.75
CA GLU A 10 -8.86 18.05 2.89
C GLU A 10 -8.11 17.95 1.56
N LYS A 11 -7.99 16.73 1.05
CA LYS A 11 -7.31 16.49 -0.22
C LYS A 11 -8.28 15.94 -1.26
N LEU A 12 -8.43 16.66 -2.36
CA LEU A 12 -9.33 16.24 -3.43
C LEU A 12 -8.57 16.12 -4.75
N GLY A 13 -8.49 14.89 -5.27
CA GLY A 13 -7.80 14.66 -6.52
C GLY A 13 -8.59 15.13 -7.72
N GLN A 14 -8.57 16.43 -7.98
CA GLN A 14 -9.30 17.01 -9.10
C GLN A 14 -8.40 17.11 -10.33
N ALA A 15 -8.87 16.55 -11.44
CA ALA A 15 -8.11 16.58 -12.70
C ALA A 15 -6.66 16.14 -12.47
N LEU A 16 -6.48 15.10 -11.67
CA LEU A 16 -5.15 14.58 -11.38
C LEU A 16 -4.13 15.72 -11.32
N THR A 17 -4.50 16.81 -10.66
CA THR A 17 -3.63 17.96 -10.52
C THR A 17 -2.71 17.82 -9.31
N GLU A 18 -1.78 18.75 -9.16
CA GLU A 18 -0.85 18.73 -8.04
C GLU A 18 -1.26 19.74 -6.97
N VAL A 19 -2.15 19.30 -6.07
CA VAL A 19 -2.62 20.16 -4.99
C VAL A 19 -1.47 20.68 -4.14
N TYR A 20 -1.74 21.71 -3.34
CA TYR A 20 -0.72 22.29 -2.48
C TYR A 20 -0.59 21.52 -1.18
N ALA A 21 -1.19 20.33 -1.14
CA ALA A 21 -1.14 19.48 0.05
C ALA A 21 0.19 18.76 0.16
N LYS A 22 1.28 19.49 -0.06
CA LYS A 22 2.62 18.92 0.01
C LYS A 22 3.42 19.59 1.13
N ALA A 23 3.37 19.00 2.32
CA ALA A 23 4.10 19.52 3.47
C ALA A 23 5.53 19.02 3.49
N ASN A 24 6.39 19.64 2.69
CA ASN A 24 7.79 19.25 2.61
C ASN A 24 7.93 17.82 2.09
N SER A 25 7.14 17.50 1.07
CA SER A 25 7.18 16.16 0.48
C SER A 25 6.88 15.09 1.53
N PHE A 26 5.87 15.34 2.34
CA PHE A 26 5.47 14.41 3.40
C PHE A 26 4.01 14.02 3.26
N THR A 27 3.76 12.74 2.98
CA THR A 27 2.40 12.24 2.83
C THR A 27 2.19 10.95 3.62
N VAL A 28 1.05 10.86 4.30
CA VAL A 28 0.73 9.67 5.09
C VAL A 28 -0.61 9.08 4.67
N SER A 29 -0.57 7.88 4.12
CA SER A 29 -1.78 7.20 3.67
C SER A 29 -1.91 5.83 4.34
N SER A 30 -3.12 5.28 4.29
CA SER A 30 -3.38 3.98 4.89
C SER A 30 -3.86 2.97 3.85
N VAL A 31 -3.66 1.69 4.12
CA VAL A 31 -4.08 0.63 3.21
C VAL A 31 -4.97 -0.38 3.91
N ALA A 32 -6.16 -0.60 3.35
CA ALA A 32 -7.10 -1.56 3.92
C ALA A 32 -6.48 -2.94 4.05
N ALA A 33 -6.27 -3.38 5.28
CA ALA A 33 -5.69 -4.69 5.54
C ALA A 33 -6.16 -5.26 6.88
N PRO A 34 -6.38 -6.59 6.92
CA PRO A 34 -6.84 -7.27 8.12
C PRO A 34 -5.76 -7.31 9.21
N SER A 35 -6.01 -8.12 10.24
CA SER A 35 -5.07 -8.24 11.35
C SER A 35 -4.78 -9.71 11.66
N TRP A 36 -5.78 -10.56 11.44
CA TRP A 36 -5.65 -11.98 11.69
C TRP A 36 -4.42 -12.55 10.99
N LEU A 37 -3.97 -11.85 9.95
CA LEU A 37 -2.80 -12.28 9.18
C LEU A 37 -1.61 -11.36 9.45
N HIS A 38 -1.55 -10.81 10.66
CA HIS A 38 -0.46 -9.92 11.03
C HIS A 38 0.85 -10.68 11.20
N ARG A 39 0.73 -11.98 11.47
CA ARG A 39 1.91 -12.82 11.66
C ARG A 39 2.45 -13.31 10.31
N PHE A 40 1.56 -13.46 9.34
CA PHE A 40 1.95 -13.91 8.01
C PHE A 40 2.42 -12.75 7.16
N ILE A 41 1.70 -11.63 7.23
CA ILE A 41 2.04 -10.44 6.46
C ILE A 41 3.44 -9.96 6.80
N ILE A 42 3.88 -10.24 8.02
CA ILE A 42 5.22 -9.84 8.47
C ILE A 42 6.26 -10.89 8.11
N GLY A 43 5.99 -12.13 8.50
CA GLY A 43 6.91 -13.22 8.22
C GLY A 43 7.56 -13.77 9.48
N LYS A 44 7.69 -15.09 9.54
CA LYS A 44 8.29 -15.74 10.69
C LYS A 44 9.56 -15.01 11.13
N LYS A 45 10.45 -14.76 10.18
CA LYS A 45 11.70 -14.07 10.48
C LYS A 45 11.74 -12.71 9.78
N GLY A 46 10.62 -11.99 9.85
CA GLY A 46 10.56 -10.68 9.23
C GLY A 46 11.33 -10.60 7.93
N GLN A 47 10.65 -10.90 6.82
CA GLN A 47 11.29 -10.87 5.51
C GLN A 47 10.48 -10.02 4.53
N ASN A 48 9.19 -10.34 4.41
CA ASN A 48 8.30 -9.62 3.50
C ASN A 48 8.37 -8.11 3.76
N LEU A 49 8.51 -7.75 5.03
CA LEU A 49 8.59 -6.34 5.42
C LEU A 49 10.01 -5.81 5.24
N ALA A 50 10.95 -6.44 5.91
CA ALA A 50 12.35 -6.03 5.82
C ALA A 50 12.76 -5.77 4.37
N LYS A 51 12.35 -6.67 3.48
CA LYS A 51 12.66 -6.54 2.06
C LYS A 51 12.12 -5.24 1.50
N ILE A 52 10.80 -5.05 1.62
CA ILE A 52 10.15 -3.85 1.12
C ILE A 52 10.86 -2.59 1.62
N THR A 53 10.94 -2.45 2.93
CA THR A 53 11.60 -1.28 3.52
C THR A 53 13.03 -1.14 3.02
N GLN A 54 13.66 -2.27 2.71
CA GLN A 54 15.03 -2.27 2.20
C GLN A 54 15.13 -1.48 0.90
N GLN A 55 14.26 -1.80 -0.05
CA GLN A 55 14.25 -1.11 -1.33
C GLN A 55 13.73 0.31 -1.20
N MET A 56 12.79 0.50 -0.28
CA MET A 56 12.21 1.83 -0.04
C MET A 56 12.35 2.23 1.42
N PRO A 57 13.53 2.74 1.79
CA PRO A 57 13.83 3.17 3.15
C PRO A 57 13.06 4.44 3.53
N LYS A 58 12.85 5.31 2.56
CA LYS A 58 12.13 6.56 2.79
C LYS A 58 10.73 6.29 3.33
N VAL A 59 10.15 5.17 2.91
CA VAL A 59 8.81 4.78 3.37
C VAL A 59 8.87 4.07 4.71
N HIS A 60 7.89 4.37 5.57
CA HIS A 60 7.82 3.75 6.89
C HIS A 60 6.53 2.95 7.05
N ILE A 61 6.66 1.64 7.15
CA ILE A 61 5.50 0.77 7.31
C ILE A 61 5.09 0.67 8.78
N GLU A 62 3.82 0.98 9.06
CA GLU A 62 3.31 0.93 10.41
C GLU A 62 2.08 0.03 10.50
N PHE A 63 2.01 -0.79 11.55
CA PHE A 63 0.90 -1.70 11.75
C PHE A 63 0.14 -1.37 13.03
N THR A 64 -1.18 -1.32 12.94
CA THR A 64 -2.02 -1.01 14.09
C THR A 64 -2.62 -2.28 14.68
N GLU A 65 -2.37 -2.50 15.97
CA GLU A 65 -2.88 -3.67 16.66
C GLU A 65 -4.28 -3.41 17.20
N GLY A 66 -5.11 -2.75 16.40
CA GLY A 66 -6.47 -2.45 16.83
C GLY A 66 -7.28 -1.82 15.72
N GLU A 67 -6.66 -0.92 14.96
CA GLU A 67 -7.36 -0.24 13.87
C GLU A 67 -7.56 -1.19 12.69
N ASP A 68 -6.80 -2.27 12.66
CA ASP A 68 -6.90 -3.25 11.58
C ASP A 68 -6.61 -2.61 10.23
N LYS A 69 -5.52 -1.86 10.17
CA LYS A 69 -5.12 -1.19 8.94
C LYS A 69 -3.62 -0.91 8.93
N ILE A 70 -3.07 -0.64 7.74
CA ILE A 70 -1.66 -0.36 7.59
C ILE A 70 -1.43 1.10 7.24
N THR A 71 -0.57 1.78 8.01
CA THR A 71 -0.28 3.18 7.78
C THR A 71 1.10 3.35 7.14
N LEU A 72 1.21 4.28 6.20
CA LEU A 72 2.47 4.53 5.51
C LEU A 72 2.90 5.98 5.68
N GLU A 73 4.20 6.21 5.74
CA GLU A 73 4.74 7.55 5.90
C GLU A 73 5.87 7.81 4.91
N GLY A 74 5.73 8.87 4.11
CA GLY A 74 6.74 9.20 3.13
C GLY A 74 6.18 10.00 1.96
N PRO A 75 7.02 10.23 0.94
CA PRO A 75 6.62 10.98 -0.25
C PRO A 75 5.62 10.22 -1.10
N THR A 76 4.53 10.89 -1.49
CA THR A 76 3.49 10.28 -2.31
C THR A 76 4.10 9.40 -3.39
N GLU A 77 5.18 9.88 -4.01
CA GLU A 77 5.86 9.14 -5.06
C GLU A 77 6.19 7.72 -4.60
N ASP A 78 6.71 7.61 -3.38
CA ASP A 78 7.07 6.31 -2.82
C ASP A 78 5.85 5.62 -2.21
N VAL A 79 5.04 6.39 -1.48
CA VAL A 79 3.85 5.85 -0.85
C VAL A 79 3.03 5.02 -1.83
N SER A 80 2.89 5.52 -3.05
CA SER A 80 2.13 4.82 -4.08
C SER A 80 2.83 3.52 -4.49
N VAL A 81 4.14 3.47 -4.26
CA VAL A 81 4.93 2.29 -4.60
C VAL A 81 4.89 1.26 -3.47
N ALA A 82 5.25 1.70 -2.27
CA ALA A 82 5.25 0.82 -1.11
C ALA A 82 3.85 0.29 -0.81
N GLN A 83 2.87 1.18 -0.81
CA GLN A 83 1.48 0.81 -0.54
C GLN A 83 0.99 -0.21 -1.57
N GLU A 84 1.40 -0.03 -2.82
CA GLU A 84 1.00 -0.93 -3.89
C GLU A 84 1.58 -2.32 -3.67
N GLN A 85 2.86 -2.38 -3.33
CA GLN A 85 3.54 -3.64 -3.10
C GLN A 85 2.86 -4.43 -1.99
N ILE A 86 2.49 -3.73 -0.91
CA ILE A 86 1.82 -4.37 0.22
C ILE A 86 0.46 -4.93 -0.19
N GLU A 87 -0.31 -4.14 -0.93
CA GLU A 87 -1.62 -4.57 -1.38
C GLU A 87 -1.53 -5.86 -2.18
N GLY A 88 -0.44 -6.00 -2.95
CA GLY A 88 -0.26 -7.19 -3.75
C GLY A 88 -0.10 -8.45 -2.90
N MET A 89 0.73 -8.36 -1.88
CA MET A 89 0.97 -9.50 -1.00
C MET A 89 -0.24 -9.76 -0.11
N VAL A 90 -0.99 -8.71 0.19
CA VAL A 90 -2.18 -8.82 1.02
C VAL A 90 -3.29 -9.56 0.29
N LYS A 91 -3.71 -9.02 -0.85
CA LYS A 91 -4.77 -9.62 -1.64
C LYS A 91 -4.56 -11.13 -1.78
N ASP A 92 -3.31 -11.52 -1.98
CA ASP A 92 -2.97 -12.93 -2.12
C ASP A 92 -3.24 -13.70 -0.84
N LEU A 93 -2.88 -13.09 0.30
CA LEU A 93 -3.09 -13.71 1.59
C LEU A 93 -4.55 -14.08 1.79
N ILE A 94 -5.45 -13.26 1.25
CA ILE A 94 -6.88 -13.50 1.36
C ILE A 94 -7.37 -14.45 0.27
N ASN A 95 -7.00 -14.15 -0.97
CA ASN A 95 -7.41 -14.98 -2.11
C ASN A 95 -7.07 -16.45 -1.85
N ARG A 96 -5.86 -16.69 -1.35
CA ARG A 96 -5.42 -18.05 -1.06
C ARG A 96 -6.41 -18.76 -0.13
N SER A 97 -7.14 -17.98 0.64
CA SER A 97 -8.12 -18.53 1.57
C SER A 97 -9.47 -18.76 0.88
N GLY A 98 -9.96 -17.74 0.19
CA GLY A 98 -11.22 -17.85 -0.50
C GLY A 98 -11.19 -17.18 -1.88
N PRO A 99 -11.91 -17.77 -2.84
CA PRO A 99 -11.98 -17.24 -4.21
C PRO A 99 -12.76 -15.94 -4.28
N SER A 100 -12.11 -14.89 -4.78
CA SER A 100 -12.74 -13.58 -4.90
C SER A 100 -12.57 -13.04 -6.32
N SER A 101 -13.38 -12.03 -6.65
CA SER A 101 -13.32 -11.42 -7.98
C SER A 101 -12.98 -9.93 -7.88
N GLY A 102 -11.84 -9.56 -8.46
CA GLY A 102 -11.41 -8.18 -8.42
C GLY A 102 -11.36 -7.62 -7.01
N GLY A 1 21.73 13.37 15.42
CA GLY A 1 21.65 12.25 16.33
C GLY A 1 21.01 12.64 17.66
N SER A 2 19.90 11.98 17.97
CA SER A 2 19.19 12.26 19.22
C SER A 2 18.65 10.97 19.84
N SER A 3 18.64 10.91 21.16
CA SER A 3 18.15 9.74 21.88
C SER A 3 17.00 10.11 22.80
N GLY A 4 16.03 9.20 22.91
CA GLY A 4 14.88 9.44 23.75
C GLY A 4 13.88 10.40 23.12
N SER A 5 12.63 10.34 23.57
CA SER A 5 11.59 11.19 23.04
C SER A 5 11.09 12.16 24.11
N SER A 6 10.90 11.65 25.32
CA SER A 6 10.43 12.46 26.43
C SER A 6 9.15 13.21 26.04
N GLY A 7 8.21 12.49 25.44
CA GLY A 7 6.95 13.09 25.04
C GLY A 7 5.89 12.07 24.70
N GLU A 8 5.50 12.02 23.44
CA GLU A 8 4.48 11.07 22.99
C GLU A 8 3.33 10.99 24.00
N PRO A 9 2.79 12.16 24.37
CA PRO A 9 1.68 12.25 25.33
C PRO A 9 0.38 11.71 24.75
N GLU A 10 -0.71 11.88 25.51
CA GLU A 10 -2.01 11.40 25.08
C GLU A 10 -2.65 12.38 24.08
N LYS A 11 -2.90 11.89 22.87
CA LYS A 11 -3.50 12.71 21.82
C LYS A 11 -3.93 11.85 20.63
N LEU A 12 -5.00 12.26 19.98
CA LEU A 12 -5.51 11.53 18.82
C LEU A 12 -5.37 12.36 17.54
N GLY A 13 -5.46 13.68 17.68
CA GLY A 13 -5.32 14.56 16.54
C GLY A 13 -6.44 14.35 15.53
N GLN A 14 -6.89 15.45 14.91
CA GLN A 14 -7.95 15.39 13.93
C GLN A 14 -8.08 16.71 13.18
N ALA A 15 -8.55 16.65 11.94
CA ALA A 15 -8.73 17.84 11.13
C ALA A 15 -9.56 17.54 9.88
N LEU A 16 -10.44 18.46 9.54
CA LEU A 16 -11.31 18.30 8.37
C LEU A 16 -10.91 19.27 7.26
N THR A 17 -10.35 18.73 6.19
CA THR A 17 -9.93 19.55 5.05
C THR A 17 -10.36 18.92 3.73
N GLU A 18 -10.66 19.77 2.75
CA GLU A 18 -11.08 19.29 1.44
C GLU A 18 -10.26 18.08 1.01
N VAL A 19 -10.85 17.23 0.19
CA VAL A 19 -10.18 16.03 -0.31
C VAL A 19 -9.59 16.26 -1.69
N TYR A 20 -9.53 17.52 -2.11
CA TYR A 20 -8.99 17.88 -3.41
C TYR A 20 -7.72 18.70 -3.27
N ALA A 21 -7.40 19.07 -2.03
CA ALA A 21 -6.20 19.86 -1.76
C ALA A 21 -5.79 19.74 -0.29
N LYS A 22 -4.58 20.17 0.01
CA LYS A 22 -4.05 20.11 1.38
C LYS A 22 -2.69 20.77 1.47
N ALA A 23 -2.33 21.19 2.67
CA ALA A 23 -1.03 21.84 2.90
C ALA A 23 -0.13 20.98 3.79
N ASN A 24 0.64 20.11 3.16
CA ASN A 24 1.55 19.23 3.90
C ASN A 24 2.42 18.42 2.94
N SER A 25 3.73 18.55 3.09
CA SER A 25 4.67 17.84 2.24
C SER A 25 4.59 16.33 2.48
N PHE A 26 4.89 15.92 3.71
CA PHE A 26 4.84 14.51 4.06
C PHE A 26 3.52 13.87 3.64
N THR A 27 3.60 12.67 3.09
CA THR A 27 2.40 11.95 2.64
C THR A 27 2.19 10.69 3.46
N VAL A 28 1.10 10.67 4.23
CA VAL A 28 0.76 9.52 5.05
C VAL A 28 -0.58 8.92 4.64
N SER A 29 -0.53 7.74 4.04
CA SER A 29 -1.74 7.06 3.59
C SER A 29 -1.81 5.64 4.17
N SER A 30 -3.03 5.18 4.45
CA SER A 30 -3.23 3.85 5.00
C SER A 30 -3.80 2.90 3.95
N VAL A 31 -3.47 1.62 4.08
CA VAL A 31 -3.95 0.62 3.13
C VAL A 31 -4.83 -0.41 3.84
N ALA A 32 -6.06 -0.55 3.36
CA ALA A 32 -6.99 -1.51 3.93
C ALA A 32 -6.40 -2.91 3.98
N ALA A 33 -6.05 -3.36 5.18
CA ALA A 33 -5.47 -4.70 5.34
C ALA A 33 -5.85 -5.29 6.70
N PRO A 34 -6.12 -6.60 6.72
CA PRO A 34 -6.50 -7.31 7.95
C PRO A 34 -5.34 -7.44 8.92
N SER A 35 -5.59 -8.07 10.06
CA SER A 35 -4.57 -8.26 11.08
C SER A 35 -4.40 -9.74 11.42
N TRP A 36 -5.41 -10.53 11.10
CA TRP A 36 -5.39 -11.96 11.37
C TRP A 36 -4.22 -12.62 10.65
N LEU A 37 -3.70 -11.96 9.63
CA LEU A 37 -2.57 -12.48 8.86
C LEU A 37 -1.32 -11.63 9.07
N HIS A 38 -1.29 -10.91 10.19
CA HIS A 38 -0.15 -10.06 10.51
C HIS A 38 1.11 -10.90 10.75
N ARG A 39 0.93 -12.05 11.39
CA ARG A 39 2.04 -12.94 11.68
C ARG A 39 2.68 -13.45 10.40
N PHE A 40 1.90 -13.46 9.32
CA PHE A 40 2.38 -13.93 8.03
C PHE A 40 2.89 -12.76 7.18
N ILE A 41 2.13 -11.68 7.16
CA ILE A 41 2.50 -10.50 6.39
C ILE A 41 3.85 -9.96 6.85
N ILE A 42 4.11 -10.04 8.14
CA ILE A 42 5.37 -9.55 8.71
C ILE A 42 6.49 -10.55 8.45
N GLY A 43 6.28 -11.79 8.85
CA GLY A 43 7.28 -12.83 8.66
C GLY A 43 7.87 -13.31 9.96
N LYS A 44 8.32 -14.56 9.98
CA LYS A 44 8.90 -15.15 11.18
C LYS A 44 10.13 -14.36 11.63
N LYS A 45 10.96 -13.98 10.66
CA LYS A 45 12.17 -13.21 10.96
C LYS A 45 12.11 -11.82 10.32
N GLY A 46 10.93 -11.21 10.35
CA GLY A 46 10.77 -9.90 9.76
C GLY A 46 11.60 -9.70 8.52
N GLN A 47 11.40 -10.56 7.53
CA GLN A 47 12.14 -10.48 6.27
C GLN A 47 11.34 -9.74 5.21
N ASN A 48 10.07 -10.12 5.06
CA ASN A 48 9.19 -9.49 4.07
C ASN A 48 9.21 -7.98 4.22
N LEU A 49 9.10 -7.50 5.47
CA LEU A 49 9.11 -6.07 5.74
C LEU A 49 10.50 -5.49 5.54
N ALA A 50 11.48 -6.06 6.23
CA ALA A 50 12.86 -5.59 6.13
C ALA A 50 13.26 -5.37 4.66
N LYS A 51 12.98 -6.38 3.83
CA LYS A 51 13.31 -6.30 2.41
C LYS A 51 12.73 -5.04 1.78
N ILE A 52 11.41 -4.92 1.83
CA ILE A 52 10.72 -3.77 1.26
C ILE A 52 11.31 -2.46 1.80
N THR A 53 11.28 -2.32 3.13
CA THR A 53 11.81 -1.12 3.76
C THR A 53 13.22 -0.81 3.27
N GLN A 54 14.00 -1.86 3.05
CA GLN A 54 15.37 -1.69 2.58
C GLN A 54 15.41 -0.97 1.24
N GLN A 55 14.52 -1.38 0.33
CA GLN A 55 14.45 -0.77 -0.99
C GLN A 55 13.83 0.62 -0.92
N MET A 56 12.90 0.81 0.03
CA MET A 56 12.23 2.09 0.20
C MET A 56 12.27 2.53 1.67
N PRO A 57 13.39 3.13 2.08
CA PRO A 57 13.57 3.61 3.45
C PRO A 57 12.69 4.81 3.78
N LYS A 58 12.42 5.64 2.77
CA LYS A 58 11.59 6.81 2.94
C LYS A 58 10.19 6.43 3.44
N VAL A 59 9.65 5.36 2.86
CA VAL A 59 8.32 4.88 3.25
C VAL A 59 8.38 4.07 4.54
N HIS A 60 7.54 4.43 5.50
CA HIS A 60 7.50 3.74 6.79
C HIS A 60 6.21 2.91 6.91
N ILE A 61 6.36 1.59 6.88
CA ILE A 61 5.22 0.70 6.99
C ILE A 61 4.87 0.42 8.45
N GLU A 62 3.74 0.93 8.90
CA GLU A 62 3.29 0.73 10.27
C GLU A 62 2.07 -0.19 10.33
N PHE A 63 2.05 -1.06 11.33
CA PHE A 63 0.95 -1.99 11.50
C PHE A 63 0.11 -1.64 12.73
N THR A 64 -1.17 -1.38 12.51
CA THR A 64 -2.07 -1.04 13.60
C THR A 64 -2.67 -2.28 14.24
N GLU A 65 -3.44 -2.07 15.31
CA GLU A 65 -4.08 -3.18 16.01
C GLU A 65 -5.58 -3.19 15.77
N GLY A 66 -6.25 -2.12 16.18
CA GLY A 66 -7.69 -2.03 15.99
C GLY A 66 -8.06 -1.44 14.65
N GLU A 67 -7.26 -0.49 14.17
CA GLU A 67 -7.51 0.16 12.90
C GLU A 67 -7.58 -0.86 11.77
N ASP A 68 -7.03 -2.04 12.01
CA ASP A 68 -7.03 -3.11 11.02
C ASP A 68 -6.61 -2.58 9.65
N LYS A 69 -5.51 -1.83 9.63
CA LYS A 69 -4.99 -1.27 8.39
C LYS A 69 -3.50 -0.96 8.52
N ILE A 70 -2.86 -0.72 7.38
CA ILE A 70 -1.44 -0.41 7.35
C ILE A 70 -1.20 1.06 7.04
N THR A 71 -0.68 1.79 8.02
CA THR A 71 -0.39 3.21 7.84
C THR A 71 0.99 3.43 7.25
N LEU A 72 1.04 4.18 6.16
CA LEU A 72 2.31 4.48 5.49
C LEU A 72 2.74 5.91 5.74
N GLU A 73 4.05 6.15 5.67
CA GLU A 73 4.59 7.48 5.89
C GLU A 73 5.80 7.74 4.99
N GLY A 74 5.74 8.82 4.22
CA GLY A 74 6.83 9.16 3.32
C GLY A 74 6.36 9.92 2.10
N PRO A 75 7.24 10.04 1.10
CA PRO A 75 6.94 10.75 -0.15
C PRO A 75 5.91 10.02 -1.00
N THR A 76 4.85 10.73 -1.38
CA THR A 76 3.79 10.15 -2.19
C THR A 76 4.37 9.30 -3.31
N GLU A 77 5.55 9.67 -3.79
CA GLU A 77 6.21 8.94 -4.86
C GLU A 77 6.43 7.49 -4.47
N ASP A 78 7.20 7.28 -3.41
CA ASP A 78 7.50 5.92 -2.93
C ASP A 78 6.26 5.30 -2.28
N VAL A 79 5.60 6.08 -1.43
CA VAL A 79 4.41 5.60 -0.74
C VAL A 79 3.45 4.89 -1.71
N SER A 80 3.28 5.48 -2.88
CA SER A 80 2.40 4.90 -3.90
C SER A 80 2.86 3.51 -4.30
N VAL A 81 4.16 3.39 -4.56
CA VAL A 81 4.74 2.11 -4.96
C VAL A 81 4.64 1.09 -3.84
N ALA A 82 5.09 1.47 -2.65
CA ALA A 82 5.04 0.58 -1.49
C ALA A 82 3.61 0.17 -1.17
N GLN A 83 2.75 1.16 -0.92
CA GLN A 83 1.36 0.90 -0.61
C GLN A 83 0.73 -0.06 -1.61
N GLU A 84 1.19 0.03 -2.86
CA GLU A 84 0.67 -0.83 -3.92
C GLU A 84 1.22 -2.25 -3.78
N GLN A 85 2.49 -2.36 -3.43
CA GLN A 85 3.13 -3.67 -3.26
C GLN A 85 2.42 -4.47 -2.18
N ILE A 86 1.96 -3.79 -1.13
CA ILE A 86 1.28 -4.45 -0.03
C ILE A 86 -0.15 -4.82 -0.43
N GLU A 87 -0.74 -4.04 -1.32
CA GLU A 87 -2.10 -4.29 -1.77
C GLU A 87 -2.19 -5.62 -2.51
N GLY A 88 -1.06 -6.09 -3.03
CA GLY A 88 -1.02 -7.36 -3.74
C GLY A 88 -0.87 -8.54 -2.81
N MET A 89 0.14 -8.49 -1.96
CA MET A 89 0.40 -9.58 -1.01
C MET A 89 -0.77 -9.75 -0.05
N VAL A 90 -1.50 -8.65 0.20
CA VAL A 90 -2.65 -8.69 1.10
C VAL A 90 -3.82 -9.42 0.46
N LYS A 91 -4.12 -9.08 -0.79
CA LYS A 91 -5.21 -9.70 -1.51
C LYS A 91 -4.96 -11.20 -1.70
N ASP A 92 -3.75 -11.54 -2.11
CA ASP A 92 -3.38 -12.93 -2.32
C ASP A 92 -3.58 -13.76 -1.05
N LEU A 93 -3.16 -13.21 0.07
CA LEU A 93 -3.29 -13.89 1.36
C LEU A 93 -4.76 -14.16 1.67
N ILE A 94 -5.61 -13.19 1.39
CA ILE A 94 -7.04 -13.34 1.65
C ILE A 94 -7.67 -14.32 0.67
N ASN A 95 -7.27 -14.24 -0.59
CA ASN A 95 -7.79 -15.13 -1.62
C ASN A 95 -7.66 -16.59 -1.21
N ARG A 96 -6.51 -16.93 -0.62
CA ARG A 96 -6.25 -18.29 -0.18
C ARG A 96 -7.43 -18.83 0.63
N SER A 97 -7.81 -18.10 1.67
CA SER A 97 -8.91 -18.51 2.53
C SER A 97 -10.15 -17.65 2.27
N GLY A 98 -11.19 -18.26 1.72
CA GLY A 98 -12.41 -17.55 1.42
C GLY A 98 -13.18 -17.18 2.67
N PRO A 99 -14.39 -16.60 2.50
CA PRO A 99 -15.25 -16.20 3.60
C PRO A 99 -15.82 -17.39 4.36
N SER A 100 -15.53 -18.60 3.88
CA SER A 100 -16.01 -19.82 4.50
C SER A 100 -16.10 -19.66 6.02
N SER A 101 -15.03 -19.12 6.61
CA SER A 101 -14.98 -18.92 8.06
C SER A 101 -15.81 -17.70 8.46
N GLY A 102 -16.39 -17.75 9.65
CA GLY A 102 -17.19 -16.64 10.14
C GLY A 102 -18.62 -17.06 10.44
N GLY A 1 -9.88 22.03 -24.88
CA GLY A 1 -9.22 21.40 -23.75
C GLY A 1 -8.78 22.42 -22.71
N SER A 2 -8.73 21.98 -21.45
CA SER A 2 -8.34 22.85 -20.36
C SER A 2 -7.43 22.11 -19.37
N SER A 3 -6.71 22.88 -18.56
CA SER A 3 -5.79 22.30 -17.58
C SER A 3 -6.45 22.25 -16.21
N GLY A 4 -5.86 21.48 -15.29
CA GLY A 4 -6.39 21.36 -13.95
C GLY A 4 -6.06 22.56 -13.09
N SER A 5 -7.00 22.96 -12.25
CA SER A 5 -6.80 24.11 -11.37
C SER A 5 -7.22 23.78 -9.95
N SER A 6 -6.31 24.01 -9.00
CA SER A 6 -6.59 23.74 -7.59
C SER A 6 -7.97 24.24 -7.19
N GLY A 7 -8.45 23.80 -6.04
CA GLY A 7 -9.75 24.22 -5.56
C GLY A 7 -10.01 23.79 -4.13
N GLU A 8 -10.81 22.75 -3.97
CA GLU A 8 -11.15 22.24 -2.64
C GLU A 8 -9.88 22.05 -1.79
N PRO A 9 -10.00 22.30 -0.48
CA PRO A 9 -8.89 22.18 0.45
C PRO A 9 -8.48 20.72 0.67
N GLU A 10 -7.52 20.50 1.56
CA GLU A 10 -7.05 19.16 1.86
C GLU A 10 -7.88 18.53 2.98
N LYS A 11 -8.10 17.22 2.88
CA LYS A 11 -8.88 16.49 3.87
C LYS A 11 -8.44 15.04 3.94
N LEU A 12 -8.72 14.39 5.07
CA LEU A 12 -8.37 12.99 5.26
C LEU A 12 -9.10 12.10 4.26
N GLY A 13 -8.84 10.80 4.34
CA GLY A 13 -9.48 9.86 3.44
C GLY A 13 -10.98 10.08 3.34
N GLN A 14 -11.44 10.54 2.17
CA GLN A 14 -12.85 10.80 1.95
C GLN A 14 -13.31 10.20 0.63
N ALA A 15 -14.62 10.27 0.37
CA ALA A 15 -15.19 9.74 -0.85
C ALA A 15 -14.45 10.28 -2.07
N LEU A 16 -14.61 9.59 -3.20
CA LEU A 16 -13.96 10.00 -4.45
C LEU A 16 -14.83 10.99 -5.21
N THR A 17 -15.42 11.94 -4.49
CA THR A 17 -16.27 12.95 -5.11
C THR A 17 -15.45 13.98 -5.88
N GLU A 18 -14.13 13.87 -5.77
CA GLU A 18 -13.24 14.79 -6.46
C GLU A 18 -11.86 14.16 -6.67
N VAL A 19 -11.20 14.54 -7.76
CA VAL A 19 -9.88 14.00 -8.07
C VAL A 19 -8.95 14.11 -6.87
N TYR A 20 -7.91 13.27 -6.87
CA TYR A 20 -6.95 13.26 -5.78
C TYR A 20 -5.66 13.96 -6.18
N ALA A 21 -5.71 14.68 -7.30
CA ALA A 21 -4.55 15.40 -7.81
C ALA A 21 -4.26 16.63 -6.94
N LYS A 22 -3.22 16.52 -6.11
CA LYS A 22 -2.84 17.62 -5.23
C LYS A 22 -1.31 17.72 -5.11
N ALA A 23 -0.83 18.88 -4.69
CA ALA A 23 0.59 19.10 -4.53
C ALA A 23 0.97 19.23 -3.06
N ASN A 24 1.55 18.18 -2.50
CA ASN A 24 1.96 18.18 -1.10
C ASN A 24 3.36 17.59 -0.94
N SER A 25 4.06 18.02 0.11
CA SER A 25 5.40 17.54 0.37
C SER A 25 5.37 16.18 1.07
N PHE A 26 4.77 16.15 2.25
CA PHE A 26 4.67 14.91 3.03
C PHE A 26 3.31 14.26 2.84
N THR A 27 3.31 13.01 2.39
CA THR A 27 2.08 12.26 2.16
C THR A 27 1.95 11.10 3.13
N VAL A 28 0.86 11.08 3.88
CA VAL A 28 0.62 10.01 4.85
C VAL A 28 -0.75 9.37 4.62
N SER A 29 -0.73 8.13 4.12
CA SER A 29 -1.96 7.40 3.85
C SER A 29 -1.88 5.98 4.42
N SER A 30 -3.05 5.38 4.64
CA SER A 30 -3.11 4.02 5.18
C SER A 30 -3.70 3.06 4.15
N VAL A 31 -3.35 1.78 4.29
CA VAL A 31 -3.84 0.75 3.38
C VAL A 31 -4.70 -0.26 4.11
N ALA A 32 -5.92 -0.45 3.63
CA ALA A 32 -6.85 -1.40 4.24
C ALA A 32 -6.25 -2.80 4.27
N ALA A 33 -5.90 -3.26 5.46
CA ALA A 33 -5.31 -4.59 5.63
C ALA A 33 -5.78 -5.23 6.94
N PRO A 34 -6.05 -6.54 6.88
CA PRO A 34 -6.51 -7.30 8.05
C PRO A 34 -5.42 -7.47 9.10
N SER A 35 -5.77 -8.05 10.23
CA SER A 35 -4.82 -8.28 11.32
C SER A 35 -4.71 -9.77 11.64
N TRP A 36 -5.71 -10.53 11.23
CA TRP A 36 -5.73 -11.97 11.49
C TRP A 36 -4.56 -12.66 10.78
N LEU A 37 -3.91 -11.94 9.88
CA LEU A 37 -2.77 -12.48 9.14
C LEU A 37 -1.51 -11.68 9.42
N HIS A 38 -1.45 -11.06 10.60
CA HIS A 38 -0.29 -10.26 10.98
C HIS A 38 0.97 -11.12 11.06
N ARG A 39 0.79 -12.40 11.36
CA ARG A 39 1.91 -13.32 11.46
C ARG A 39 2.38 -13.76 10.08
N PHE A 40 1.49 -13.69 9.11
CA PHE A 40 1.80 -14.07 7.73
C PHE A 40 2.33 -12.89 6.93
N ILE A 41 1.80 -11.70 7.23
CA ILE A 41 2.20 -10.49 6.54
C ILE A 41 3.65 -10.13 6.87
N ILE A 42 4.09 -10.52 8.06
CA ILE A 42 5.46 -10.24 8.49
C ILE A 42 6.41 -11.33 8.03
N GLY A 43 6.05 -12.58 8.31
CA GLY A 43 6.89 -13.70 7.92
C GLY A 43 7.49 -14.42 9.10
N LYS A 44 7.97 -15.64 8.87
CA LYS A 44 8.57 -16.45 9.93
C LYS A 44 9.32 -15.56 10.92
N LYS A 45 9.99 -14.54 10.40
CA LYS A 45 10.76 -13.62 11.23
C LYS A 45 10.47 -12.17 10.85
N GLY A 46 10.67 -11.85 9.57
CA GLY A 46 10.42 -10.50 9.11
C GLY A 46 11.18 -10.18 7.84
N GLN A 47 11.20 -11.12 6.90
CA GLN A 47 11.90 -10.93 5.64
C GLN A 47 11.06 -10.13 4.66
N ASN A 48 9.76 -10.41 4.62
CA ASN A 48 8.85 -9.71 3.73
C ASN A 48 8.90 -8.20 3.98
N LEU A 49 8.87 -7.82 5.25
CA LEU A 49 8.92 -6.41 5.62
C LEU A 49 10.30 -5.82 5.37
N ALA A 50 11.32 -6.45 5.94
CA ALA A 50 12.70 -5.99 5.77
C ALA A 50 12.98 -5.65 4.31
N LYS A 51 12.52 -6.50 3.40
CA LYS A 51 12.71 -6.30 1.98
C LYS A 51 12.10 -4.98 1.53
N ILE A 52 10.81 -4.81 1.79
CA ILE A 52 10.10 -3.59 1.42
C ILE A 52 10.81 -2.36 1.95
N THR A 53 10.96 -2.29 3.27
CA THR A 53 11.62 -1.16 3.91
C THR A 53 13.00 -0.93 3.32
N GLN A 54 13.72 -2.01 3.05
CA GLN A 54 15.06 -1.92 2.47
C GLN A 54 15.04 -1.14 1.16
N GLN A 55 14.09 -1.49 0.30
CA GLN A 55 13.97 -0.82 -0.99
C GLN A 55 13.39 0.57 -0.83
N MET A 56 12.53 0.75 0.16
CA MET A 56 11.92 2.04 0.42
C MET A 56 12.11 2.46 1.89
N PRO A 57 13.28 3.03 2.20
CA PRO A 57 13.60 3.48 3.55
C PRO A 57 12.79 4.68 3.98
N LYS A 58 12.58 5.61 3.04
CA LYS A 58 11.81 6.81 3.32
C LYS A 58 10.40 6.47 3.80
N VAL A 59 9.84 5.40 3.25
CA VAL A 59 8.51 4.96 3.62
C VAL A 59 8.53 4.18 4.93
N HIS A 60 7.77 4.66 5.91
CA HIS A 60 7.70 4.00 7.21
C HIS A 60 6.46 3.12 7.31
N ILE A 61 6.67 1.82 7.48
CA ILE A 61 5.56 0.88 7.59
C ILE A 61 5.13 0.70 9.04
N GLU A 62 3.83 0.70 9.28
CA GLU A 62 3.29 0.53 10.63
C GLU A 62 2.09 -0.41 10.62
N PHE A 63 1.93 -1.16 11.71
CA PHE A 63 0.82 -2.10 11.83
C PHE A 63 -0.05 -1.75 13.02
N THR A 64 -1.36 -1.78 12.82
CA THR A 64 -2.31 -1.48 13.89
C THR A 64 -3.12 -2.71 14.29
N GLU A 65 -3.46 -2.79 15.57
CA GLU A 65 -4.23 -3.92 16.09
C GLU A 65 -5.73 -3.67 15.92
N GLY A 66 -6.20 -2.51 16.39
CA GLY A 66 -7.60 -2.18 16.28
C GLY A 66 -7.97 -1.59 14.94
N GLU A 67 -7.32 -0.48 14.60
CA GLU A 67 -7.58 0.20 13.33
C GLU A 67 -7.67 -0.82 12.19
N ASP A 68 -6.86 -1.86 12.26
CA ASP A 68 -6.84 -2.90 11.24
C ASP A 68 -6.45 -2.32 9.88
N LYS A 69 -5.35 -1.58 9.86
CA LYS A 69 -4.86 -0.96 8.63
C LYS A 69 -3.37 -0.65 8.74
N ILE A 70 -2.72 -0.49 7.59
CA ILE A 70 -1.29 -0.18 7.55
C ILE A 70 -1.05 1.29 7.24
N THR A 71 -0.47 2.00 8.20
CA THR A 71 -0.18 3.43 8.03
C THR A 71 1.15 3.63 7.33
N LEU A 72 1.12 4.32 6.20
CA LEU A 72 2.34 4.59 5.43
C LEU A 72 2.71 6.07 5.51
N GLU A 73 4.00 6.35 5.74
CA GLU A 73 4.49 7.71 5.83
C GLU A 73 5.62 7.95 4.84
N GLY A 74 5.45 8.95 3.98
CA GLY A 74 6.46 9.27 3.00
C GLY A 74 5.90 9.98 1.78
N PRO A 75 6.76 10.22 0.78
CA PRO A 75 6.36 10.90 -0.45
C PRO A 75 5.42 10.05 -1.31
N THR A 76 4.36 10.67 -1.81
CA THR A 76 3.40 9.97 -2.64
C THR A 76 4.09 9.08 -3.68
N GLU A 77 5.28 9.49 -4.09
CA GLU A 77 6.05 8.73 -5.07
C GLU A 77 6.37 7.34 -4.54
N ASP A 78 7.03 7.29 -3.39
CA ASP A 78 7.40 6.01 -2.78
C ASP A 78 6.18 5.33 -2.17
N VAL A 79 5.41 6.09 -1.40
CA VAL A 79 4.21 5.55 -0.76
C VAL A 79 3.38 4.74 -1.75
N SER A 80 3.26 5.24 -2.96
CA SER A 80 2.49 4.56 -4.00
C SER A 80 3.10 3.21 -4.33
N VAL A 81 4.42 3.18 -4.46
CA VAL A 81 5.13 1.95 -4.77
C VAL A 81 5.06 0.95 -3.63
N ALA A 82 5.32 1.43 -2.41
CA ALA A 82 5.28 0.58 -1.23
C ALA A 82 3.86 0.07 -0.97
N GLN A 83 2.93 1.01 -0.80
CA GLN A 83 1.54 0.65 -0.54
C GLN A 83 1.04 -0.36 -1.56
N GLU A 84 1.32 -0.10 -2.84
CA GLU A 84 0.89 -0.99 -3.90
C GLU A 84 1.46 -2.40 -3.70
N GLN A 85 2.74 -2.48 -3.38
CA GLN A 85 3.39 -3.76 -3.15
C GLN A 85 2.64 -4.58 -2.10
N ILE A 86 2.31 -3.94 -0.99
CA ILE A 86 1.58 -4.62 0.09
C ILE A 86 0.15 -4.92 -0.32
N GLU A 87 -0.41 -4.06 -1.16
CA GLU A 87 -1.78 -4.24 -1.62
C GLU A 87 -1.92 -5.53 -2.42
N GLY A 88 -0.82 -5.98 -3.01
CA GLY A 88 -0.83 -7.21 -3.78
C GLY A 88 -0.70 -8.44 -2.92
N MET A 89 0.33 -8.45 -2.07
CA MET A 89 0.57 -9.59 -1.19
C MET A 89 -0.58 -9.77 -0.20
N VAL A 90 -1.28 -8.68 0.10
CA VAL A 90 -2.41 -8.72 1.02
C VAL A 90 -3.58 -9.48 0.42
N LYS A 91 -4.09 -9.00 -0.70
CA LYS A 91 -5.21 -9.64 -1.38
C LYS A 91 -4.89 -11.10 -1.69
N ASP A 92 -3.71 -11.32 -2.27
CA ASP A 92 -3.29 -12.67 -2.64
C ASP A 92 -3.30 -13.59 -1.42
N LEU A 93 -2.80 -13.08 -0.29
CA LEU A 93 -2.76 -13.85 0.93
C LEU A 93 -4.16 -14.17 1.43
N ILE A 94 -5.10 -13.27 1.15
CA ILE A 94 -6.49 -13.45 1.58
C ILE A 94 -7.24 -14.35 0.60
N ASN A 95 -6.85 -14.30 -0.66
CA ASN A 95 -7.49 -15.12 -1.70
C ASN A 95 -7.25 -16.60 -1.44
N ARG A 96 -6.05 -16.93 -0.97
CA ARG A 96 -5.68 -18.31 -0.68
C ARG A 96 -6.78 -19.00 0.12
N SER A 97 -7.08 -18.47 1.29
CA SER A 97 -8.11 -19.04 2.16
C SER A 97 -9.50 -18.83 1.56
N GLY A 98 -10.38 -19.81 1.77
CA GLY A 98 -11.72 -19.72 1.24
C GLY A 98 -12.24 -21.05 0.73
N PRO A 99 -12.84 -21.84 1.63
CA PRO A 99 -13.39 -23.16 1.29
C PRO A 99 -14.62 -23.06 0.40
N SER A 100 -14.98 -21.84 0.03
CA SER A 100 -16.14 -21.61 -0.83
C SER A 100 -15.80 -21.86 -2.30
N SER A 101 -16.12 -23.04 -2.78
CA SER A 101 -15.84 -23.40 -4.17
C SER A 101 -17.08 -24.01 -4.83
N GLY A 102 -17.23 -23.77 -6.13
CA GLY A 102 -18.36 -24.30 -6.85
C GLY A 102 -18.24 -24.10 -8.36
N GLY A 1 -29.52 -22.83 -46.55
CA GLY A 1 -28.27 -22.51 -45.89
C GLY A 1 -27.47 -21.46 -46.64
N SER A 2 -26.64 -20.72 -45.91
CA SER A 2 -25.81 -19.67 -46.51
C SER A 2 -24.68 -19.28 -45.57
N SER A 3 -23.67 -18.60 -46.13
CA SER A 3 -22.52 -18.16 -45.36
C SER A 3 -21.69 -17.16 -46.14
N GLY A 4 -21.62 -15.93 -45.63
CA GLY A 4 -20.86 -14.89 -46.30
C GLY A 4 -19.60 -14.53 -45.53
N SER A 5 -19.02 -13.38 -45.88
CA SER A 5 -17.80 -12.92 -45.23
C SER A 5 -17.44 -11.51 -45.69
N SER A 6 -17.19 -10.63 -44.72
CA SER A 6 -16.85 -9.24 -45.02
C SER A 6 -15.96 -8.66 -43.92
N GLY A 7 -15.55 -7.40 -44.10
CA GLY A 7 -14.71 -6.75 -43.13
C GLY A 7 -13.96 -5.57 -43.71
N GLU A 8 -13.64 -4.59 -42.87
CA GLU A 8 -12.92 -3.40 -43.30
C GLU A 8 -11.89 -2.98 -42.26
N PRO A 9 -10.74 -2.48 -42.73
CA PRO A 9 -9.65 -2.03 -41.86
C PRO A 9 -10.01 -0.75 -41.10
N GLU A 10 -9.15 -0.37 -40.16
CA GLU A 10 -9.38 0.83 -39.37
C GLU A 10 -8.19 1.11 -38.45
N LYS A 11 -7.75 2.36 -38.43
CA LYS A 11 -6.63 2.76 -37.59
C LYS A 11 -6.83 4.16 -37.03
N LEU A 12 -7.06 4.24 -35.73
CA LEU A 12 -7.28 5.53 -35.07
C LEU A 12 -6.06 5.92 -34.24
N GLY A 13 -5.51 7.10 -34.53
CA GLY A 13 -4.35 7.57 -33.81
C GLY A 13 -4.69 8.71 -32.84
N GLN A 14 -5.30 8.35 -31.71
CA GLN A 14 -5.67 9.34 -30.72
C GLN A 14 -5.11 8.96 -29.34
N ALA A 15 -3.84 9.30 -29.11
CA ALA A 15 -3.19 9.00 -27.84
C ALA A 15 -2.56 10.24 -27.24
N LEU A 16 -2.91 10.55 -26.00
CA LEU A 16 -2.36 11.72 -25.32
C LEU A 16 -1.90 11.36 -23.91
N THR A 17 -0.74 11.88 -23.52
CA THR A 17 -0.19 11.62 -22.19
C THR A 17 -0.18 12.88 -21.34
N GLU A 18 -0.21 12.70 -20.03
CA GLU A 18 -0.21 13.83 -19.10
C GLU A 18 1.05 13.81 -18.23
N VAL A 19 2.21 13.84 -18.87
CA VAL A 19 3.48 13.82 -18.16
C VAL A 19 3.92 15.23 -17.79
N TYR A 20 3.00 16.19 -17.92
CA TYR A 20 3.29 17.57 -17.60
C TYR A 20 2.85 17.91 -16.17
N ALA A 21 2.82 16.90 -15.32
CA ALA A 21 2.41 17.08 -13.93
C ALA A 21 3.58 16.82 -12.98
N LYS A 22 3.65 17.59 -11.90
CA LYS A 22 4.71 17.45 -10.92
C LYS A 22 4.15 17.46 -9.50
N ALA A 23 4.55 16.48 -8.70
CA ALA A 23 4.09 16.38 -7.32
C ALA A 23 5.08 15.60 -6.46
N ASN A 24 5.48 16.19 -5.34
CA ASN A 24 6.43 15.57 -4.44
C ASN A 24 6.45 16.28 -3.09
N SER A 25 5.96 15.59 -2.05
CA SER A 25 5.92 16.15 -0.71
C SER A 25 5.48 15.10 0.30
N PHE A 26 5.65 15.41 1.59
CA PHE A 26 5.26 14.50 2.66
C PHE A 26 3.85 13.98 2.45
N THR A 27 3.72 12.68 2.25
CA THR A 27 2.42 12.05 2.03
C THR A 27 2.22 10.85 2.95
N VAL A 28 1.14 10.87 3.72
CA VAL A 28 0.84 9.77 4.63
C VAL A 28 -0.52 9.18 4.35
N SER A 29 -0.54 7.93 3.88
CA SER A 29 -1.79 7.25 3.56
C SER A 29 -1.87 5.89 4.26
N SER A 30 -3.07 5.34 4.33
CA SER A 30 -3.28 4.06 4.99
C SER A 30 -3.72 3.00 3.98
N VAL A 31 -3.46 1.73 4.30
CA VAL A 31 -3.83 0.63 3.43
C VAL A 31 -4.72 -0.37 4.16
N ALA A 32 -5.95 -0.51 3.69
CA ALA A 32 -6.90 -1.43 4.29
C ALA A 32 -6.36 -2.86 4.29
N ALA A 33 -5.86 -3.30 5.44
CA ALA A 33 -5.31 -4.64 5.56
C ALA A 33 -5.68 -5.27 6.91
N PRO A 34 -5.95 -6.58 6.89
CA PRO A 34 -6.33 -7.32 8.10
C PRO A 34 -5.17 -7.47 9.08
N SER A 35 -5.46 -7.99 10.27
CA SER A 35 -4.45 -8.17 11.29
C SER A 35 -4.31 -9.65 11.65
N TRP A 36 -5.29 -10.45 11.24
CA TRP A 36 -5.28 -11.88 11.53
C TRP A 36 -4.15 -12.57 10.76
N LEU A 37 -3.66 -11.92 9.72
CA LEU A 37 -2.58 -12.49 8.90
C LEU A 37 -1.28 -11.73 9.14
N HIS A 38 -1.17 -11.07 10.29
CA HIS A 38 0.03 -10.32 10.63
C HIS A 38 1.25 -11.22 10.67
N ARG A 39 1.09 -12.40 11.27
CA ARG A 39 2.18 -13.36 11.37
C ARG A 39 2.66 -13.78 9.99
N PHE A 40 1.86 -13.50 8.97
CA PHE A 40 2.20 -13.85 7.60
C PHE A 40 2.69 -12.63 6.83
N ILE A 41 2.08 -11.47 7.11
CA ILE A 41 2.46 -10.24 6.44
C ILE A 41 3.83 -9.76 6.90
N ILE A 42 4.13 -9.96 8.17
CA ILE A 42 5.42 -9.55 8.73
C ILE A 42 6.51 -10.56 8.38
N GLY A 43 6.22 -11.84 8.59
CA GLY A 43 7.19 -12.88 8.28
C GLY A 43 7.71 -13.57 9.53
N LYS A 44 7.97 -14.86 9.43
CA LYS A 44 8.47 -15.64 10.55
C LYS A 44 9.63 -14.93 11.23
N LYS A 45 10.61 -14.51 10.44
CA LYS A 45 11.78 -13.80 10.97
C LYS A 45 11.93 -12.43 10.32
N GLY A 46 10.81 -11.71 10.22
CA GLY A 46 10.85 -10.39 9.62
C GLY A 46 11.61 -10.37 8.30
N GLN A 47 10.95 -10.77 7.22
CA GLN A 47 11.58 -10.79 5.91
C GLN A 47 10.82 -9.92 4.92
N ASN A 48 9.50 -10.06 4.91
CA ASN A 48 8.66 -9.27 4.01
C ASN A 48 8.87 -7.78 4.23
N LEU A 49 8.78 -7.35 5.49
CA LEU A 49 8.97 -5.95 5.83
C LEU A 49 10.40 -5.51 5.55
N ALA A 50 11.36 -6.20 6.16
CA ALA A 50 12.77 -5.89 5.99
C ALA A 50 13.09 -5.65 4.51
N LYS A 51 12.68 -6.57 3.66
CA LYS A 51 12.92 -6.46 2.23
C LYS A 51 12.35 -5.16 1.67
N ILE A 52 11.04 -5.00 1.82
CA ILE A 52 10.36 -3.80 1.33
C ILE A 52 11.04 -2.53 1.87
N THR A 53 11.09 -2.41 3.18
CA THR A 53 11.70 -1.25 3.82
C THR A 53 13.13 -1.04 3.31
N GLN A 54 13.85 -2.14 3.15
CA GLN A 54 15.23 -2.07 2.66
C GLN A 54 15.32 -1.31 1.35
N GLN A 55 14.43 -1.66 0.42
CA GLN A 55 14.41 -1.01 -0.88
C GLN A 55 13.79 0.38 -0.79
N MET A 56 12.84 0.53 0.13
CA MET A 56 12.16 1.81 0.32
C MET A 56 12.20 2.23 1.78
N PRO A 57 13.34 2.80 2.21
CA PRO A 57 13.54 3.25 3.59
C PRO A 57 12.70 4.48 3.91
N LYS A 58 12.53 5.35 2.92
CA LYS A 58 11.75 6.57 3.10
C LYS A 58 10.33 6.24 3.60
N VAL A 59 9.77 5.16 3.08
CA VAL A 59 8.43 4.74 3.47
C VAL A 59 8.44 4.06 4.84
N HIS A 60 7.57 4.52 5.74
CA HIS A 60 7.49 3.96 7.07
C HIS A 60 6.23 3.12 7.23
N ILE A 61 6.40 1.80 7.35
CA ILE A 61 5.27 0.90 7.50
C ILE A 61 4.93 0.68 8.97
N GLU A 62 3.65 0.81 9.30
CA GLU A 62 3.19 0.64 10.67
C GLU A 62 2.08 -0.40 10.74
N PHE A 63 2.02 -1.12 11.86
CA PHE A 63 1.00 -2.15 12.06
C PHE A 63 0.20 -1.89 13.33
N THR A 64 -1.11 -1.77 13.19
CA THR A 64 -1.98 -1.53 14.33
C THR A 64 -2.55 -2.84 14.88
N GLU A 65 -2.71 -2.89 16.19
CA GLU A 65 -3.25 -4.08 16.85
C GLU A 65 -4.75 -3.93 17.12
N GLY A 66 -5.35 -2.91 16.51
CA GLY A 66 -6.77 -2.67 16.69
C GLY A 66 -7.40 -1.99 15.50
N GLU A 67 -6.67 -1.06 14.89
CA GLU A 67 -7.17 -0.32 13.74
C GLU A 67 -7.24 -1.22 12.50
N ASP A 68 -6.58 -2.37 12.58
CA ASP A 68 -6.55 -3.31 11.48
C ASP A 68 -6.26 -2.61 10.16
N LYS A 69 -5.18 -1.84 10.13
CA LYS A 69 -4.79 -1.11 8.94
C LYS A 69 -3.30 -0.78 8.97
N ILE A 70 -2.74 -0.49 7.79
CA ILE A 70 -1.33 -0.15 7.68
C ILE A 70 -1.13 1.32 7.32
N THR A 71 -0.40 2.04 8.17
CA THR A 71 -0.14 3.45 7.94
C THR A 71 1.24 3.67 7.33
N LEU A 72 1.26 4.30 6.16
CA LEU A 72 2.52 4.57 5.47
C LEU A 72 2.90 6.05 5.56
N GLU A 73 4.20 6.33 5.52
CA GLU A 73 4.68 7.71 5.60
C GLU A 73 5.81 7.94 4.61
N GLY A 74 5.63 8.91 3.72
CA GLY A 74 6.65 9.22 2.74
C GLY A 74 6.09 9.98 1.55
N PRO A 75 6.93 10.17 0.52
CA PRO A 75 6.53 10.89 -0.70
C PRO A 75 5.53 10.11 -1.53
N THR A 76 4.50 10.81 -2.00
CA THR A 76 3.46 10.19 -2.81
C THR A 76 4.07 9.22 -3.83
N GLU A 77 5.25 9.57 -4.34
CA GLU A 77 5.92 8.73 -5.31
C GLU A 77 6.22 7.35 -4.74
N ASP A 78 6.69 7.32 -3.49
CA ASP A 78 7.01 6.07 -2.83
C ASP A 78 5.77 5.44 -2.20
N VAL A 79 5.01 6.26 -1.48
CA VAL A 79 3.78 5.79 -0.84
C VAL A 79 2.95 4.94 -1.80
N SER A 80 3.01 5.26 -3.07
CA SER A 80 2.26 4.54 -4.09
C SER A 80 2.89 3.17 -4.35
N VAL A 81 4.21 3.10 -4.21
CA VAL A 81 4.94 1.85 -4.43
C VAL A 81 4.85 0.94 -3.21
N ALA A 82 5.12 1.52 -2.04
CA ALA A 82 5.07 0.77 -0.79
C ALA A 82 3.67 0.25 -0.51
N GLN A 83 2.68 1.11 -0.73
CA GLN A 83 1.28 0.73 -0.49
C GLN A 83 0.80 -0.26 -1.55
N GLU A 84 1.23 -0.05 -2.79
CA GLU A 84 0.85 -0.92 -3.89
C GLU A 84 1.45 -2.32 -3.72
N GLN A 85 2.66 -2.37 -3.16
CA GLN A 85 3.34 -3.63 -2.95
C GLN A 85 2.62 -4.47 -1.90
N ILE A 86 2.28 -3.85 -0.78
CA ILE A 86 1.58 -4.53 0.30
C ILE A 86 0.17 -4.94 -0.12
N GLU A 87 -0.43 -4.14 -0.98
CA GLU A 87 -1.79 -4.40 -1.46
C GLU A 87 -1.83 -5.74 -2.20
N GLY A 88 -0.77 -6.03 -2.95
CA GLY A 88 -0.72 -7.28 -3.70
C GLY A 88 -0.70 -8.50 -2.80
N MET A 89 0.25 -8.52 -1.86
CA MET A 89 0.37 -9.64 -0.93
C MET A 89 -0.88 -9.75 -0.05
N VAL A 90 -1.40 -8.61 0.37
CA VAL A 90 -2.60 -8.59 1.21
C VAL A 90 -3.76 -9.29 0.53
N LYS A 91 -4.05 -8.89 -0.71
CA LYS A 91 -5.14 -9.48 -1.48
C LYS A 91 -4.88 -10.95 -1.74
N ASP A 92 -3.76 -11.25 -2.40
CA ASP A 92 -3.39 -12.63 -2.71
C ASP A 92 -3.50 -13.52 -1.48
N LEU A 93 -3.16 -12.95 -0.33
CA LEU A 93 -3.22 -13.69 0.93
C LEU A 93 -4.62 -14.22 1.19
N ILE A 94 -5.62 -13.41 0.86
CA ILE A 94 -7.01 -13.81 1.05
C ILE A 94 -7.51 -14.64 -0.12
N ASN A 95 -7.18 -14.21 -1.33
CA ASN A 95 -7.60 -14.92 -2.53
C ASN A 95 -7.12 -16.37 -2.51
N ARG A 96 -5.91 -16.57 -1.99
CA ARG A 96 -5.34 -17.92 -1.91
C ARG A 96 -6.15 -18.80 -0.97
N SER A 97 -7.08 -18.19 -0.24
CA SER A 97 -7.92 -18.93 0.69
C SER A 97 -9.35 -19.01 0.17
N GLY A 98 -10.03 -17.87 0.09
CA GLY A 98 -11.39 -17.83 -0.38
C GLY A 98 -11.53 -18.44 -1.77
N PRO A 99 -12.68 -19.10 -2.02
CA PRO A 99 -12.96 -19.72 -3.31
C PRO A 99 -13.20 -18.70 -4.42
N SER A 100 -12.90 -19.09 -5.65
CA SER A 100 -13.08 -18.22 -6.80
C SER A 100 -14.49 -17.66 -6.84
N SER A 101 -15.44 -18.42 -6.31
CA SER A 101 -16.84 -18.01 -6.29
C SER A 101 -17.25 -17.42 -7.63
N GLY A 102 -16.89 -18.10 -8.71
CA GLY A 102 -17.23 -17.62 -10.04
C GLY A 102 -16.50 -16.33 -10.39
N GLY A 1 5.49 7.23 22.55
CA GLY A 1 4.41 6.64 21.78
C GLY A 1 4.16 7.38 20.48
N SER A 2 3.06 7.03 19.80
CA SER A 2 2.72 7.66 18.54
C SER A 2 1.32 8.25 18.60
N SER A 3 0.96 9.03 17.56
CA SER A 3 -0.35 9.66 17.50
C SER A 3 -1.13 9.17 16.29
N GLY A 4 -2.46 9.33 16.34
CA GLY A 4 -3.29 8.90 15.25
C GLY A 4 -4.11 10.03 14.65
N SER A 5 -5.24 9.69 14.06
CA SER A 5 -6.11 10.68 13.44
C SER A 5 -7.57 10.28 13.54
N SER A 6 -8.47 11.26 13.56
CA SER A 6 -9.90 11.01 13.67
C SER A 6 -10.30 9.84 12.79
N GLY A 7 -9.91 9.89 11.51
CA GLY A 7 -10.23 8.84 10.58
C GLY A 7 -9.90 9.20 9.15
N GLU A 8 -9.90 8.20 8.27
CA GLU A 8 -9.59 8.41 6.86
C GLU A 8 -10.83 8.90 6.10
N PRO A 9 -10.61 9.75 5.10
CA PRO A 9 -11.68 10.30 4.27
C PRO A 9 -12.32 9.25 3.36
N GLU A 10 -13.46 9.59 2.79
CA GLU A 10 -14.17 8.68 1.90
C GLU A 10 -13.99 9.08 0.44
N LYS A 11 -14.43 8.22 -0.46
CA LYS A 11 -14.32 8.48 -1.90
C LYS A 11 -15.67 8.83 -2.49
N LEU A 12 -16.03 10.11 -2.41
CA LEU A 12 -17.29 10.58 -2.96
C LEU A 12 -17.11 11.88 -3.72
N GLY A 13 -18.06 12.18 -4.62
CA GLY A 13 -17.98 13.39 -5.41
C GLY A 13 -19.00 13.43 -6.52
N GLN A 14 -19.82 14.47 -6.54
CA GLN A 14 -20.85 14.62 -7.57
C GLN A 14 -20.61 15.87 -8.40
N ALA A 15 -19.34 16.15 -8.70
CA ALA A 15 -18.99 17.32 -9.50
C ALA A 15 -17.50 17.29 -9.86
N LEU A 16 -17.12 18.15 -10.80
CA LEU A 16 -15.73 18.23 -11.24
C LEU A 16 -14.98 19.31 -10.48
N THR A 17 -13.70 19.06 -10.22
CA THR A 17 -12.87 20.01 -9.50
C THR A 17 -11.44 20.01 -10.04
N GLU A 18 -10.69 21.08 -9.74
CA GLU A 18 -9.32 21.20 -10.19
C GLU A 18 -8.38 20.34 -9.33
N VAL A 19 -7.75 19.35 -9.97
CA VAL A 19 -6.84 18.46 -9.27
C VAL A 19 -5.80 19.24 -8.47
N TYR A 20 -5.18 18.59 -7.50
CA TYR A 20 -4.17 19.23 -6.67
C TYR A 20 -2.77 18.87 -7.14
N ALA A 21 -2.38 19.44 -8.28
CA ALA A 21 -1.05 19.17 -8.85
C ALA A 21 0.02 19.93 -8.08
N LYS A 22 0.01 19.80 -6.76
CA LYS A 22 0.99 20.48 -5.91
C LYS A 22 0.83 20.05 -4.46
N ALA A 23 1.77 19.26 -3.97
CA ALA A 23 1.73 18.79 -2.59
C ALA A 23 3.06 19.02 -1.89
N ASN A 24 3.07 18.90 -0.57
CA ASN A 24 4.28 19.10 0.22
C ASN A 24 5.18 17.88 0.14
N SER A 25 6.37 17.99 0.74
CA SER A 25 7.32 16.89 0.74
C SER A 25 7.04 15.91 1.88
N PHE A 26 5.79 15.46 1.95
CA PHE A 26 5.38 14.52 2.99
C PHE A 26 3.96 14.02 2.74
N THR A 27 3.84 12.71 2.50
CA THR A 27 2.54 12.11 2.25
C THR A 27 2.31 10.88 3.13
N VAL A 28 1.22 10.90 3.89
CA VAL A 28 0.89 9.79 4.78
C VAL A 28 -0.43 9.15 4.39
N SER A 29 -0.36 7.93 3.87
CA SER A 29 -1.56 7.20 3.45
C SER A 29 -1.65 5.85 4.16
N SER A 30 -2.84 5.28 4.16
CA SER A 30 -3.07 3.99 4.81
C SER A 30 -3.60 2.96 3.81
N VAL A 31 -3.37 1.69 4.10
CA VAL A 31 -3.84 0.61 3.23
C VAL A 31 -4.74 -0.36 3.99
N ALA A 32 -5.97 -0.51 3.50
CA ALA A 32 -6.94 -1.40 4.13
C ALA A 32 -6.40 -2.83 4.18
N ALA A 33 -5.95 -3.25 5.37
CA ALA A 33 -5.42 -4.59 5.55
C ALA A 33 -5.82 -5.16 6.90
N PRO A 34 -6.10 -6.47 6.93
CA PRO A 34 -6.51 -7.16 8.16
C PRO A 34 -5.35 -7.29 9.16
N SER A 35 -5.64 -7.89 10.31
CA SER A 35 -4.62 -8.07 11.35
C SER A 35 -4.48 -9.54 11.71
N TRP A 36 -5.48 -10.33 11.36
CA TRP A 36 -5.46 -11.77 11.65
C TRP A 36 -4.35 -12.46 10.88
N LEU A 37 -3.85 -11.80 9.84
CA LEU A 37 -2.78 -12.35 9.02
C LEU A 37 -1.50 -11.54 9.17
N HIS A 38 -1.31 -10.96 10.36
CA HIS A 38 -0.12 -10.16 10.64
C HIS A 38 1.11 -11.05 10.78
N ARG A 39 0.90 -12.29 11.20
CA ARG A 39 1.99 -13.24 11.37
C ARG A 39 2.58 -13.64 10.02
N PHE A 40 1.73 -13.73 9.00
CA PHE A 40 2.15 -14.10 7.67
C PHE A 40 2.59 -12.87 6.87
N ILE A 41 1.88 -11.76 7.07
CA ILE A 41 2.19 -10.53 6.37
C ILE A 41 3.56 -9.99 6.78
N ILE A 42 3.89 -10.14 8.06
CA ILE A 42 5.17 -9.68 8.58
C ILE A 42 6.28 -10.67 8.26
N GLY A 43 6.03 -11.94 8.54
CA GLY A 43 7.02 -12.97 8.26
C GLY A 43 7.87 -13.30 9.49
N LYS A 44 8.70 -14.33 9.37
CA LYS A 44 9.55 -14.74 10.48
C LYS A 44 10.49 -13.62 10.90
N LYS A 45 10.52 -13.32 12.19
CA LYS A 45 11.37 -12.27 12.71
C LYS A 45 11.33 -11.03 11.82
N GLY A 46 10.20 -10.80 11.18
CA GLY A 46 10.05 -9.66 10.30
C GLY A 46 10.97 -9.72 9.10
N GLN A 47 10.70 -10.67 8.20
CA GLN A 47 11.51 -10.84 7.00
C GLN A 47 10.87 -10.14 5.80
N ASN A 48 9.55 -10.23 5.71
CA ASN A 48 8.82 -9.60 4.61
C ASN A 48 8.89 -8.08 4.71
N LEU A 49 8.70 -7.57 5.92
CA LEU A 49 8.73 -6.13 6.16
C LEU A 49 10.10 -5.56 5.82
N ALA A 50 11.14 -6.17 6.40
CA ALA A 50 12.51 -5.72 6.16
C ALA A 50 12.78 -5.57 4.67
N LYS A 51 12.27 -6.49 3.87
CA LYS A 51 12.47 -6.46 2.43
C LYS A 51 11.95 -5.14 1.85
N ILE A 52 10.67 -4.86 2.03
CA ILE A 52 10.07 -3.63 1.53
C ILE A 52 10.89 -2.42 1.93
N THR A 53 11.06 -2.21 3.23
CA THR A 53 11.82 -1.08 3.74
C THR A 53 13.20 -1.01 3.09
N GLN A 54 13.74 -2.18 2.73
CA GLN A 54 15.05 -2.25 2.08
C GLN A 54 15.05 -1.49 0.77
N GLN A 55 14.04 -1.72 -0.06
CA GLN A 55 13.93 -1.05 -1.35
C GLN A 55 13.35 0.34 -1.19
N MET A 56 12.51 0.52 -0.18
CA MET A 56 11.88 1.81 0.08
C MET A 56 12.08 2.24 1.53
N PRO A 57 13.28 2.80 1.82
CA PRO A 57 13.63 3.26 3.17
C PRO A 57 12.83 4.49 3.58
N LYS A 58 12.59 5.39 2.63
CA LYS A 58 11.84 6.61 2.89
C LYS A 58 10.43 6.29 3.34
N VAL A 59 9.93 5.12 2.94
CA VAL A 59 8.58 4.69 3.30
C VAL A 59 8.59 3.94 4.63
N HIS A 60 7.65 4.30 5.51
CA HIS A 60 7.55 3.66 6.81
C HIS A 60 6.24 2.86 6.93
N ILE A 61 6.37 1.57 7.21
CA ILE A 61 5.20 0.71 7.34
C ILE A 61 4.82 0.53 8.80
N GLU A 62 3.52 0.60 9.09
CA GLU A 62 3.01 0.44 10.44
C GLU A 62 1.89 -0.58 10.50
N PHE A 63 1.73 -1.23 11.64
CA PHE A 63 0.69 -2.23 11.82
C PHE A 63 -0.15 -1.94 13.06
N THR A 64 -1.46 -1.79 12.88
CA THR A 64 -2.35 -1.51 13.98
C THR A 64 -3.11 -2.77 14.41
N GLU A 65 -3.31 -2.91 15.72
CA GLU A 65 -4.01 -4.07 16.26
C GLU A 65 -5.52 -3.87 16.20
N GLY A 66 -5.97 -2.65 16.48
CA GLY A 66 -7.38 -2.35 16.45
C GLY A 66 -7.81 -1.71 15.14
N GLU A 67 -7.15 -0.62 14.78
CA GLU A 67 -7.48 0.08 13.54
C GLU A 67 -7.53 -0.89 12.36
N ASP A 68 -6.78 -1.99 12.47
CA ASP A 68 -6.74 -2.99 11.41
C ASP A 68 -6.37 -2.36 10.08
N LYS A 69 -5.28 -1.60 10.05
CA LYS A 69 -4.84 -0.93 8.83
C LYS A 69 -3.33 -0.72 8.86
N ILE A 70 -2.77 -0.36 7.71
CA ILE A 70 -1.33 -0.11 7.60
C ILE A 70 -1.05 1.34 7.25
N THR A 71 -0.45 2.06 8.19
CA THR A 71 -0.13 3.46 7.98
C THR A 71 1.21 3.62 7.26
N LEU A 72 1.25 4.52 6.30
CA LEU A 72 2.46 4.78 5.52
C LEU A 72 2.92 6.22 5.66
N GLU A 73 4.23 6.42 5.68
CA GLU A 73 4.80 7.76 5.82
C GLU A 73 5.92 7.97 4.80
N GLY A 74 5.76 8.99 3.95
CA GLY A 74 6.77 9.28 2.95
C GLY A 74 6.21 10.08 1.79
N PRO A 75 7.02 10.23 0.73
CA PRO A 75 6.63 10.98 -0.46
C PRO A 75 5.56 10.25 -1.27
N THR A 76 4.52 10.98 -1.67
CA THR A 76 3.44 10.39 -2.45
C THR A 76 3.98 9.52 -3.58
N GLU A 77 5.20 9.82 -4.02
CA GLU A 77 5.83 9.06 -5.10
C GLU A 77 6.13 7.63 -4.64
N ASP A 78 6.95 7.51 -3.60
CA ASP A 78 7.32 6.20 -3.08
C ASP A 78 6.14 5.53 -2.38
N VAL A 79 5.45 6.29 -1.52
CA VAL A 79 4.29 5.77 -0.81
C VAL A 79 3.36 5.02 -1.74
N SER A 80 3.22 5.51 -2.97
CA SER A 80 2.35 4.88 -3.95
C SER A 80 2.84 3.48 -4.31
N VAL A 81 4.17 3.33 -4.37
CA VAL A 81 4.77 2.04 -4.69
C VAL A 81 4.66 1.08 -3.52
N ALA A 82 5.18 1.50 -2.37
CA ALA A 82 5.15 0.68 -1.17
C ALA A 82 3.72 0.23 -0.85
N GLN A 83 2.80 1.19 -0.78
CA GLN A 83 1.40 0.89 -0.49
C GLN A 83 0.86 -0.16 -1.44
N GLU A 84 1.28 -0.09 -2.70
CA GLU A 84 0.83 -1.05 -3.71
C GLU A 84 1.42 -2.42 -3.45
N GLN A 85 2.72 -2.46 -3.14
CA GLN A 85 3.41 -3.71 -2.88
C GLN A 85 2.73 -4.48 -1.73
N ILE A 86 2.20 -3.74 -0.77
CA ILE A 86 1.53 -4.34 0.37
C ILE A 86 0.13 -4.81 0.00
N GLU A 87 -0.53 -4.06 -0.88
CA GLU A 87 -1.88 -4.41 -1.32
C GLU A 87 -1.88 -5.75 -2.04
N GLY A 88 -0.81 -6.01 -2.79
CA GLY A 88 -0.72 -7.27 -3.53
C GLY A 88 -0.64 -8.47 -2.62
N MET A 89 0.31 -8.43 -1.68
CA MET A 89 0.50 -9.53 -0.75
C MET A 89 -0.75 -9.75 0.10
N VAL A 90 -1.49 -8.67 0.32
CA VAL A 90 -2.71 -8.74 1.12
C VAL A 90 -3.80 -9.52 0.39
N LYS A 91 -4.20 -9.03 -0.77
CA LYS A 91 -5.23 -9.69 -1.57
C LYS A 91 -4.82 -11.11 -1.93
N ASP A 92 -3.55 -11.28 -2.28
CA ASP A 92 -3.03 -12.59 -2.64
C ASP A 92 -3.12 -13.56 -1.47
N LEU A 93 -2.76 -13.09 -0.28
CA LEU A 93 -2.81 -13.90 0.92
C LEU A 93 -4.25 -14.32 1.25
N ILE A 94 -5.19 -13.46 0.90
CA ILE A 94 -6.60 -13.73 1.16
C ILE A 94 -7.16 -14.71 0.13
N ASN A 95 -6.83 -14.47 -1.14
CA ASN A 95 -7.31 -15.32 -2.22
C ASN A 95 -6.90 -16.77 -1.99
N ARG A 96 -5.71 -16.97 -1.43
CA ARG A 96 -5.21 -18.31 -1.16
C ARG A 96 -5.75 -18.83 0.18
N SER A 97 -6.19 -17.90 1.03
CA SER A 97 -6.73 -18.26 2.34
C SER A 97 -7.98 -19.11 2.20
N GLY A 98 -8.06 -20.18 2.98
CA GLY A 98 -9.21 -21.06 2.93
C GLY A 98 -8.92 -22.35 2.19
N PRO A 99 -9.56 -23.45 2.62
CA PRO A 99 -9.39 -24.76 2.01
C PRO A 99 -10.00 -24.84 0.62
N SER A 100 -9.17 -24.61 -0.39
CA SER A 100 -9.63 -24.65 -1.78
C SER A 100 -9.71 -26.09 -2.29
N SER A 101 -10.26 -26.26 -3.48
CA SER A 101 -10.40 -27.58 -4.08
C SER A 101 -9.14 -28.41 -3.86
N GLY A 102 -9.29 -29.73 -3.92
CA GLY A 102 -8.16 -30.61 -3.72
C GLY A 102 -8.34 -31.54 -2.53
N GLY A 1 34.51 8.91 -48.77
CA GLY A 1 33.59 8.21 -49.65
C GLY A 1 32.55 9.12 -50.26
N SER A 2 31.43 8.54 -50.67
CA SER A 2 30.35 9.31 -51.29
C SER A 2 29.02 8.57 -51.17
N SER A 3 27.95 9.31 -50.98
CA SER A 3 26.61 8.73 -50.86
C SER A 3 25.54 9.81 -50.83
N GLY A 4 24.42 9.55 -51.50
CA GLY A 4 23.34 10.51 -51.54
C GLY A 4 22.22 10.17 -50.57
N SER A 5 21.28 11.08 -50.40
CA SER A 5 20.16 10.87 -49.49
C SER A 5 19.11 11.96 -49.68
N SER A 6 17.85 11.61 -49.41
CA SER A 6 16.75 12.55 -49.55
C SER A 6 15.58 12.16 -48.64
N GLY A 7 15.19 13.07 -47.75
CA GLY A 7 14.09 12.80 -46.84
C GLY A 7 13.65 14.04 -46.08
N GLU A 8 12.42 14.00 -45.56
CA GLU A 8 11.90 15.13 -44.81
C GLU A 8 11.63 14.74 -43.36
N PRO A 9 12.71 14.75 -42.54
CA PRO A 9 12.62 14.39 -41.13
C PRO A 9 11.87 15.45 -40.31
N GLU A 10 11.79 15.22 -39.00
CA GLU A 10 11.11 16.15 -38.11
C GLU A 10 12.04 16.64 -37.00
N LYS A 11 12.40 17.91 -37.06
CA LYS A 11 13.29 18.50 -36.07
C LYS A 11 12.63 19.69 -35.38
N LEU A 12 12.62 19.67 -34.05
CA LEU A 12 12.02 20.76 -33.28
C LEU A 12 10.53 20.87 -33.57
N GLY A 13 9.85 19.73 -33.66
CA GLY A 13 8.44 19.72 -33.93
C GLY A 13 7.76 18.44 -33.48
N GLN A 14 7.67 18.26 -32.16
CA GLN A 14 7.05 17.05 -31.61
C GLN A 14 5.76 17.41 -30.86
N ALA A 15 4.93 16.40 -30.60
CA ALA A 15 3.68 16.60 -29.90
C ALA A 15 3.73 16.00 -28.50
N LEU A 16 4.87 16.15 -27.84
CA LEU A 16 5.05 15.62 -26.49
C LEU A 16 5.41 16.72 -25.51
N THR A 17 4.40 17.32 -24.89
CA THR A 17 4.62 18.40 -23.92
C THR A 17 5.65 17.99 -22.88
N GLU A 18 6.21 18.98 -22.19
CA GLU A 18 7.21 18.73 -21.16
C GLU A 18 6.87 19.47 -19.87
N VAL A 19 6.22 18.78 -18.94
CA VAL A 19 5.83 19.37 -17.67
C VAL A 19 7.04 19.53 -16.75
N TYR A 20 6.87 20.33 -15.69
CA TYR A 20 7.95 20.56 -14.74
C TYR A 20 7.45 20.37 -13.31
N ALA A 21 8.12 19.49 -12.58
CA ALA A 21 7.76 19.21 -11.19
C ALA A 21 8.75 19.84 -10.23
N LYS A 22 8.26 20.70 -9.35
CA LYS A 22 9.12 21.37 -8.36
C LYS A 22 9.85 20.34 -7.50
N ALA A 23 9.10 19.55 -6.75
CA ALA A 23 9.68 18.53 -5.88
C ALA A 23 8.60 17.68 -5.23
N ASN A 24 8.99 16.56 -4.67
CA ASN A 24 8.05 15.65 -4.01
C ASN A 24 7.46 16.31 -2.78
N SER A 25 6.39 15.71 -2.26
CA SER A 25 5.72 16.23 -1.07
C SER A 25 5.40 15.11 -0.08
N PHE A 26 5.47 15.44 1.20
CA PHE A 26 5.18 14.46 2.25
C PHE A 26 3.74 13.97 2.17
N THR A 27 3.57 12.65 2.07
CA THR A 27 2.25 12.06 1.97
C THR A 27 2.09 10.91 2.97
N VAL A 28 1.00 10.94 3.73
CA VAL A 28 0.74 9.90 4.72
C VAL A 28 -0.65 9.30 4.53
N SER A 29 -0.68 8.05 4.07
CA SER A 29 -1.94 7.35 3.83
C SER A 29 -1.91 5.96 4.43
N SER A 30 -3.08 5.33 4.54
CA SER A 30 -3.19 4.00 5.10
C SER A 30 -3.80 3.03 4.08
N VAL A 31 -3.51 1.74 4.25
CA VAL A 31 -4.03 0.72 3.35
C VAL A 31 -4.90 -0.28 4.10
N ALA A 32 -6.16 -0.40 3.68
CA ALA A 32 -7.09 -1.33 4.31
C ALA A 32 -6.51 -2.75 4.33
N ALA A 33 -6.14 -3.21 5.52
CA ALA A 33 -5.59 -4.55 5.68
C ALA A 33 -5.96 -5.14 7.03
N PRO A 34 -6.24 -6.46 7.05
CA PRO A 34 -6.61 -7.17 8.28
C PRO A 34 -5.45 -7.30 9.25
N SER A 35 -5.71 -7.89 10.41
CA SER A 35 -4.69 -8.07 11.44
C SER A 35 -4.53 -9.55 11.78
N TRP A 36 -5.55 -10.33 11.48
CA TRP A 36 -5.52 -11.76 11.75
C TRP A 36 -4.40 -12.44 10.99
N LEU A 37 -3.84 -11.74 10.01
CA LEU A 37 -2.75 -12.29 9.21
C LEU A 37 -1.47 -11.48 9.41
N HIS A 38 -1.33 -10.89 10.59
CA HIS A 38 -0.16 -10.09 10.91
C HIS A 38 1.09 -10.97 11.01
N ARG A 39 0.95 -12.10 11.69
CA ARG A 39 2.07 -13.03 11.85
C ARG A 39 2.58 -13.51 10.50
N PHE A 40 1.77 -13.32 9.46
CA PHE A 40 2.14 -13.73 8.12
C PHE A 40 2.62 -12.55 7.29
N ILE A 41 1.90 -11.43 7.41
CA ILE A 41 2.26 -10.23 6.67
C ILE A 41 3.64 -9.71 7.09
N ILE A 42 4.01 -9.97 8.33
CA ILE A 42 5.30 -9.55 8.85
C ILE A 42 6.39 -10.56 8.52
N GLY A 43 6.10 -11.83 8.79
CA GLY A 43 7.06 -12.89 8.51
C GLY A 43 7.56 -13.56 9.78
N LYS A 44 7.97 -14.81 9.66
CA LYS A 44 8.48 -15.57 10.80
C LYS A 44 9.38 -14.70 11.68
N LYS A 45 10.30 -13.98 11.04
CA LYS A 45 11.22 -13.10 11.75
C LYS A 45 11.07 -11.66 11.27
N GLY A 46 11.02 -11.48 9.96
CA GLY A 46 10.89 -10.14 9.40
C GLY A 46 11.63 -9.98 8.10
N GLN A 47 11.26 -10.79 7.10
CA GLN A 47 11.90 -10.73 5.79
C GLN A 47 10.99 -10.07 4.77
N ASN A 48 9.70 -10.39 4.83
CA ASN A 48 8.72 -9.84 3.91
C ASN A 48 8.67 -8.32 4.02
N LEU A 49 8.75 -7.82 5.25
CA LEU A 49 8.72 -6.38 5.49
C LEU A 49 10.09 -5.76 5.25
N ALA A 50 11.12 -6.33 5.88
CA ALA A 50 12.48 -5.84 5.72
C ALA A 50 12.80 -5.56 4.25
N LYS A 51 12.44 -6.51 3.39
CA LYS A 51 12.70 -6.37 1.96
C LYS A 51 12.04 -5.10 1.41
N ILE A 52 10.73 -5.00 1.58
CA ILE A 52 9.99 -3.83 1.10
C ILE A 52 10.64 -2.54 1.57
N THR A 53 10.79 -2.40 2.88
CA THR A 53 11.40 -1.20 3.46
C THR A 53 12.83 -1.02 2.96
N GLN A 54 13.52 -2.13 2.74
CA GLN A 54 14.90 -2.09 2.26
C GLN A 54 14.99 -1.33 0.94
N GLN A 55 14.05 -1.58 0.03
CA GLN A 55 14.03 -0.92 -1.26
C GLN A 55 13.57 0.52 -1.13
N MET A 56 12.71 0.78 -0.14
CA MET A 56 12.19 2.11 0.10
C MET A 56 12.24 2.47 1.58
N PRO A 57 13.42 2.88 2.05
CA PRO A 57 13.63 3.25 3.45
C PRO A 57 12.91 4.55 3.83
N LYS A 58 12.52 5.32 2.81
CA LYS A 58 11.83 6.58 3.03
C LYS A 58 10.40 6.33 3.50
N VAL A 59 9.85 5.17 3.14
CA VAL A 59 8.49 4.82 3.53
C VAL A 59 8.48 4.06 4.86
N HIS A 60 7.72 4.58 5.82
CA HIS A 60 7.63 3.95 7.13
C HIS A 60 6.36 3.12 7.25
N ILE A 61 6.52 1.80 7.31
CA ILE A 61 5.38 0.90 7.42
C ILE A 61 4.97 0.71 8.88
N GLU A 62 3.67 0.86 9.14
CA GLU A 62 3.14 0.70 10.48
C GLU A 62 2.07 -0.38 10.53
N PHE A 63 1.94 -1.03 11.69
CA PHE A 63 0.95 -2.08 11.85
C PHE A 63 0.17 -1.90 13.16
N THR A 64 -1.13 -1.67 13.04
CA THR A 64 -1.98 -1.48 14.21
C THR A 64 -3.08 -2.54 14.28
N GLU A 65 -3.17 -3.21 15.41
CA GLU A 65 -4.17 -4.25 15.61
C GLU A 65 -5.58 -3.66 15.63
N GLY A 66 -5.92 -3.00 16.72
CA GLY A 66 -7.23 -2.39 16.85
C GLY A 66 -7.69 -1.75 15.56
N GLU A 67 -6.94 -0.76 15.09
CA GLU A 67 -7.29 -0.06 13.86
C GLU A 67 -7.31 -1.01 12.68
N ASP A 68 -6.62 -2.13 12.81
CA ASP A 68 -6.55 -3.14 11.76
C ASP A 68 -6.29 -2.49 10.41
N LYS A 69 -5.26 -1.64 10.37
CA LYS A 69 -4.89 -0.95 9.13
C LYS A 69 -3.40 -0.66 9.09
N ILE A 70 -2.86 -0.47 7.89
CA ILE A 70 -1.44 -0.18 7.72
C ILE A 70 -1.22 1.27 7.35
N THR A 71 -0.46 1.98 8.18
CA THR A 71 -0.17 3.39 7.92
C THR A 71 1.16 3.55 7.19
N LEU A 72 1.19 4.45 6.21
CA LEU A 72 2.40 4.71 5.44
C LEU A 72 2.81 6.17 5.53
N GLU A 73 4.11 6.39 5.72
CA GLU A 73 4.63 7.76 5.82
C GLU A 73 5.82 7.96 4.89
N GLY A 74 5.77 9.04 4.11
CA GLY A 74 6.85 9.32 3.17
C GLY A 74 6.36 10.04 1.93
N PRO A 75 7.24 10.17 0.93
CA PRO A 75 6.91 10.84 -0.33
C PRO A 75 5.93 10.03 -1.18
N THR A 76 4.86 10.70 -1.61
CA THR A 76 3.85 10.04 -2.43
C THR A 76 4.47 9.11 -3.45
N GLU A 77 5.52 9.58 -4.12
CA GLU A 77 6.21 8.78 -5.12
C GLU A 77 6.52 7.39 -4.58
N ASP A 78 7.04 7.33 -3.36
CA ASP A 78 7.38 6.06 -2.74
C ASP A 78 6.14 5.41 -2.13
N VAL A 79 5.36 6.19 -1.39
CA VAL A 79 4.15 5.69 -0.75
C VAL A 79 3.30 4.89 -1.74
N SER A 80 3.20 5.40 -2.96
CA SER A 80 2.41 4.73 -4.00
C SER A 80 3.02 3.38 -4.37
N VAL A 81 4.34 3.26 -4.17
CA VAL A 81 5.05 2.03 -4.48
C VAL A 81 4.97 1.05 -3.31
N ALA A 82 5.17 1.56 -2.11
CA ALA A 82 5.13 0.74 -0.90
C ALA A 82 3.71 0.26 -0.62
N GLN A 83 2.75 1.18 -0.71
CA GLN A 83 1.36 0.86 -0.46
C GLN A 83 0.84 -0.17 -1.46
N GLU A 84 1.27 -0.04 -2.70
CA GLU A 84 0.85 -0.97 -3.75
C GLU A 84 1.40 -2.37 -3.49
N GLN A 85 2.69 -2.44 -3.16
CA GLN A 85 3.33 -3.72 -2.89
C GLN A 85 2.56 -4.51 -1.84
N ILE A 86 2.24 -3.84 -0.73
CA ILE A 86 1.50 -4.48 0.36
C ILE A 86 0.13 -4.94 -0.11
N GLU A 87 -0.51 -4.13 -0.96
CA GLU A 87 -1.83 -4.46 -1.47
C GLU A 87 -1.79 -5.75 -2.29
N GLY A 88 -0.61 -6.08 -2.81
CA GLY A 88 -0.46 -7.29 -3.60
C GLY A 88 -0.40 -8.54 -2.74
N MET A 89 0.35 -8.48 -1.65
CA MET A 89 0.48 -9.61 -0.75
C MET A 89 -0.78 -9.80 0.09
N VAL A 90 -1.58 -8.73 0.19
CA VAL A 90 -2.82 -8.77 0.96
C VAL A 90 -3.92 -9.49 0.19
N LYS A 91 -4.09 -9.11 -1.08
CA LYS A 91 -5.11 -9.72 -1.93
C LYS A 91 -4.73 -11.16 -2.29
N ASP A 92 -3.43 -11.41 -2.36
CA ASP A 92 -2.93 -12.74 -2.70
C ASP A 92 -2.99 -13.67 -1.49
N LEU A 93 -2.68 -13.13 -0.31
CA LEU A 93 -2.70 -13.92 0.92
C LEU A 93 -4.12 -14.37 1.25
N ILE A 94 -5.09 -13.52 0.94
CA ILE A 94 -6.49 -13.82 1.20
C ILE A 94 -7.05 -14.78 0.16
N ASN A 95 -6.66 -14.58 -1.09
CA ASN A 95 -7.11 -15.43 -2.18
C ASN A 95 -6.60 -16.86 -2.03
N ARG A 96 -5.36 -16.98 -1.54
CA ARG A 96 -4.75 -18.29 -1.33
C ARG A 96 -5.16 -18.87 0.02
N SER A 97 -5.65 -18.01 0.90
CA SER A 97 -6.08 -18.44 2.24
C SER A 97 -7.42 -19.16 2.17
N GLY A 98 -7.38 -20.48 2.08
CA GLY A 98 -8.60 -21.26 2.01
C GLY A 98 -8.44 -22.54 1.23
N PRO A 99 -9.28 -23.54 1.53
CA PRO A 99 -9.23 -24.85 0.87
C PRO A 99 -9.71 -24.77 -0.58
N SER A 100 -10.59 -23.83 -0.87
CA SER A 100 -11.13 -23.65 -2.21
C SER A 100 -10.01 -23.71 -3.25
N SER A 101 -10.33 -24.24 -4.43
CA SER A 101 -9.36 -24.37 -5.50
C SER A 101 -10.02 -24.15 -6.86
N GLY A 102 -9.39 -23.32 -7.68
CA GLY A 102 -9.94 -23.04 -9.00
C GLY A 102 -9.66 -21.62 -9.46
N GLY A 1 -60.67 30.32 -9.43
CA GLY A 1 -59.78 30.18 -10.57
C GLY A 1 -58.54 29.39 -10.25
N SER A 2 -57.67 29.22 -11.24
CA SER A 2 -56.43 28.46 -11.06
C SER A 2 -55.33 28.99 -11.97
N SER A 3 -54.11 28.53 -11.74
CA SER A 3 -52.96 28.95 -12.55
C SER A 3 -51.73 28.10 -12.23
N GLY A 4 -50.64 28.37 -12.94
CA GLY A 4 -49.42 27.61 -12.73
C GLY A 4 -48.22 28.28 -13.38
N SER A 5 -47.08 27.59 -13.34
CA SER A 5 -45.86 28.12 -13.92
C SER A 5 -44.75 27.07 -13.90
N SER A 6 -43.58 27.44 -14.42
CA SER A 6 -42.44 26.53 -14.46
C SER A 6 -41.15 27.29 -14.72
N GLY A 7 -40.02 26.58 -14.65
CA GLY A 7 -38.74 27.21 -14.87
C GLY A 7 -37.65 26.20 -15.24
N GLU A 8 -37.00 26.44 -16.38
CA GLU A 8 -35.95 25.54 -16.84
C GLU A 8 -34.57 26.07 -16.44
N PRO A 9 -33.78 25.21 -15.77
CA PRO A 9 -32.43 25.56 -15.31
C PRO A 9 -31.45 25.72 -16.47
N GLU A 10 -30.24 26.16 -16.16
CA GLU A 10 -29.22 26.34 -17.18
C GLU A 10 -27.83 26.23 -16.56
N LYS A 11 -26.95 25.48 -17.22
CA LYS A 11 -25.58 25.29 -16.74
C LYS A 11 -24.62 25.09 -17.91
N LEU A 12 -23.50 25.78 -17.86
CA LEU A 12 -22.49 25.68 -18.92
C LEU A 12 -21.08 25.81 -18.34
N GLY A 13 -20.08 25.52 -19.16
CA GLY A 13 -18.70 25.61 -18.72
C GLY A 13 -17.91 24.36 -19.03
N GLN A 14 -17.54 24.18 -20.30
CA GLN A 14 -16.79 23.01 -20.71
C GLN A 14 -15.33 23.38 -21.00
N ALA A 15 -14.41 22.82 -20.21
CA ALA A 15 -12.99 23.09 -20.38
C ALA A 15 -12.14 21.94 -19.84
N LEU A 16 -10.88 21.92 -20.23
CA LEU A 16 -9.97 20.87 -19.79
C LEU A 16 -8.56 21.44 -19.57
N THR A 17 -8.00 21.16 -18.39
CA THR A 17 -6.67 21.63 -18.04
C THR A 17 -5.92 20.61 -17.20
N GLU A 18 -4.63 20.44 -17.49
CA GLU A 18 -3.81 19.48 -16.76
C GLU A 18 -2.58 20.18 -16.17
N VAL A 19 -2.72 20.70 -14.96
CA VAL A 19 -1.62 21.39 -14.28
C VAL A 19 -0.62 20.38 -13.71
N TYR A 20 0.48 20.90 -13.17
CA TYR A 20 1.51 20.06 -12.60
C TYR A 20 2.17 20.75 -11.41
N ALA A 21 2.62 19.95 -10.44
CA ALA A 21 3.27 20.47 -9.25
C ALA A 21 4.31 19.50 -8.72
N LYS A 22 5.49 20.04 -8.35
CA LYS A 22 6.56 19.21 -7.84
C LYS A 22 6.05 18.24 -6.78
N ALA A 23 6.75 17.13 -6.60
CA ALA A 23 6.36 16.12 -5.62
C ALA A 23 7.17 16.28 -4.34
N ASN A 24 7.30 17.52 -3.87
CA ASN A 24 8.04 17.81 -2.65
C ASN A 24 7.09 18.02 -1.47
N SER A 25 6.69 16.92 -0.84
CA SER A 25 5.78 17.00 0.30
C SER A 25 5.61 15.62 0.95
N PHE A 26 5.40 15.61 2.26
CA PHE A 26 5.21 14.38 3.00
C PHE A 26 3.79 13.84 2.84
N THR A 27 3.67 12.68 2.19
CA THR A 27 2.37 12.06 1.98
C THR A 27 2.11 10.95 2.98
N VAL A 28 0.94 11.00 3.63
CA VAL A 28 0.57 10.01 4.62
C VAL A 28 -0.78 9.37 4.28
N SER A 29 -0.74 8.11 3.87
CA SER A 29 -1.95 7.39 3.51
C SER A 29 -2.01 6.04 4.21
N SER A 30 -3.23 5.50 4.36
CA SER A 30 -3.42 4.21 5.02
C SER A 30 -3.93 3.17 4.03
N VAL A 31 -3.49 1.93 4.21
CA VAL A 31 -3.90 0.84 3.33
C VAL A 31 -4.77 -0.15 4.09
N ALA A 32 -5.89 -0.55 3.46
CA ALA A 32 -6.81 -1.50 4.06
C ALA A 32 -6.20 -2.90 4.12
N ALA A 33 -5.89 -3.36 5.33
CA ALA A 33 -5.30 -4.68 5.51
C ALA A 33 -5.69 -5.26 6.88
N PRO A 34 -5.98 -6.57 6.88
CA PRO A 34 -6.37 -7.28 8.12
C PRO A 34 -5.21 -7.43 9.09
N SER A 35 -5.49 -8.02 10.24
CA SER A 35 -4.46 -8.24 11.26
C SER A 35 -4.37 -9.71 11.64
N TRP A 36 -5.32 -10.50 11.15
CA TRP A 36 -5.34 -11.93 11.45
C TRP A 36 -4.27 -12.66 10.65
N LEU A 37 -3.76 -12.01 9.61
CA LEU A 37 -2.72 -12.61 8.78
C LEU A 37 -1.39 -11.88 8.95
N HIS A 38 -1.29 -11.11 10.03
CA HIS A 38 -0.07 -10.37 10.32
C HIS A 38 1.12 -11.30 10.50
N ARG A 39 0.87 -12.45 11.12
CA ARG A 39 1.92 -13.44 11.36
C ARG A 39 2.53 -13.91 10.04
N PHE A 40 1.83 -13.64 8.94
CA PHE A 40 2.30 -14.03 7.62
C PHE A 40 2.77 -12.82 6.82
N ILE A 41 2.19 -11.66 7.11
CA ILE A 41 2.55 -10.43 6.43
C ILE A 41 3.91 -9.91 6.91
N ILE A 42 4.20 -10.13 8.18
CA ILE A 42 5.46 -9.70 8.76
C ILE A 42 6.59 -10.68 8.45
N GLY A 43 6.37 -11.94 8.80
CA GLY A 43 7.37 -12.96 8.55
C GLY A 43 7.97 -13.52 9.82
N LYS A 44 8.29 -14.81 9.82
CA LYS A 44 8.87 -15.46 10.99
C LYS A 44 10.12 -14.72 11.46
N LYS A 45 11.03 -14.45 10.53
CA LYS A 45 12.26 -13.74 10.85
C LYS A 45 12.28 -12.36 10.20
N GLY A 46 11.14 -11.68 10.22
CA GLY A 46 11.04 -10.36 9.64
C GLY A 46 11.85 -10.24 8.36
N GLN A 47 11.41 -10.92 7.31
CA GLN A 47 12.10 -10.88 6.03
C GLN A 47 11.31 -10.08 5.00
N ASN A 48 10.01 -10.31 4.96
CA ASN A 48 9.13 -9.61 4.02
C ASN A 48 9.22 -8.10 4.21
N LEU A 49 9.10 -7.66 5.46
CA LEU A 49 9.18 -6.23 5.77
C LEU A 49 10.60 -5.70 5.56
N ALA A 50 11.55 -6.34 6.22
CA ALA A 50 12.95 -5.93 6.10
C ALA A 50 13.34 -5.71 4.65
N LYS A 51 12.98 -6.64 3.79
CA LYS A 51 13.28 -6.54 2.36
C LYS A 51 12.66 -5.29 1.76
N ILE A 52 11.34 -5.21 1.78
CA ILE A 52 10.63 -4.05 1.25
C ILE A 52 11.18 -2.75 1.82
N THR A 53 11.12 -2.62 3.14
CA THR A 53 11.62 -1.42 3.80
C THR A 53 13.03 -1.07 3.32
N GLN A 54 13.82 -2.09 3.03
CA GLN A 54 15.19 -1.90 2.56
C GLN A 54 15.21 -1.16 1.23
N GLN A 55 14.26 -1.49 0.37
CA GLN A 55 14.16 -0.86 -0.94
C GLN A 55 13.58 0.55 -0.83
N MET A 56 12.65 0.72 0.10
CA MET A 56 12.01 2.01 0.31
C MET A 56 12.00 2.38 1.79
N PRO A 57 13.14 2.88 2.29
CA PRO A 57 13.28 3.28 3.69
C PRO A 57 12.48 4.53 4.03
N LYS A 58 12.21 5.35 3.02
CA LYS A 58 11.46 6.57 3.20
C LYS A 58 10.01 6.27 3.57
N VAL A 59 9.56 5.06 3.24
CA VAL A 59 8.20 4.64 3.55
C VAL A 59 8.13 3.93 4.89
N HIS A 60 7.38 4.51 5.82
CA HIS A 60 7.23 3.94 7.15
C HIS A 60 5.99 3.06 7.22
N ILE A 61 6.19 1.75 7.37
CA ILE A 61 5.09 0.80 7.45
C ILE A 61 4.75 0.48 8.90
N GLU A 62 3.47 0.66 9.27
CA GLU A 62 3.02 0.39 10.62
C GLU A 62 1.94 -0.69 10.62
N PHE A 63 1.93 -1.50 11.68
CA PHE A 63 0.94 -2.58 11.80
C PHE A 63 0.18 -2.45 13.11
N THR A 64 -0.99 -1.81 13.05
CA THR A 64 -1.82 -1.63 14.23
C THR A 64 -2.37 -2.96 14.73
N GLU A 65 -3.08 -2.92 15.85
CA GLU A 65 -3.66 -4.12 16.44
C GLU A 65 -5.17 -3.97 16.62
N GLY A 66 -5.65 -2.74 16.48
CA GLY A 66 -7.07 -2.48 16.65
C GLY A 66 -7.65 -1.68 15.50
N GLU A 67 -6.77 -1.18 14.63
CA GLU A 67 -7.21 -0.39 13.48
C GLU A 67 -7.21 -1.23 12.21
N ASP A 68 -6.72 -2.46 12.33
CA ASP A 68 -6.67 -3.38 11.18
C ASP A 68 -6.33 -2.62 9.90
N LYS A 69 -5.22 -1.89 9.93
CA LYS A 69 -4.78 -1.12 8.77
C LYS A 69 -3.28 -0.85 8.83
N ILE A 70 -2.69 -0.53 7.67
CA ILE A 70 -1.27 -0.25 7.59
C ILE A 70 -1.01 1.22 7.29
N THR A 71 -0.39 1.91 8.23
CA THR A 71 -0.09 3.33 8.07
C THR A 71 1.20 3.52 7.28
N LEU A 72 1.13 4.32 6.21
CA LEU A 72 2.28 4.59 5.37
C LEU A 72 2.63 6.06 5.38
N GLU A 73 3.91 6.37 5.54
CA GLU A 73 4.37 7.76 5.56
C GLU A 73 5.56 7.96 4.63
N GLY A 74 5.52 9.03 3.85
CA GLY A 74 6.60 9.31 2.92
C GLY A 74 6.11 10.06 1.68
N PRO A 75 7.00 10.18 0.68
CA PRO A 75 6.68 10.88 -0.56
C PRO A 75 5.68 10.11 -1.43
N THR A 76 4.61 10.79 -1.83
CA THR A 76 3.58 10.16 -2.65
C THR A 76 4.20 9.27 -3.72
N GLU A 77 5.43 9.59 -4.10
CA GLU A 77 6.14 8.81 -5.12
C GLU A 77 6.41 7.39 -4.63
N ASP A 78 7.07 7.28 -3.50
CA ASP A 78 7.39 5.98 -2.92
C ASP A 78 6.17 5.37 -2.23
N VAL A 79 5.42 6.21 -1.52
CA VAL A 79 4.23 5.75 -0.82
C VAL A 79 3.34 4.91 -1.74
N SER A 80 3.17 5.37 -2.97
CA SER A 80 2.34 4.67 -3.94
C SER A 80 2.93 3.30 -4.26
N VAL A 81 4.26 3.22 -4.27
CA VAL A 81 4.94 1.96 -4.56
C VAL A 81 4.81 0.98 -3.40
N ALA A 82 5.22 1.42 -2.21
CA ALA A 82 5.15 0.58 -1.02
C ALA A 82 3.72 0.14 -0.75
N GLN A 83 2.80 1.10 -0.69
CA GLN A 83 1.39 0.81 -0.43
C GLN A 83 0.85 -0.17 -1.47
N GLU A 84 1.17 0.07 -2.73
CA GLU A 84 0.71 -0.78 -3.82
C GLU A 84 1.24 -2.20 -3.66
N GLN A 85 2.53 -2.32 -3.36
CA GLN A 85 3.16 -3.62 -3.18
C GLN A 85 2.45 -4.41 -2.10
N ILE A 86 2.09 -3.75 -1.00
CA ILE A 86 1.40 -4.39 0.10
C ILE A 86 -0.02 -4.78 -0.29
N GLU A 87 -0.65 -3.96 -1.11
CA GLU A 87 -2.01 -4.23 -1.56
C GLU A 87 -2.10 -5.57 -2.28
N GLY A 88 -1.02 -5.94 -2.95
CA GLY A 88 -0.98 -7.20 -3.68
C GLY A 88 -0.81 -8.39 -2.76
N MET A 89 0.26 -8.38 -1.98
CA MET A 89 0.54 -9.47 -1.05
C MET A 89 -0.62 -9.67 -0.07
N VAL A 90 -1.27 -8.57 0.29
CA VAL A 90 -2.39 -8.62 1.21
C VAL A 90 -3.58 -9.36 0.60
N LYS A 91 -4.09 -8.84 -0.51
CA LYS A 91 -5.22 -9.45 -1.20
C LYS A 91 -4.93 -10.92 -1.52
N ASP A 92 -3.82 -11.15 -2.21
CA ASP A 92 -3.42 -12.50 -2.58
C ASP A 92 -3.52 -13.45 -1.39
N LEU A 93 -2.97 -13.03 -0.26
CA LEU A 93 -3.00 -13.84 0.95
C LEU A 93 -4.43 -14.21 1.33
N ILE A 94 -5.30 -13.21 1.37
CA ILE A 94 -6.70 -13.42 1.71
C ILE A 94 -7.38 -14.36 0.71
N ASN A 95 -7.10 -14.13 -0.57
CA ASN A 95 -7.68 -14.96 -1.63
C ASN A 95 -7.44 -16.44 -1.36
N ARG A 96 -6.22 -16.76 -0.95
CA ARG A 96 -5.84 -18.14 -0.66
C ARG A 96 -6.88 -18.81 0.24
N SER A 97 -7.27 -18.10 1.30
CA SER A 97 -8.25 -18.62 2.24
C SER A 97 -9.62 -18.73 1.59
N GLY A 98 -10.55 -19.43 2.26
CA GLY A 98 -11.88 -19.60 1.73
C GLY A 98 -11.94 -20.66 0.65
N PRO A 99 -12.92 -20.53 -0.26
CA PRO A 99 -13.11 -21.48 -1.36
C PRO A 99 -11.99 -21.40 -2.39
N SER A 100 -11.58 -22.57 -2.90
CA SER A 100 -10.52 -22.62 -3.90
C SER A 100 -11.05 -23.16 -5.22
N SER A 101 -11.71 -24.30 -5.18
CA SER A 101 -12.26 -24.92 -6.38
C SER A 101 -13.70 -24.47 -6.61
N GLY A 102 -14.11 -24.45 -7.88
CA GLY A 102 -15.45 -24.03 -8.21
C GLY A 102 -15.52 -23.19 -9.46
N GLY A 1 10.18 -4.59 -67.46
CA GLY A 1 9.37 -4.29 -66.30
C GLY A 1 10.16 -4.36 -65.00
N SER A 2 9.78 -5.28 -64.13
CA SER A 2 10.46 -5.44 -62.84
C SER A 2 10.87 -4.09 -62.28
N SER A 3 9.98 -3.11 -62.38
CA SER A 3 10.26 -1.77 -61.88
C SER A 3 9.95 -1.67 -60.39
N GLY A 4 8.72 -2.01 -60.02
CA GLY A 4 8.33 -1.95 -58.62
C GLY A 4 8.33 -0.54 -58.07
N SER A 5 7.30 -0.20 -57.30
CA SER A 5 7.19 1.13 -56.73
C SER A 5 6.25 1.12 -55.52
N SER A 6 6.49 2.03 -54.59
CA SER A 6 5.67 2.13 -53.39
C SER A 6 5.95 3.42 -52.64
N GLY A 7 5.21 3.65 -51.55
CA GLY A 7 5.40 4.85 -50.76
C GLY A 7 4.42 4.95 -49.61
N GLU A 8 3.81 6.11 -49.44
CA GLU A 8 2.86 6.33 -48.36
C GLU A 8 3.41 5.83 -47.03
N PRO A 9 4.59 6.33 -46.66
CA PRO A 9 5.27 5.94 -45.42
C PRO A 9 4.54 6.48 -44.18
N GLU A 10 5.14 6.26 -43.01
CA GLU A 10 4.54 6.72 -41.77
C GLU A 10 5.27 7.96 -41.26
N LYS A 11 4.78 8.52 -40.15
CA LYS A 11 5.37 9.71 -39.57
C LYS A 11 4.71 10.05 -38.23
N LEU A 12 5.49 10.60 -37.32
CA LEU A 12 4.98 10.97 -35.99
C LEU A 12 5.70 12.21 -35.46
N GLY A 13 5.30 12.66 -34.27
CA GLY A 13 5.92 13.82 -33.67
C GLY A 13 5.05 14.44 -32.59
N GLN A 14 5.53 14.38 -31.35
CA GLN A 14 4.79 14.94 -30.22
C GLN A 14 5.72 15.15 -29.01
N ALA A 15 5.45 16.21 -28.26
CA ALA A 15 6.26 16.52 -27.09
C ALA A 15 5.40 17.09 -25.96
N LEU A 16 5.52 16.50 -24.78
CA LEU A 16 4.76 16.93 -23.62
C LEU A 16 5.65 17.63 -22.61
N THR A 17 5.91 18.91 -22.84
CA THR A 17 6.75 19.70 -21.95
C THR A 17 6.11 21.04 -21.62
N GLU A 18 5.82 21.25 -20.33
CA GLU A 18 5.19 22.50 -19.88
C GLU A 18 5.78 22.93 -18.55
N VAL A 19 5.39 24.13 -18.11
CA VAL A 19 5.87 24.68 -16.85
C VAL A 19 5.32 23.90 -15.66
N TYR A 20 6.19 23.14 -15.01
CA TYR A 20 5.80 22.34 -13.86
C TYR A 20 7.02 21.82 -13.11
N ALA A 21 6.78 21.18 -11.96
CA ALA A 21 7.85 20.63 -11.16
C ALA A 21 7.31 19.84 -9.97
N LYS A 22 8.07 18.86 -9.51
CA LYS A 22 7.66 18.03 -8.38
C LYS A 22 7.97 18.72 -7.06
N ALA A 23 6.92 19.20 -6.39
CA ALA A 23 7.08 19.88 -5.11
C ALA A 23 7.27 18.88 -3.97
N ASN A 24 8.52 18.68 -3.57
CA ASN A 24 8.83 17.74 -2.50
C ASN A 24 7.93 17.98 -1.29
N SER A 25 7.06 17.02 -1.01
CA SER A 25 6.14 17.13 0.11
C SER A 25 5.94 15.77 0.78
N PHE A 26 5.53 15.79 2.04
CA PHE A 26 5.29 14.56 2.79
C PHE A 26 3.87 14.07 2.59
N THR A 27 3.73 12.77 2.29
CA THR A 27 2.42 12.17 2.07
C THR A 27 2.23 10.95 2.96
N VAL A 28 1.08 10.89 3.62
CA VAL A 28 0.76 9.76 4.50
C VAL A 28 -0.54 9.09 4.08
N SER A 29 -0.42 7.85 3.62
CA SER A 29 -1.58 7.08 3.18
C SER A 29 -1.72 5.79 3.99
N SER A 30 -2.90 5.19 3.93
CA SER A 30 -3.17 3.96 4.66
C SER A 30 -3.61 2.85 3.71
N VAL A 31 -3.39 1.60 4.12
CA VAL A 31 -3.76 0.45 3.30
C VAL A 31 -4.62 -0.52 4.09
N ALA A 32 -5.85 -0.72 3.64
CA ALA A 32 -6.78 -1.63 4.31
C ALA A 32 -6.22 -3.04 4.35
N ALA A 33 -5.76 -3.45 5.52
CA ALA A 33 -5.19 -4.79 5.70
C ALA A 33 -5.59 -5.38 7.05
N PRO A 34 -5.87 -6.69 7.07
CA PRO A 34 -6.26 -7.40 8.29
C PRO A 34 -5.11 -7.53 9.28
N SER A 35 -5.38 -8.16 10.41
CA SER A 35 -4.36 -8.35 11.44
C SER A 35 -4.19 -9.83 11.78
N TRP A 36 -5.23 -10.62 11.51
CA TRP A 36 -5.20 -12.05 11.78
C TRP A 36 -4.08 -12.72 11.00
N LEU A 37 -3.53 -12.00 10.03
CA LEU A 37 -2.44 -12.53 9.21
C LEU A 37 -1.17 -11.70 9.39
N HIS A 38 -1.11 -10.95 10.48
CA HIS A 38 0.05 -10.11 10.77
C HIS A 38 1.31 -10.96 10.93
N ARG A 39 1.13 -12.19 11.43
CA ARG A 39 2.24 -13.10 11.64
C ARG A 39 2.89 -13.49 10.31
N PHE A 40 2.06 -13.62 9.27
CA PHE A 40 2.55 -13.99 7.95
C PHE A 40 3.01 -12.76 7.18
N ILE A 41 2.24 -11.68 7.27
CA ILE A 41 2.56 -10.45 6.59
C ILE A 41 3.88 -9.85 7.10
N ILE A 42 4.14 -10.07 8.39
CA ILE A 42 5.37 -9.56 9.00
C ILE A 42 6.54 -10.51 8.73
N GLY A 43 6.34 -11.79 8.99
CA GLY A 43 7.38 -12.77 8.78
C GLY A 43 7.95 -13.30 10.08
N LYS A 44 8.10 -14.62 10.16
CA LYS A 44 8.63 -15.26 11.37
C LYS A 44 9.85 -14.50 11.88
N LYS A 45 10.74 -14.12 10.97
CA LYS A 45 11.95 -13.39 11.34
C LYS A 45 12.02 -12.06 10.59
N GLY A 46 10.90 -11.35 10.55
CA GLY A 46 10.87 -10.07 9.86
C GLY A 46 11.63 -10.09 8.55
N GLN A 47 11.07 -10.77 7.56
CA GLN A 47 11.70 -10.87 6.25
C GLN A 47 10.87 -10.16 5.19
N ASN A 48 9.57 -10.44 5.17
CA ASN A 48 8.67 -9.83 4.20
C ASN A 48 8.68 -8.30 4.34
N LEU A 49 8.71 -7.82 5.58
CA LEU A 49 8.74 -6.39 5.85
C LEU A 49 10.11 -5.80 5.57
N ALA A 50 11.14 -6.41 6.16
CA ALA A 50 12.51 -5.95 5.98
C ALA A 50 12.79 -5.65 4.50
N LYS A 51 12.30 -6.52 3.63
CA LYS A 51 12.50 -6.36 2.19
C LYS A 51 11.95 -5.02 1.71
N ILE A 52 10.65 -4.81 1.92
CA ILE A 52 9.99 -3.57 1.51
C ILE A 52 10.77 -2.36 2.01
N THR A 53 10.93 -2.26 3.33
CA THR A 53 11.64 -1.15 3.93
C THR A 53 13.01 -0.95 3.28
N GLN A 54 13.68 -2.05 2.97
CA GLN A 54 14.99 -2.00 2.34
C GLN A 54 14.91 -1.31 0.98
N GLN A 55 13.95 -1.73 0.16
CA GLN A 55 13.76 -1.16 -1.16
C GLN A 55 13.24 0.27 -1.07
N MET A 56 12.50 0.56 -0.01
CA MET A 56 11.94 1.89 0.19
C MET A 56 12.14 2.35 1.63
N PRO A 57 13.35 2.86 1.92
CA PRO A 57 13.70 3.36 3.25
C PRO A 57 12.96 4.63 3.62
N LYS A 58 12.74 5.49 2.62
CA LYS A 58 12.04 6.75 2.84
C LYS A 58 10.65 6.50 3.41
N VAL A 59 10.00 5.44 2.93
CA VAL A 59 8.66 5.10 3.40
C VAL A 59 8.71 4.36 4.74
N HIS A 60 7.74 4.66 5.61
CA HIS A 60 7.68 4.03 6.91
C HIS A 60 6.44 3.14 7.02
N ILE A 61 6.65 1.86 7.32
CA ILE A 61 5.56 0.91 7.46
C ILE A 61 5.13 0.78 8.91
N GLU A 62 3.82 0.77 9.13
CA GLU A 62 3.27 0.66 10.48
C GLU A 62 2.12 -0.36 10.51
N PHE A 63 2.04 -1.09 11.61
CA PHE A 63 0.99 -2.10 11.78
C PHE A 63 0.18 -1.84 13.05
N THR A 64 -1.14 -1.93 12.92
CA THR A 64 -2.03 -1.72 14.06
C THR A 64 -3.15 -2.74 14.09
N GLU A 65 -3.20 -3.53 15.15
CA GLU A 65 -4.23 -4.56 15.29
C GLU A 65 -5.62 -3.94 15.38
N GLY A 66 -5.79 -3.02 16.31
CA GLY A 66 -7.08 -2.36 16.48
C GLY A 66 -7.61 -1.80 15.17
N GLU A 67 -7.01 -0.72 14.70
CA GLU A 67 -7.44 -0.09 13.45
C GLU A 67 -7.41 -1.09 12.30
N ASP A 68 -6.69 -2.19 12.49
CA ASP A 68 -6.59 -3.23 11.47
C ASP A 68 -6.25 -2.63 10.12
N LYS A 69 -5.21 -1.79 10.09
CA LYS A 69 -4.79 -1.15 8.85
C LYS A 69 -3.30 -0.82 8.90
N ILE A 70 -2.72 -0.56 7.73
CA ILE A 70 -1.30 -0.23 7.64
C ILE A 70 -1.11 1.25 7.31
N THR A 71 -0.39 1.95 8.20
CA THR A 71 -0.13 3.37 8.00
C THR A 71 1.21 3.60 7.33
N LEU A 72 1.20 4.31 6.21
CA LEU A 72 2.42 4.59 5.46
C LEU A 72 2.79 6.07 5.56
N GLU A 73 4.08 6.35 5.57
CA GLU A 73 4.57 7.73 5.67
C GLU A 73 5.74 7.96 4.73
N GLY A 74 5.63 8.99 3.90
CA GLY A 74 6.69 9.30 2.96
C GLY A 74 6.19 10.06 1.75
N PRO A 75 7.05 10.19 0.72
CA PRO A 75 6.70 10.91 -0.51
C PRO A 75 5.67 10.16 -1.35
N THR A 76 4.63 10.86 -1.77
CA THR A 76 3.58 10.26 -2.58
C THR A 76 4.16 9.32 -3.63
N GLU A 77 5.38 9.61 -4.07
CA GLU A 77 6.05 8.79 -5.08
C GLU A 77 6.34 7.39 -4.53
N ASP A 78 7.07 7.34 -3.41
CA ASP A 78 7.41 6.07 -2.79
C ASP A 78 6.20 5.45 -2.11
N VAL A 79 5.53 6.24 -1.28
CA VAL A 79 4.35 5.78 -0.56
C VAL A 79 3.40 5.03 -1.48
N SER A 80 3.23 5.54 -2.70
CA SER A 80 2.35 4.92 -3.68
C SER A 80 2.85 3.54 -4.06
N VAL A 81 4.17 3.39 -4.16
CA VAL A 81 4.78 2.12 -4.52
C VAL A 81 4.66 1.11 -3.38
N ALA A 82 5.11 1.52 -2.19
CA ALA A 82 5.05 0.66 -1.02
C ALA A 82 3.63 0.21 -0.74
N GLN A 83 2.73 1.18 -0.58
CA GLN A 83 1.32 0.87 -0.30
C GLN A 83 0.77 -0.12 -1.32
N GLU A 84 1.28 -0.06 -2.54
CA GLU A 84 0.84 -0.95 -3.60
C GLU A 84 1.42 -2.35 -3.41
N GLN A 85 2.70 -2.41 -3.04
CA GLN A 85 3.36 -3.69 -2.82
C GLN A 85 2.64 -4.51 -1.76
N ILE A 86 2.19 -3.84 -0.71
CA ILE A 86 1.47 -4.51 0.38
C ILE A 86 0.10 -4.98 -0.07
N GLU A 87 -0.58 -4.14 -0.85
CA GLU A 87 -1.91 -4.48 -1.35
C GLU A 87 -1.87 -5.77 -2.16
N GLY A 88 -0.75 -6.00 -2.84
CA GLY A 88 -0.62 -7.20 -3.65
C GLY A 88 -0.52 -8.46 -2.81
N MET A 89 0.40 -8.45 -1.84
CA MET A 89 0.59 -9.60 -0.97
C MET A 89 -0.69 -9.92 -0.20
N VAL A 90 -1.35 -8.88 0.30
CA VAL A 90 -2.59 -9.06 1.06
C VAL A 90 -3.68 -9.67 0.18
N LYS A 91 -4.00 -9.00 -0.92
CA LYS A 91 -5.03 -9.48 -1.83
C LYS A 91 -4.83 -10.96 -2.14
N ASP A 92 -3.62 -11.33 -2.52
CA ASP A 92 -3.30 -12.73 -2.83
C ASP A 92 -3.47 -13.62 -1.61
N LEU A 93 -3.01 -13.13 -0.46
CA LEU A 93 -3.11 -13.88 0.78
C LEU A 93 -4.57 -14.21 1.10
N ILE A 94 -5.45 -13.24 0.88
CA ILE A 94 -6.88 -13.43 1.13
C ILE A 94 -7.54 -14.25 0.02
N ASN A 95 -7.07 -14.03 -1.21
CA ASN A 95 -7.61 -14.73 -2.37
C ASN A 95 -7.31 -16.22 -2.29
N ARG A 96 -6.08 -16.55 -1.89
CA ARG A 96 -5.66 -17.94 -1.77
C ARG A 96 -6.35 -18.62 -0.59
N SER A 97 -6.45 -17.91 0.52
CA SER A 97 -7.09 -18.44 1.72
C SER A 97 -8.45 -19.04 1.39
N GLY A 98 -9.33 -18.22 0.82
CA GLY A 98 -10.66 -18.70 0.46
C GLY A 98 -10.62 -19.96 -0.36
N PRO A 99 -11.69 -20.76 -0.27
CA PRO A 99 -11.80 -22.02 -1.01
C PRO A 99 -11.97 -21.80 -2.51
N SER A 100 -12.05 -20.54 -2.91
CA SER A 100 -12.22 -20.19 -4.32
C SER A 100 -10.87 -20.00 -4.99
N SER A 101 -10.72 -20.59 -6.17
CA SER A 101 -9.46 -20.48 -6.93
C SER A 101 -9.15 -19.03 -7.26
N GLY A 102 -7.98 -18.57 -6.85
CA GLY A 102 -7.57 -17.20 -7.10
C GLY A 102 -7.39 -16.92 -8.59
N GLY A 1 -22.27 10.23 -35.62
CA GLY A 1 -23.03 9.92 -36.82
C GLY A 1 -23.36 11.14 -37.64
N SER A 2 -24.57 11.67 -37.45
CA SER A 2 -25.01 12.86 -38.19
C SER A 2 -24.66 14.13 -37.42
N SER A 3 -24.59 15.24 -38.14
CA SER A 3 -24.27 16.53 -37.53
C SER A 3 -25.52 17.36 -37.31
N GLY A 4 -26.26 17.60 -38.39
CA GLY A 4 -27.48 18.38 -38.30
C GLY A 4 -27.23 19.87 -38.44
N SER A 5 -28.29 20.67 -38.35
CA SER A 5 -28.18 22.12 -38.47
C SER A 5 -28.19 22.78 -37.10
N SER A 6 -27.01 23.17 -36.64
CA SER A 6 -26.88 23.81 -35.33
C SER A 6 -25.50 24.45 -35.18
N GLY A 7 -25.41 25.45 -34.30
CA GLY A 7 -24.14 26.12 -34.08
C GLY A 7 -23.42 25.59 -32.87
N GLU A 8 -22.29 24.94 -33.09
CA GLU A 8 -21.50 24.37 -32.00
C GLU A 8 -20.16 25.09 -31.87
N PRO A 9 -20.16 26.26 -31.23
CA PRO A 9 -18.95 27.06 -31.03
C PRO A 9 -17.97 26.42 -30.05
N GLU A 10 -16.85 27.09 -29.82
CA GLU A 10 -15.84 26.57 -28.91
C GLU A 10 -15.21 27.70 -28.09
N LYS A 11 -14.77 27.38 -26.88
CA LYS A 11 -14.15 28.37 -26.00
C LYS A 11 -13.44 27.68 -24.83
N LEU A 12 -12.11 27.78 -24.84
CA LEU A 12 -11.31 27.17 -23.78
C LEU A 12 -10.06 28.00 -23.51
N GLY A 13 -9.43 27.75 -22.36
CA GLY A 13 -8.22 28.48 -22.01
C GLY A 13 -8.48 29.95 -21.73
N GLN A 14 -8.94 30.24 -20.52
CA GLN A 14 -9.24 31.61 -20.13
C GLN A 14 -8.20 32.13 -19.13
N ALA A 15 -7.93 31.35 -18.09
CA ALA A 15 -6.97 31.73 -17.07
C ALA A 15 -5.83 30.73 -16.99
N LEU A 16 -4.86 30.87 -17.88
CA LEU A 16 -3.70 29.97 -17.91
C LEU A 16 -2.74 30.27 -16.77
N THR A 17 -3.25 30.22 -15.54
CA THR A 17 -2.44 30.49 -14.36
C THR A 17 -1.57 29.30 -14.01
N GLU A 18 -0.48 29.55 -13.27
CA GLU A 18 0.42 28.49 -12.87
C GLU A 18 0.64 28.50 -11.36
N VAL A 19 -0.07 27.62 -10.66
CA VAL A 19 0.05 27.53 -9.21
C VAL A 19 1.38 26.90 -8.80
N TYR A 20 2.00 27.48 -7.77
CA TYR A 20 3.28 27.00 -7.28
C TYR A 20 3.29 26.91 -5.76
N ALA A 21 3.28 25.69 -5.24
CA ALA A 21 3.29 25.46 -3.80
C ALA A 21 4.34 24.44 -3.41
N LYS A 22 5.42 24.91 -2.80
CA LYS A 22 6.50 24.02 -2.37
C LYS A 22 6.14 23.32 -1.07
N ALA A 23 5.41 22.22 -1.18
CA ALA A 23 5.00 21.45 -0.02
C ALA A 23 6.16 20.61 0.52
N ASN A 24 6.67 20.99 1.68
CA ASN A 24 7.78 20.27 2.30
C ASN A 24 7.31 18.96 2.91
N SER A 25 6.42 19.06 3.90
CA SER A 25 5.89 17.88 4.56
C SER A 25 5.64 16.75 3.57
N PHE A 26 5.82 15.52 4.03
CA PHE A 26 5.61 14.35 3.18
C PHE A 26 4.14 13.94 3.16
N THR A 27 3.85 12.82 2.50
CA THR A 27 2.49 12.31 2.40
C THR A 27 2.31 11.05 3.23
N VAL A 28 1.09 10.81 3.71
CA VAL A 28 0.79 9.63 4.51
C VAL A 28 -0.38 8.85 3.92
N SER A 29 -0.10 7.64 3.43
CA SER A 29 -1.13 6.80 2.84
C SER A 29 -1.43 5.61 3.73
N SER A 30 -2.62 5.03 3.58
CA SER A 30 -3.03 3.89 4.37
C SER A 30 -3.55 2.76 3.48
N VAL A 31 -3.31 1.52 3.90
CA VAL A 31 -3.74 0.36 3.14
C VAL A 31 -4.58 -0.57 4.00
N ALA A 32 -5.79 -0.87 3.54
CA ALA A 32 -6.69 -1.76 4.27
C ALA A 32 -6.14 -3.18 4.32
N ALA A 33 -5.85 -3.66 5.52
CA ALA A 33 -5.32 -5.01 5.70
C ALA A 33 -5.70 -5.57 7.07
N PRO A 34 -5.98 -6.88 7.11
CA PRO A 34 -6.37 -7.56 8.36
C PRO A 34 -5.21 -7.68 9.32
N SER A 35 -5.50 -8.11 10.55
CA SER A 35 -4.48 -8.26 11.58
C SER A 35 -4.36 -9.72 12.01
N TRP A 36 -5.40 -10.50 11.74
CA TRP A 36 -5.41 -11.91 12.09
C TRP A 36 -4.30 -12.66 11.36
N LEU A 37 -3.78 -12.05 10.30
CA LEU A 37 -2.71 -12.67 9.52
C LEU A 37 -1.41 -11.90 9.67
N HIS A 38 -1.28 -11.16 10.77
CA HIS A 38 -0.09 -10.37 11.05
C HIS A 38 1.16 -11.25 11.02
N ARG A 39 1.00 -12.51 11.44
CA ARG A 39 2.12 -13.45 11.47
C ARG A 39 2.58 -13.78 10.06
N PHE A 40 1.72 -13.56 9.08
CA PHE A 40 2.04 -13.84 7.69
C PHE A 40 2.44 -12.56 6.96
N ILE A 41 1.64 -11.51 7.13
CA ILE A 41 1.91 -10.23 6.48
C ILE A 41 3.30 -9.72 6.84
N ILE A 42 3.69 -9.92 8.10
CA ILE A 42 5.00 -9.48 8.58
C ILE A 42 6.10 -10.43 8.12
N GLY A 43 5.91 -11.72 8.38
CA GLY A 43 6.89 -12.71 7.98
C GLY A 43 7.74 -13.19 9.14
N LYS A 44 8.83 -13.86 8.83
CA LYS A 44 9.74 -14.37 9.86
C LYS A 44 10.65 -13.27 10.38
N LYS A 45 10.45 -12.90 11.64
CA LYS A 45 11.25 -11.86 12.26
C LYS A 45 11.35 -10.62 11.36
N GLY A 46 10.23 -10.28 10.73
CA GLY A 46 10.20 -9.12 9.86
C GLY A 46 10.90 -9.39 8.53
N GLN A 47 10.45 -10.42 7.82
CA GLN A 47 11.04 -10.77 6.54
C GLN A 47 10.36 -10.01 5.40
N ASN A 48 9.04 -10.15 5.31
CA ASN A 48 8.27 -9.46 4.27
C ASN A 48 8.36 -7.96 4.42
N LEU A 49 8.42 -7.49 5.67
CA LEU A 49 8.50 -6.07 5.95
C LEU A 49 9.88 -5.51 5.55
N ALA A 50 10.93 -6.18 6.00
CA ALA A 50 12.29 -5.76 5.69
C ALA A 50 12.46 -5.54 4.19
N LYS A 51 11.97 -6.48 3.40
CA LYS A 51 12.07 -6.39 1.95
C LYS A 51 11.59 -5.03 1.45
N ILE A 52 10.33 -4.72 1.73
CA ILE A 52 9.75 -3.44 1.32
C ILE A 52 10.57 -2.27 1.84
N THR A 53 10.78 -2.23 3.16
CA THR A 53 11.55 -1.16 3.78
C THR A 53 12.95 -1.07 3.17
N GLN A 54 13.41 -2.17 2.59
CA GLN A 54 14.73 -2.20 1.97
C GLN A 54 14.72 -1.48 0.63
N GLN A 55 13.62 -1.59 -0.09
CA GLN A 55 13.48 -0.95 -1.39
C GLN A 55 13.53 0.58 -1.26
N MET A 56 13.05 1.08 -0.12
CA MET A 56 13.04 2.51 0.14
C MET A 56 12.71 2.80 1.60
N PRO A 57 13.67 3.40 2.31
CA PRO A 57 13.51 3.74 3.73
C PRO A 57 12.51 4.88 3.94
N LYS A 58 12.59 5.89 3.09
CA LYS A 58 11.69 7.03 3.18
C LYS A 58 10.29 6.60 3.63
N VAL A 59 9.83 5.47 3.09
CA VAL A 59 8.51 4.94 3.43
C VAL A 59 8.55 4.20 4.75
N HIS A 60 7.63 4.54 5.65
CA HIS A 60 7.56 3.90 6.96
C HIS A 60 6.28 3.06 7.08
N ILE A 61 6.45 1.81 7.49
CA ILE A 61 5.31 0.91 7.66
C ILE A 61 4.93 0.77 9.12
N GLU A 62 3.63 0.86 9.40
CA GLU A 62 3.13 0.73 10.76
C GLU A 62 1.94 -0.22 10.82
N PHE A 63 1.84 -0.97 11.92
CA PHE A 63 0.76 -1.92 12.10
C PHE A 63 -0.08 -1.57 13.32
N THR A 64 -1.40 -1.61 13.16
CA THR A 64 -2.32 -1.30 14.25
C THR A 64 -2.99 -2.54 14.80
N GLU A 65 -3.79 -2.38 15.85
CA GLU A 65 -4.49 -3.50 16.47
C GLU A 65 -5.99 -3.38 16.27
N GLY A 66 -6.53 -2.20 16.57
CA GLY A 66 -7.95 -1.98 16.42
C GLY A 66 -8.30 -1.33 15.10
N GLU A 67 -7.42 -0.47 14.61
CA GLU A 67 -7.64 0.22 13.34
C GLU A 67 -7.67 -0.76 12.18
N ASP A 68 -7.03 -1.91 12.38
CA ASP A 68 -6.98 -2.94 11.35
C ASP A 68 -6.58 -2.36 10.00
N LYS A 69 -5.47 -1.62 9.99
CA LYS A 69 -4.98 -1.00 8.77
C LYS A 69 -3.48 -0.75 8.85
N ILE A 70 -2.84 -0.61 7.69
CA ILE A 70 -1.40 -0.35 7.63
C ILE A 70 -1.12 1.09 7.22
N THR A 71 -0.63 1.88 8.17
CA THR A 71 -0.31 3.27 7.90
C THR A 71 1.05 3.41 7.24
N LEU A 72 1.14 4.32 6.27
CA LEU A 72 2.40 4.55 5.55
C LEU A 72 2.80 6.02 5.61
N GLU A 73 4.08 6.27 5.85
CA GLU A 73 4.59 7.63 5.94
C GLU A 73 5.78 7.83 5.00
N GLY A 74 5.75 8.90 4.23
CA GLY A 74 6.83 9.18 3.29
C GLY A 74 6.37 9.99 2.09
N PRO A 75 7.27 10.13 1.11
CA PRO A 75 6.96 10.89 -0.12
C PRO A 75 5.96 10.18 -1.00
N THR A 76 4.84 10.85 -1.28
CA THR A 76 3.79 10.28 -2.12
C THR A 76 4.39 9.51 -3.30
N GLU A 77 5.60 9.88 -3.70
CA GLU A 77 6.28 9.24 -4.81
C GLU A 77 6.57 7.77 -4.49
N ASP A 78 7.19 7.54 -3.35
CA ASP A 78 7.53 6.18 -2.92
C ASP A 78 6.35 5.53 -2.19
N VAL A 79 5.64 6.31 -1.40
CA VAL A 79 4.49 5.82 -0.65
C VAL A 79 3.54 5.03 -1.56
N SER A 80 3.31 5.57 -2.76
CA SER A 80 2.42 4.92 -3.72
C SER A 80 2.98 3.57 -4.15
N VAL A 81 4.31 3.49 -4.26
CA VAL A 81 4.97 2.25 -4.66
C VAL A 81 4.91 1.21 -3.55
N ALA A 82 5.15 1.66 -2.32
CA ALA A 82 5.12 0.78 -1.16
C ALA A 82 3.70 0.29 -0.88
N GLN A 83 2.80 1.23 -0.64
CA GLN A 83 1.40 0.88 -0.35
C GLN A 83 0.86 -0.09 -1.38
N GLU A 84 1.30 0.06 -2.62
CA GLU A 84 0.86 -0.81 -3.70
C GLU A 84 1.42 -2.23 -3.53
N GLN A 85 2.72 -2.32 -3.33
CA GLN A 85 3.38 -3.61 -3.16
C GLN A 85 2.70 -4.42 -2.06
N ILE A 86 2.32 -3.74 -0.98
CA ILE A 86 1.65 -4.40 0.13
C ILE A 86 0.25 -4.86 -0.24
N GLU A 87 -0.48 -3.99 -0.93
CA GLU A 87 -1.84 -4.31 -1.36
C GLU A 87 -1.87 -5.62 -2.14
N GLY A 88 -0.78 -5.90 -2.86
CA GLY A 88 -0.71 -7.12 -3.64
C GLY A 88 -0.60 -8.37 -2.77
N MET A 89 0.27 -8.31 -1.77
CA MET A 89 0.46 -9.43 -0.86
C MET A 89 -0.78 -9.65 0.02
N VAL A 90 -1.58 -8.60 0.15
CA VAL A 90 -2.79 -8.66 0.96
C VAL A 90 -3.84 -9.57 0.31
N LYS A 91 -4.30 -9.16 -0.87
CA LYS A 91 -5.30 -9.94 -1.60
C LYS A 91 -4.84 -11.37 -1.80
N ASP A 92 -3.59 -11.53 -2.24
CA ASP A 92 -3.03 -12.85 -2.48
C ASP A 92 -3.07 -13.70 -1.21
N LEU A 93 -2.64 -13.11 -0.10
CA LEU A 93 -2.62 -13.81 1.18
C LEU A 93 -4.02 -14.31 1.54
N ILE A 94 -5.00 -13.42 1.49
CA ILE A 94 -6.38 -13.78 1.80
C ILE A 94 -6.93 -14.80 0.81
N ASN A 95 -6.59 -14.61 -0.46
CA ASN A 95 -7.05 -15.52 -1.51
C ASN A 95 -6.73 -16.96 -1.15
N ARG A 96 -5.51 -17.20 -0.68
CA ARG A 96 -5.09 -18.55 -0.30
C ARG A 96 -6.00 -19.12 0.79
N SER A 97 -6.34 -18.29 1.76
CA SER A 97 -7.22 -18.71 2.85
C SER A 97 -7.95 -17.53 3.46
N GLY A 98 -9.21 -17.75 3.84
CA GLY A 98 -10.00 -16.68 4.42
C GLY A 98 -11.50 -16.93 4.27
N PRO A 99 -12.28 -15.84 4.33
CA PRO A 99 -13.75 -15.92 4.20
C PRO A 99 -14.18 -16.28 2.79
N SER A 100 -15.47 -16.52 2.62
CA SER A 100 -16.02 -16.88 1.31
C SER A 100 -16.68 -15.67 0.65
N SER A 101 -16.43 -15.50 -0.65
CA SER A 101 -16.99 -14.39 -1.40
C SER A 101 -18.51 -14.40 -1.32
N GLY A 102 -19.07 -13.42 -0.62
CA GLY A 102 -20.51 -13.33 -0.49
C GLY A 102 -21.00 -11.90 -0.32
#